data_2MAO
#
_entry.id   2MAO
#
_entity_poly.entity_id   1
_entity_poly.type   'polypeptide(L)'
_entity_poly.pdbx_seq_one_letter_code
;MSEQLTDQVLVERVQKGDQKAFNLLVVRYQHKVASLVSRYVPSGDVPDVVQEAFIKAYRALDSFRGDSAFYTWLYRIAVN
TAKNYLVAQGRRLELVPRGSHHHHHH
;
_entity_poly.pdbx_strand_id   A
#
# COMPACT_ATOMS: atom_id res chain seq x y z
N MET A 1 -19.20 9.13 -19.05
CA MET A 1 -19.61 9.93 -17.87
C MET A 1 -18.54 9.89 -16.79
N SER A 2 -18.60 10.83 -15.85
CA SER A 2 -17.64 10.93 -14.76
C SER A 2 -18.34 11.33 -13.46
N GLU A 3 -17.68 11.07 -12.33
CA GLU A 3 -18.23 11.40 -11.01
C GLU A 3 -17.94 12.85 -10.65
N GLN A 4 -18.69 13.38 -9.69
CA GLN A 4 -18.52 14.75 -9.23
C GLN A 4 -17.50 14.85 -8.10
N LEU A 5 -16.98 13.70 -7.64
CA LEU A 5 -16.03 13.65 -6.55
C LEU A 5 -14.74 13.01 -7.04
N THR A 6 -13.61 13.44 -6.48
CA THR A 6 -12.28 13.02 -6.91
C THR A 6 -11.41 12.79 -5.68
N ASP A 7 -10.21 12.25 -5.87
CA ASP A 7 -9.28 11.96 -4.79
C ASP A 7 -8.99 13.20 -3.94
N GLN A 8 -9.28 14.39 -4.45
CA GLN A 8 -9.09 15.62 -3.72
C GLN A 8 -10.05 15.66 -2.53
N VAL A 9 -11.34 15.44 -2.77
CA VAL A 9 -12.36 15.53 -1.73
C VAL A 9 -12.49 14.19 -0.99
N LEU A 10 -12.12 13.08 -1.65
CA LEU A 10 -12.17 11.77 -1.01
C LEU A 10 -11.08 11.65 0.05
N VAL A 11 -9.95 12.35 -0.11
CA VAL A 11 -8.92 12.33 0.91
C VAL A 11 -9.26 13.31 2.02
N GLU A 12 -9.99 14.38 1.72
CA GLU A 12 -10.43 15.29 2.77
C GLU A 12 -11.50 14.64 3.62
N ARG A 13 -12.38 13.85 3.01
CA ARG A 13 -13.51 13.26 3.71
C ARG A 13 -13.06 12.15 4.67
N VAL A 14 -12.05 11.36 4.31
CA VAL A 14 -11.54 10.33 5.19
C VAL A 14 -10.76 10.93 6.34
N GLN A 15 -10.21 12.14 6.16
CA GLN A 15 -9.53 12.86 7.23
C GLN A 15 -10.55 13.51 8.17
N LYS A 16 -11.80 13.66 7.71
CA LYS A 16 -12.90 14.15 8.53
C LYS A 16 -13.53 13.03 9.36
N GLY A 17 -13.08 11.79 9.16
CA GLY A 17 -13.52 10.65 9.96
C GLY A 17 -14.46 9.71 9.20
N ASP A 18 -14.77 10.00 7.94
CA ASP A 18 -15.62 9.14 7.13
C ASP A 18 -14.77 8.10 6.42
N GLN A 19 -14.47 6.99 7.10
CA GLN A 19 -13.67 5.91 6.55
C GLN A 19 -14.38 5.26 5.35
N LYS A 20 -15.70 5.44 5.26
CA LYS A 20 -16.50 4.94 4.16
C LYS A 20 -16.08 5.56 2.83
N ALA A 21 -15.46 6.74 2.88
CA ALA A 21 -14.98 7.40 1.67
C ALA A 21 -13.63 6.82 1.26
N PHE A 22 -12.92 6.16 2.18
CA PHE A 22 -11.65 5.52 1.85
C PHE A 22 -11.93 4.23 1.09
N ASN A 23 -12.99 3.52 1.46
CA ASN A 23 -13.38 2.30 0.77
C ASN A 23 -13.73 2.61 -0.69
N LEU A 24 -14.44 3.73 -0.91
CA LEU A 24 -14.80 4.17 -2.24
C LEU A 24 -13.60 4.78 -2.97
N LEU A 25 -12.56 5.18 -2.23
CA LEU A 25 -11.36 5.73 -2.81
C LEU A 25 -10.41 4.63 -3.27
N VAL A 26 -10.14 3.62 -2.42
CA VAL A 26 -9.16 2.61 -2.78
C VAL A 26 -9.64 1.76 -3.94
N VAL A 27 -10.95 1.65 -4.18
CA VAL A 27 -11.44 0.81 -5.27
C VAL A 27 -11.12 1.45 -6.63
N ARG A 28 -10.99 2.78 -6.68
CA ARG A 28 -10.61 3.47 -7.90
C ARG A 28 -9.16 3.13 -8.23
N TYR A 29 -8.35 2.92 -7.19
CA TYR A 29 -6.94 2.63 -7.35
C TYR A 29 -6.62 1.16 -7.19
N GLN A 30 -7.59 0.34 -6.77
CA GLN A 30 -7.38 -1.08 -6.53
C GLN A 30 -6.98 -1.80 -7.82
N HIS A 31 -7.41 -1.26 -8.97
CA HIS A 31 -7.01 -1.79 -10.26
C HIS A 31 -5.70 -1.16 -10.71
N LYS A 32 -5.45 0.10 -10.31
CA LYS A 32 -4.25 0.82 -10.74
C LYS A 32 -3.00 0.38 -9.99
N VAL A 33 -3.10 0.15 -8.68
CA VAL A 33 -1.94 -0.23 -7.89
C VAL A 33 -1.68 -1.73 -8.00
N ALA A 34 -2.70 -2.52 -8.28
CA ALA A 34 -2.50 -3.95 -8.47
C ALA A 34 -1.74 -4.21 -9.78
N SER A 35 -1.82 -3.27 -10.72
CA SER A 35 -1.14 -3.40 -11.99
C SER A 35 0.35 -3.13 -11.83
N LEU A 36 0.69 -2.07 -11.08
CA LEU A 36 2.09 -1.70 -10.91
C LEU A 36 2.79 -2.56 -9.86
N VAL A 37 2.04 -3.14 -8.91
CA VAL A 37 2.63 -3.95 -7.86
C VAL A 37 2.78 -5.40 -8.32
N SER A 38 2.06 -5.81 -9.37
CA SER A 38 2.23 -7.14 -9.96
C SER A 38 3.61 -7.25 -10.63
N ARG A 39 4.32 -6.11 -10.73
CA ARG A 39 5.69 -6.08 -11.25
C ARG A 39 6.72 -6.31 -10.15
N TYR A 40 6.28 -6.37 -8.90
CA TYR A 40 7.19 -6.53 -7.76
C TYR A 40 6.87 -7.77 -6.93
N VAL A 41 5.72 -8.40 -7.16
CA VAL A 41 5.35 -9.66 -6.54
C VAL A 41 4.57 -10.51 -7.55
N PRO A 42 4.58 -11.83 -7.42
CA PRO A 42 3.87 -12.75 -8.31
C PRO A 42 2.37 -12.60 -8.13
N SER A 43 1.60 -13.11 -9.09
CA SER A 43 0.15 -12.97 -9.12
C SER A 43 -0.53 -13.71 -7.96
N GLY A 44 0.22 -14.54 -7.22
CA GLY A 44 -0.33 -15.25 -6.07
C GLY A 44 -0.21 -14.43 -4.78
N ASP A 45 0.67 -13.42 -4.77
CA ASP A 45 0.88 -12.58 -3.60
C ASP A 45 0.50 -11.12 -3.89
N VAL A 46 0.11 -10.82 -5.13
CA VAL A 46 -0.23 -9.45 -5.51
C VAL A 46 -1.51 -8.93 -4.82
N PRO A 47 -2.54 -9.75 -4.53
CA PRO A 47 -3.76 -9.21 -3.94
C PRO A 47 -3.58 -8.93 -2.45
N ASP A 48 -2.64 -9.63 -1.80
CA ASP A 48 -2.41 -9.48 -0.37
C ASP A 48 -1.57 -8.24 -0.11
N VAL A 49 -0.71 -7.88 -1.07
CA VAL A 49 0.14 -6.70 -0.94
C VAL A 49 -0.66 -5.44 -1.29
N VAL A 50 -1.69 -5.57 -2.12
CA VAL A 50 -2.55 -4.43 -2.43
C VAL A 50 -3.39 -4.07 -1.21
N GLN A 51 -3.82 -5.06 -0.43
CA GLN A 51 -4.59 -4.78 0.76
C GLN A 51 -3.69 -4.16 1.83
N GLU A 52 -2.46 -4.68 1.99
CA GLU A 52 -1.56 -4.13 2.99
C GLU A 52 -1.16 -2.71 2.60
N ALA A 53 -1.14 -2.41 1.29
CA ALA A 53 -0.82 -1.07 0.83
C ALA A 53 -1.96 -0.11 1.14
N PHE A 54 -3.21 -0.59 1.23
CA PHE A 54 -4.33 0.26 1.58
C PHE A 54 -4.50 0.38 3.09
N ILE A 55 -4.12 -0.66 3.86
CA ILE A 55 -4.15 -0.57 5.31
C ILE A 55 -3.02 0.35 5.77
N LYS A 56 -1.87 0.28 5.08
CA LYS A 56 -0.72 1.11 5.40
C LYS A 56 -0.95 2.54 4.90
N ALA A 57 -1.68 2.70 3.80
CA ALA A 57 -1.94 4.02 3.26
C ALA A 57 -2.88 4.80 4.18
N TYR A 58 -3.96 4.17 4.66
CA TYR A 58 -4.94 4.87 5.48
C TYR A 58 -4.31 5.42 6.75
N ARG A 59 -3.39 4.66 7.35
CA ARG A 59 -2.71 5.05 8.58
C ARG A 59 -1.72 6.17 8.32
N ALA A 60 -1.21 6.26 7.09
CA ALA A 60 -0.31 7.34 6.67
C ALA A 60 -1.08 8.50 6.04
N LEU A 61 -2.35 8.30 5.71
CA LEU A 61 -3.17 9.30 5.04
C LEU A 61 -3.61 10.38 6.02
N ASP A 62 -3.69 10.04 7.31
CA ASP A 62 -4.04 11.00 8.34
C ASP A 62 -2.92 12.01 8.52
N SER A 63 -1.73 11.72 7.97
CA SER A 63 -0.57 12.60 8.05
C SER A 63 -0.19 13.16 6.68
N PHE A 64 -1.02 12.94 5.65
CA PHE A 64 -0.77 13.48 4.33
C PHE A 64 -1.36 14.89 4.21
N ARG A 65 -0.48 15.88 4.08
CA ARG A 65 -0.83 17.29 3.86
C ARG A 65 0.12 17.89 2.83
N GLY A 66 0.62 17.05 1.92
CA GLY A 66 1.64 17.42 0.95
C GLY A 66 1.17 18.42 -0.10
N ASP A 67 -0.12 18.76 -0.11
CA ASP A 67 -0.69 19.70 -1.08
C ASP A 67 -0.34 19.28 -2.52
N SER A 68 -0.21 17.97 -2.73
CA SER A 68 0.16 17.40 -4.02
C SER A 68 -0.84 16.30 -4.38
N ALA A 69 -0.68 15.71 -5.57
CA ALA A 69 -1.62 14.71 -6.05
C ALA A 69 -1.56 13.42 -5.22
N PHE A 70 -2.72 12.79 -5.02
CA PHE A 70 -2.86 11.60 -4.22
C PHE A 70 -2.34 10.35 -4.92
N TYR A 71 -2.40 10.31 -6.26
CA TYR A 71 -2.02 9.10 -6.98
C TYR A 71 -0.52 8.84 -6.90
N THR A 72 0.32 9.89 -6.92
CA THR A 72 1.76 9.70 -6.81
C THR A 72 2.12 9.27 -5.40
N TRP A 73 1.37 9.77 -4.42
CA TRP A 73 1.61 9.47 -3.01
C TRP A 73 1.13 8.06 -2.67
N LEU A 74 0.12 7.55 -3.40
CA LEU A 74 -0.42 6.22 -3.16
C LEU A 74 0.38 5.15 -3.91
N TYR A 75 0.85 5.46 -5.12
CA TYR A 75 1.61 4.49 -5.90
C TYR A 75 2.89 4.11 -5.17
N ARG A 76 3.48 5.03 -4.39
CA ARG A 76 4.69 4.72 -3.66
C ARG A 76 4.42 3.85 -2.44
N ILE A 77 3.19 3.86 -1.90
CA ILE A 77 2.87 2.98 -0.78
C ILE A 77 2.86 1.53 -1.24
N ALA A 78 2.39 1.28 -2.47
CA ALA A 78 2.21 -0.07 -2.96
C ALA A 78 3.53 -0.74 -3.35
N VAL A 79 4.46 0.02 -3.97
CA VAL A 79 5.74 -0.56 -4.39
C VAL A 79 6.68 -0.70 -3.19
N ASN A 80 6.56 0.18 -2.19
CA ASN A 80 7.38 0.08 -1.00
C ASN A 80 6.89 -1.05 -0.11
N THR A 81 5.61 -1.44 -0.23
CA THR A 81 5.08 -2.54 0.55
C THR A 81 5.49 -3.87 -0.08
N ALA A 82 5.64 -3.92 -1.41
CA ALA A 82 6.03 -5.14 -2.09
C ALA A 82 7.51 -5.44 -1.85
N LYS A 83 8.32 -4.40 -1.65
CA LYS A 83 9.75 -4.58 -1.42
C LYS A 83 10.02 -4.96 0.04
N ASN A 84 9.17 -4.54 0.97
CA ASN A 84 9.34 -4.96 2.36
C ASN A 84 8.66 -6.31 2.60
N TYR A 85 7.74 -6.71 1.71
CA TYR A 85 7.04 -7.97 1.83
C TYR A 85 7.95 -9.15 1.48
N LEU A 86 8.76 -9.00 0.43
CA LEU A 86 9.63 -10.07 0.00
C LEU A 86 10.90 -10.14 0.84
N VAL A 87 11.33 -9.03 1.44
CA VAL A 87 12.53 -9.06 2.29
C VAL A 87 12.18 -9.59 3.67
N ALA A 88 10.91 -9.47 4.08
CA ALA A 88 10.50 -9.91 5.40
C ALA A 88 10.31 -11.43 5.45
N GLN A 89 10.25 -12.10 4.29
CA GLN A 89 10.14 -13.54 4.23
C GLN A 89 11.38 -14.16 3.60
N GLY A 90 12.17 -13.37 2.87
CA GLY A 90 13.40 -13.85 2.25
C GLY A 90 14.58 -13.74 3.20
N ARG A 91 14.49 -12.87 4.21
CA ARG A 91 15.57 -12.66 5.18
C ARG A 91 15.20 -13.21 6.56
N ARG A 92 14.10 -13.98 6.63
CA ARG A 92 13.61 -14.57 7.87
C ARG A 92 13.51 -16.09 7.74
N LEU A 93 13.96 -16.64 6.60
CA LEU A 93 13.90 -18.06 6.33
C LEU A 93 15.28 -18.61 5.94
N GLU A 94 16.23 -17.73 5.63
CA GLU A 94 17.57 -18.16 5.25
C GLU A 94 18.40 -18.58 6.46
N LEU A 95 17.81 -18.55 7.66
CA LEU A 95 18.48 -18.97 8.88
C LEU A 95 18.43 -20.48 9.04
N VAL A 96 17.68 -21.17 8.16
CA VAL A 96 17.56 -22.62 8.18
C VAL A 96 18.77 -23.22 7.45
N PRO A 97 19.32 -24.36 7.92
CA PRO A 97 20.43 -25.04 7.29
C PRO A 97 20.16 -25.29 5.80
N ARG A 98 21.23 -25.36 5.00
CA ARG A 98 21.12 -25.50 3.56
C ARG A 98 20.62 -26.89 3.17
N GLY A 99 20.08 -26.99 1.96
CA GLY A 99 19.50 -28.22 1.44
C GLY A 99 17.99 -28.29 1.70
N SER A 100 17.46 -27.34 2.48
CA SER A 100 16.02 -27.24 2.74
C SER A 100 15.68 -25.81 3.13
N HIS A 101 14.55 -25.29 2.61
CA HIS A 101 14.09 -23.93 2.87
C HIS A 101 15.19 -22.89 2.65
N HIS A 102 16.19 -23.21 1.83
CA HIS A 102 17.34 -22.33 1.61
C HIS A 102 17.06 -21.27 0.54
N HIS A 103 15.84 -21.23 0.00
CA HIS A 103 15.45 -20.24 -0.99
C HIS A 103 15.20 -18.89 -0.32
N HIS A 104 15.45 -17.81 -1.05
CA HIS A 104 15.25 -16.45 -0.55
C HIS A 104 14.98 -15.49 -1.70
N HIS A 105 14.47 -14.29 -1.37
CA HIS A 105 14.22 -13.25 -2.35
C HIS A 105 15.34 -12.22 -2.33
N HIS A 106 15.58 -11.58 -3.47
CA HIS A 106 16.66 -10.61 -3.61
C HIS A 106 16.29 -9.54 -4.64
N MET A 1 -19.63 11.45 -17.91
CA MET A 1 -18.67 12.36 -17.25
C MET A 1 -18.21 11.79 -15.92
N SER A 2 -17.15 12.38 -15.34
CA SER A 2 -16.61 11.96 -14.05
C SER A 2 -17.57 12.31 -12.91
N GLU A 3 -17.28 11.78 -11.72
CA GLU A 3 -18.09 12.03 -10.53
C GLU A 3 -17.92 13.47 -10.06
N GLN A 4 -18.85 13.94 -9.21
CA GLN A 4 -18.81 15.29 -8.67
C GLN A 4 -17.79 15.43 -7.54
N LEU A 5 -17.10 14.34 -7.21
CA LEU A 5 -16.07 14.31 -6.18
C LEU A 5 -14.81 13.66 -6.75
N THR A 6 -13.66 14.00 -6.17
CA THR A 6 -12.35 13.54 -6.64
C THR A 6 -11.48 13.20 -5.43
N ASP A 7 -10.29 12.64 -5.67
CA ASP A 7 -9.36 12.24 -4.62
C ASP A 7 -9.03 13.41 -3.68
N GLN A 8 -9.30 14.64 -4.11
CA GLN A 8 -9.06 15.81 -3.28
C GLN A 8 -10.03 15.81 -2.09
N VAL A 9 -11.32 15.65 -2.36
CA VAL A 9 -12.36 15.70 -1.34
C VAL A 9 -12.53 14.34 -0.69
N LEU A 10 -12.21 13.26 -1.40
CA LEU A 10 -12.28 11.91 -0.84
C LEU A 10 -11.22 11.73 0.22
N VAL A 11 -10.08 12.43 0.13
CA VAL A 11 -9.04 12.32 1.15
C VAL A 11 -9.38 13.23 2.33
N GLU A 12 -10.09 14.34 2.09
CA GLU A 12 -10.51 15.21 3.19
C GLU A 12 -11.63 14.54 3.99
N ARG A 13 -12.51 13.80 3.31
CA ARG A 13 -13.66 13.18 3.96
C ARG A 13 -13.22 12.04 4.88
N VAL A 14 -12.20 11.26 4.50
CA VAL A 14 -11.71 10.18 5.34
C VAL A 14 -10.92 10.73 6.52
N GLN A 15 -10.37 11.94 6.40
CA GLN A 15 -9.70 12.61 7.51
C GLN A 15 -10.73 13.21 8.47
N LYS A 16 -11.98 13.35 8.03
CA LYS A 16 -13.07 13.86 8.85
C LYS A 16 -13.82 12.75 9.57
N GLY A 17 -13.35 11.50 9.43
CA GLY A 17 -13.89 10.37 10.19
C GLY A 17 -14.82 9.49 9.36
N ASP A 18 -15.01 9.82 8.07
CA ASP A 18 -15.87 9.05 7.19
C ASP A 18 -15.03 8.05 6.41
N GLN A 19 -14.75 6.90 7.04
CA GLN A 19 -13.95 5.84 6.43
C GLN A 19 -14.66 5.23 5.23
N LYS A 20 -15.97 5.43 5.12
CA LYS A 20 -16.75 4.95 3.99
C LYS A 20 -16.26 5.56 2.68
N ALA A 21 -15.63 6.74 2.75
CA ALA A 21 -15.09 7.39 1.57
C ALA A 21 -13.74 6.81 1.19
N PHE A 22 -13.06 6.13 2.12
CA PHE A 22 -11.80 5.50 1.81
C PHE A 22 -12.04 4.22 1.02
N ASN A 23 -13.12 3.50 1.35
CA ASN A 23 -13.49 2.29 0.64
C ASN A 23 -13.81 2.62 -0.82
N LEU A 24 -14.50 3.75 -1.03
CA LEU A 24 -14.84 4.21 -2.37
C LEU A 24 -13.62 4.83 -3.06
N LEU A 25 -12.61 5.22 -2.29
CA LEU A 25 -11.38 5.79 -2.85
C LEU A 25 -10.42 4.69 -3.29
N VAL A 26 -10.19 3.68 -2.46
CA VAL A 26 -9.21 2.66 -2.80
C VAL A 26 -9.67 1.82 -3.98
N VAL A 27 -10.98 1.70 -4.23
CA VAL A 27 -11.44 0.88 -5.33
C VAL A 27 -11.11 1.52 -6.68
N ARG A 28 -10.99 2.86 -6.73
CA ARG A 28 -10.58 3.54 -7.95
C ARG A 28 -9.12 3.20 -8.26
N TYR A 29 -8.34 2.98 -7.21
CA TYR A 29 -6.92 2.68 -7.34
C TYR A 29 -6.60 1.20 -7.18
N GLN A 30 -7.58 0.39 -6.78
CA GLN A 30 -7.37 -1.03 -6.54
C GLN A 30 -6.94 -1.73 -7.82
N HIS A 31 -7.38 -1.22 -8.97
CA HIS A 31 -6.96 -1.74 -10.26
C HIS A 31 -5.65 -1.11 -10.72
N LYS A 32 -5.40 0.15 -10.33
CA LYS A 32 -4.20 0.87 -10.74
C LYS A 32 -2.97 0.39 -9.97
N VAL A 33 -3.08 0.17 -8.66
CA VAL A 33 -1.92 -0.23 -7.86
C VAL A 33 -1.65 -1.71 -8.01
N ALA A 34 -2.67 -2.52 -8.33
CA ALA A 34 -2.47 -3.93 -8.56
C ALA A 34 -1.70 -4.16 -9.87
N SER A 35 -1.75 -3.18 -10.78
CA SER A 35 -1.05 -3.27 -12.05
C SER A 35 0.43 -3.01 -11.86
N LEU A 36 0.76 -2.01 -11.05
CA LEU A 36 2.16 -1.65 -10.82
C LEU A 36 2.82 -2.51 -9.76
N VAL A 37 2.05 -3.09 -8.84
CA VAL A 37 2.63 -3.90 -7.77
C VAL A 37 2.76 -5.37 -8.19
N SER A 38 2.03 -5.80 -9.21
CA SER A 38 2.19 -7.14 -9.77
C SER A 38 3.56 -7.25 -10.45
N ARG A 39 4.25 -6.11 -10.60
CA ARG A 39 5.57 -6.04 -11.19
C ARG A 39 6.67 -6.17 -10.12
N TYR A 40 6.28 -6.25 -8.85
CA TYR A 40 7.22 -6.37 -7.74
C TYR A 40 6.96 -7.62 -6.90
N VAL A 41 5.80 -8.26 -7.08
CA VAL A 41 5.48 -9.54 -6.43
C VAL A 41 4.66 -10.39 -7.40
N PRO A 42 4.70 -11.73 -7.25
CA PRO A 42 3.99 -12.65 -8.12
C PRO A 42 2.49 -12.53 -7.94
N SER A 43 1.73 -13.07 -8.90
CA SER A 43 0.27 -12.97 -8.91
C SER A 43 -0.38 -13.71 -7.74
N GLY A 44 0.39 -14.51 -7.00
CA GLY A 44 -0.12 -15.21 -5.83
C GLY A 44 0.01 -14.38 -4.55
N ASP A 45 0.85 -13.33 -4.58
CA ASP A 45 1.08 -12.47 -3.44
C ASP A 45 0.63 -11.03 -3.72
N VAL A 46 0.23 -10.73 -4.95
CA VAL A 46 -0.17 -9.39 -5.33
C VAL A 46 -1.46 -8.91 -4.63
N PRO A 47 -2.46 -9.76 -4.32
CA PRO A 47 -3.69 -9.25 -3.75
C PRO A 47 -3.52 -8.91 -2.26
N ASP A 48 -2.55 -9.55 -1.59
CA ASP A 48 -2.34 -9.30 -0.18
C ASP A 48 -1.49 -8.05 0.01
N VAL A 49 -0.63 -7.72 -0.95
CA VAL A 49 0.20 -6.53 -0.89
C VAL A 49 -0.63 -5.30 -1.28
N VAL A 50 -1.68 -5.47 -2.09
CA VAL A 50 -2.58 -4.38 -2.41
C VAL A 50 -3.44 -4.05 -1.18
N GLN A 51 -3.80 -5.06 -0.40
CA GLN A 51 -4.58 -4.83 0.81
C GLN A 51 -3.69 -4.19 1.88
N GLU A 52 -2.46 -4.68 2.05
CA GLU A 52 -1.57 -4.10 3.05
C GLU A 52 -1.18 -2.68 2.63
N ALA A 53 -1.19 -2.37 1.33
CA ALA A 53 -0.88 -1.04 0.85
C ALA A 53 -2.02 -0.08 1.16
N PHE A 54 -3.27 -0.57 1.23
CA PHE A 54 -4.40 0.28 1.57
C PHE A 54 -4.57 0.39 3.09
N ILE A 55 -4.16 -0.63 3.84
CA ILE A 55 -4.19 -0.54 5.29
C ILE A 55 -3.08 0.40 5.76
N LYS A 56 -1.92 0.34 5.09
CA LYS A 56 -0.78 1.18 5.41
C LYS A 56 -1.01 2.60 4.90
N ALA A 57 -1.73 2.76 3.79
CA ALA A 57 -1.99 4.07 3.25
C ALA A 57 -2.91 4.85 4.18
N TYR A 58 -3.97 4.24 4.69
CA TYR A 58 -4.94 4.95 5.53
C TYR A 58 -4.27 5.49 6.79
N ARG A 59 -3.34 4.74 7.35
CA ARG A 59 -2.63 5.12 8.57
C ARG A 59 -1.63 6.26 8.29
N ALA A 60 -1.17 6.35 7.04
CA ALA A 60 -0.29 7.42 6.60
C ALA A 60 -1.07 8.56 5.96
N LEU A 61 -2.36 8.35 5.69
CA LEU A 61 -3.21 9.33 5.03
C LEU A 61 -3.60 10.44 6.02
N ASP A 62 -3.56 10.12 7.31
CA ASP A 62 -3.77 11.13 8.35
C ASP A 62 -2.62 12.13 8.37
N SER A 63 -1.54 11.83 7.65
CA SER A 63 -0.37 12.69 7.56
C SER A 63 -0.23 13.30 6.16
N PHE A 64 -1.18 13.04 5.26
CA PHE A 64 -1.20 13.63 3.94
C PHE A 64 -1.60 15.10 4.03
N ARG A 65 -0.97 15.96 3.23
CA ARG A 65 -1.20 17.40 3.29
C ARG A 65 -1.33 18.03 1.89
N GLY A 66 -1.38 17.21 0.85
CA GLY A 66 -1.59 17.70 -0.51
C GLY A 66 -0.33 18.33 -1.14
N ASP A 67 0.85 18.11 -0.54
CA ASP A 67 2.09 18.64 -1.10
C ASP A 67 2.47 17.90 -2.38
N SER A 68 1.74 16.84 -2.72
CA SER A 68 1.92 16.07 -3.96
C SER A 68 0.58 15.48 -4.35
N ALA A 69 0.46 15.01 -5.60
CA ALA A 69 -0.77 14.43 -6.08
C ALA A 69 -1.06 13.12 -5.34
N PHE A 70 -2.34 12.82 -5.11
CA PHE A 70 -2.70 11.65 -4.32
C PHE A 70 -2.34 10.36 -5.03
N TYR A 71 -2.41 10.33 -6.36
CA TYR A 71 -2.09 9.10 -7.08
C TYR A 71 -0.61 8.79 -6.99
N THR A 72 0.25 9.82 -7.05
CA THR A 72 1.68 9.60 -6.95
C THR A 72 2.02 9.18 -5.52
N TRP A 73 1.34 9.78 -4.54
CA TRP A 73 1.58 9.48 -3.14
C TRP A 73 1.12 8.05 -2.80
N LEU A 74 0.08 7.57 -3.48
CA LEU A 74 -0.48 6.24 -3.21
C LEU A 74 0.30 5.16 -3.93
N TYR A 75 0.81 5.43 -5.14
CA TYR A 75 1.61 4.45 -5.86
C TYR A 75 2.89 4.13 -5.09
N ARG A 76 3.36 5.07 -4.26
CA ARG A 76 4.57 4.88 -3.46
C ARG A 76 4.31 3.94 -2.29
N ILE A 77 3.06 3.87 -1.82
CA ILE A 77 2.75 2.98 -0.71
C ILE A 77 2.78 1.52 -1.18
N ALA A 78 2.35 1.27 -2.41
CA ALA A 78 2.24 -0.09 -2.91
C ALA A 78 3.59 -0.68 -3.31
N VAL A 79 4.49 0.13 -3.87
CA VAL A 79 5.80 -0.37 -4.29
C VAL A 79 6.74 -0.53 -3.10
N ASN A 80 6.58 0.29 -2.05
CA ASN A 80 7.41 0.17 -0.86
C ASN A 80 6.95 -1.01 -0.01
N THR A 81 5.68 -1.41 -0.13
CA THR A 81 5.15 -2.54 0.61
C THR A 81 5.53 -3.86 -0.08
N ALA A 82 5.71 -3.83 -1.40
CA ALA A 82 6.07 -5.03 -2.14
C ALA A 82 7.55 -5.37 -1.96
N LYS A 83 8.40 -4.35 -1.81
CA LYS A 83 9.82 -4.57 -1.57
C LYS A 83 10.04 -4.97 -0.13
N ASN A 84 9.14 -4.54 0.77
CA ASN A 84 9.18 -4.95 2.16
C ASN A 84 8.61 -6.36 2.32
N TYR A 85 7.77 -6.80 1.38
CA TYR A 85 7.13 -8.11 1.44
C TYR A 85 8.11 -9.21 1.03
N LEU A 86 8.99 -8.92 0.06
CA LEU A 86 9.96 -9.91 -0.39
C LEU A 86 11.09 -10.08 0.60
N VAL A 87 11.47 -9.04 1.34
CA VAL A 87 12.52 -9.18 2.35
C VAL A 87 11.96 -9.85 3.60
N ALA A 88 10.64 -9.78 3.80
CA ALA A 88 10.00 -10.46 4.92
C ALA A 88 10.16 -11.98 4.77
N GLN A 89 10.36 -12.45 3.54
CA GLN A 89 10.62 -13.86 3.27
C GLN A 89 12.11 -14.12 3.19
N GLY A 90 12.88 -13.10 2.81
CA GLY A 90 14.33 -13.20 2.71
C GLY A 90 15.00 -13.24 4.10
N ARG A 91 14.21 -13.06 5.17
CA ARG A 91 14.71 -13.14 6.53
C ARG A 91 13.93 -14.16 7.37
N ARG A 92 13.09 -14.99 6.72
CA ARG A 92 12.25 -15.96 7.42
C ARG A 92 12.23 -17.31 6.70
N LEU A 93 12.54 -17.32 5.40
CA LEU A 93 12.51 -18.53 4.58
C LEU A 93 13.83 -18.72 3.83
N GLU A 94 14.84 -17.91 4.16
CA GLU A 94 16.14 -17.97 3.50
C GLU A 94 17.01 -19.07 4.09
N LEU A 95 16.68 -19.52 5.30
CA LEU A 95 17.33 -20.63 6.00
C LEU A 95 18.85 -20.50 6.13
N VAL A 96 19.40 -19.29 5.98
CA VAL A 96 20.84 -19.07 6.14
C VAL A 96 21.20 -18.94 7.61
N PRO A 97 22.44 -19.32 7.99
CA PRO A 97 22.94 -19.24 9.35
C PRO A 97 23.24 -17.79 9.74
N ARG A 98 23.46 -17.56 11.03
CA ARG A 98 23.76 -16.24 11.57
C ARG A 98 24.94 -16.32 12.54
N GLY A 99 25.55 -15.18 12.83
CA GLY A 99 26.71 -15.10 13.71
C GLY A 99 28.02 -15.45 12.98
N SER A 100 27.93 -15.74 11.69
CA SER A 100 29.09 -16.05 10.86
C SER A 100 29.48 -14.85 9.99
N HIS A 101 28.77 -13.74 10.14
CA HIS A 101 29.01 -12.52 9.39
C HIS A 101 30.07 -11.65 10.07
N HIS A 102 30.64 -10.70 9.31
CA HIS A 102 31.66 -9.81 9.82
C HIS A 102 31.51 -8.40 9.25
N HIS A 103 30.37 -8.13 8.61
CA HIS A 103 30.08 -6.84 7.97
C HIS A 103 31.15 -6.43 6.96
N HIS A 104 31.92 -7.41 6.46
CA HIS A 104 32.99 -7.16 5.49
C HIS A 104 33.13 -8.35 4.55
N HIS A 105 33.65 -8.10 3.34
CA HIS A 105 33.84 -9.13 2.33
C HIS A 105 35.00 -8.76 1.41
N HIS A 106 35.56 -9.76 0.72
CA HIS A 106 36.69 -9.56 -0.19
C HIS A 106 36.62 -10.52 -1.37
N MET A 1 -24.36 21.25 -10.32
CA MET A 1 -23.08 20.81 -10.91
C MET A 1 -23.08 19.30 -11.12
N SER A 2 -22.15 18.82 -11.95
CA SER A 2 -22.04 17.40 -12.27
C SER A 2 -20.57 16.98 -12.37
N GLU A 3 -19.67 17.70 -11.70
CA GLU A 3 -18.25 17.41 -11.73
C GLU A 3 -17.90 16.23 -10.80
N GLN A 4 -18.87 15.79 -9.99
CA GLN A 4 -18.72 14.68 -9.04
C GLN A 4 -17.55 14.89 -8.08
N LEU A 5 -17.26 13.86 -7.28
CA LEU A 5 -16.19 13.90 -6.29
C LEU A 5 -14.91 13.31 -6.87
N THR A 6 -13.77 13.70 -6.29
CA THR A 6 -12.45 13.28 -6.74
C THR A 6 -11.56 13.00 -5.54
N ASP A 7 -10.35 12.48 -5.76
CA ASP A 7 -9.41 12.16 -4.68
C ASP A 7 -9.12 13.37 -3.79
N GLN A 8 -9.43 14.57 -4.27
CA GLN A 8 -9.24 15.78 -3.49
C GLN A 8 -10.20 15.79 -2.28
N VAL A 9 -11.48 15.59 -2.54
CA VAL A 9 -12.51 15.64 -1.51
C VAL A 9 -12.63 14.30 -0.81
N LEU A 10 -12.28 13.20 -1.48
CA LEU A 10 -12.32 11.88 -0.89
C LEU A 10 -11.24 11.74 0.19
N VAL A 11 -10.11 12.45 0.06
CA VAL A 11 -9.08 12.40 1.09
C VAL A 11 -9.44 13.35 2.24
N GLU A 12 -10.18 14.43 1.95
CA GLU A 12 -10.62 15.31 3.01
C GLU A 12 -11.71 14.63 3.85
N ARG A 13 -12.59 13.87 3.19
CA ARG A 13 -13.72 13.25 3.88
C ARG A 13 -13.26 12.13 4.81
N VAL A 14 -12.23 11.37 4.44
CA VAL A 14 -11.72 10.32 5.30
C VAL A 14 -10.95 10.90 6.48
N GLN A 15 -10.42 12.12 6.35
CA GLN A 15 -9.75 12.82 7.44
C GLN A 15 -10.78 13.44 8.38
N LYS A 16 -12.04 13.54 7.93
CA LYS A 16 -13.14 14.07 8.72
C LYS A 16 -13.90 12.97 9.46
N GLY A 17 -13.44 11.72 9.35
CA GLY A 17 -13.97 10.61 10.13
C GLY A 17 -14.87 9.68 9.32
N ASP A 18 -15.05 9.95 8.03
CA ASP A 18 -15.87 9.11 7.16
C ASP A 18 -14.99 8.07 6.47
N GLN A 19 -14.73 6.95 7.15
CA GLN A 19 -13.92 5.88 6.62
C GLN A 19 -14.60 5.24 5.41
N LYS A 20 -15.92 5.42 5.28
CA LYS A 20 -16.69 4.92 4.15
C LYS A 20 -16.20 5.53 2.84
N ALA A 21 -15.59 6.71 2.90
CA ALA A 21 -15.08 7.36 1.70
C ALA A 21 -13.71 6.80 1.32
N PHE A 22 -13.02 6.14 2.25
CA PHE A 22 -11.74 5.54 1.94
C PHE A 22 -11.98 4.23 1.19
N ASN A 23 -13.03 3.50 1.56
CA ASN A 23 -13.38 2.25 0.90
C ASN A 23 -13.71 2.53 -0.56
N LEU A 24 -14.44 3.61 -0.82
CA LEU A 24 -14.79 4.02 -2.16
C LEU A 24 -13.61 4.66 -2.89
N LEU A 25 -12.60 5.12 -2.15
CA LEU A 25 -11.41 5.71 -2.73
C LEU A 25 -10.44 4.62 -3.18
N VAL A 26 -10.22 3.58 -2.38
CA VAL A 26 -9.23 2.57 -2.74
C VAL A 26 -9.69 1.75 -3.93
N VAL A 27 -11.01 1.59 -4.17
CA VAL A 27 -11.45 0.79 -5.31
C VAL A 27 -11.08 1.47 -6.63
N ARG A 28 -10.93 2.79 -6.64
CA ARG A 28 -10.53 3.50 -7.84
C ARG A 28 -9.08 3.19 -8.17
N TYR A 29 -8.28 2.98 -7.12
CA TYR A 29 -6.86 2.70 -7.25
C TYR A 29 -6.55 1.22 -7.12
N GLN A 30 -7.52 0.40 -6.73
CA GLN A 30 -7.33 -1.03 -6.51
C GLN A 30 -6.89 -1.72 -7.79
N HIS A 31 -7.31 -1.18 -8.95
CA HIS A 31 -6.88 -1.71 -10.24
C HIS A 31 -5.58 -1.04 -10.67
N LYS A 32 -5.36 0.21 -10.26
CA LYS A 32 -4.17 0.96 -10.65
C LYS A 32 -2.92 0.51 -9.91
N VAL A 33 -3.03 0.25 -8.59
CA VAL A 33 -1.87 -0.14 -7.81
C VAL A 33 -1.59 -1.64 -7.95
N ALA A 34 -2.60 -2.43 -8.28
CA ALA A 34 -2.40 -3.84 -8.51
C ALA A 34 -1.60 -4.05 -9.81
N SER A 35 -1.68 -3.10 -10.73
CA SER A 35 -0.98 -3.20 -12.00
C SER A 35 0.50 -2.89 -11.82
N LEU A 36 0.81 -1.80 -11.10
CA LEU A 36 2.18 -1.38 -10.89
C LEU A 36 2.91 -2.29 -9.92
N VAL A 37 2.18 -2.96 -9.02
CA VAL A 37 2.81 -3.83 -8.03
C VAL A 37 2.99 -5.26 -8.55
N SER A 38 2.25 -5.67 -9.58
CA SER A 38 2.35 -7.01 -10.14
C SER A 38 3.70 -7.26 -10.79
N ARG A 39 4.53 -6.22 -10.97
CA ARG A 39 5.89 -6.39 -11.47
C ARG A 39 6.90 -6.48 -10.33
N TYR A 40 6.45 -6.32 -9.08
CA TYR A 40 7.31 -6.40 -7.91
C TYR A 40 6.99 -7.66 -7.08
N VAL A 41 5.79 -8.24 -7.26
CA VAL A 41 5.41 -9.50 -6.64
C VAL A 41 4.56 -10.31 -7.63
N PRO A 42 4.58 -11.65 -7.53
CA PRO A 42 3.83 -12.53 -8.40
C PRO A 42 2.33 -12.42 -8.17
N SER A 43 1.55 -12.98 -9.09
CA SER A 43 0.09 -12.89 -9.05
C SER A 43 -0.51 -13.62 -7.85
N GLY A 44 0.29 -14.42 -7.14
CA GLY A 44 -0.16 -15.15 -5.96
C GLY A 44 -0.01 -14.34 -4.68
N ASP A 45 0.84 -13.30 -4.69
CA ASP A 45 1.11 -12.49 -3.51
C ASP A 45 0.68 -11.04 -3.69
N VAL A 46 0.23 -10.67 -4.90
CA VAL A 46 -0.18 -9.30 -5.18
C VAL A 46 -1.45 -8.88 -4.42
N PRO A 47 -2.46 -9.73 -4.20
CA PRO A 47 -3.70 -9.26 -3.62
C PRO A 47 -3.54 -8.95 -2.14
N ASP A 48 -2.56 -9.57 -1.47
CA ASP A 48 -2.32 -9.34 -0.07
C ASP A 48 -1.47 -8.08 0.10
N VAL A 49 -0.62 -7.78 -0.88
CA VAL A 49 0.23 -6.60 -0.85
C VAL A 49 -0.58 -5.36 -1.20
N VAL A 50 -1.62 -5.51 -2.04
CA VAL A 50 -2.51 -4.40 -2.35
C VAL A 50 -3.38 -4.08 -1.14
N GLN A 51 -3.76 -5.09 -0.36
CA GLN A 51 -4.54 -4.87 0.83
C GLN A 51 -3.68 -4.23 1.91
N GLU A 52 -2.44 -4.70 2.09
CA GLU A 52 -1.57 -4.09 3.08
C GLU A 52 -1.24 -2.66 2.68
N ALA A 53 -1.19 -2.38 1.38
CA ALA A 53 -0.90 -1.04 0.91
C ALA A 53 -2.05 -0.08 1.21
N PHE A 54 -3.29 -0.59 1.28
CA PHE A 54 -4.43 0.26 1.60
C PHE A 54 -4.61 0.39 3.12
N ILE A 55 -4.20 -0.62 3.89
CA ILE A 55 -4.25 -0.53 5.34
C ILE A 55 -3.14 0.42 5.81
N LYS A 56 -1.99 0.37 5.14
CA LYS A 56 -0.85 1.21 5.45
C LYS A 56 -1.04 2.62 4.93
N ALA A 57 -1.75 2.77 3.82
CA ALA A 57 -2.01 4.09 3.26
C ALA A 57 -2.95 4.88 4.17
N TYR A 58 -4.00 4.24 4.69
CA TYR A 58 -4.97 4.95 5.52
C TYR A 58 -4.32 5.50 6.79
N ARG A 59 -3.40 4.74 7.37
CA ARG A 59 -2.71 5.13 8.59
C ARG A 59 -1.72 6.26 8.31
N ALA A 60 -1.23 6.36 7.07
CA ALA A 60 -0.34 7.43 6.64
C ALA A 60 -1.12 8.58 5.99
N LEU A 61 -2.41 8.37 5.69
CA LEU A 61 -3.23 9.36 5.03
C LEU A 61 -3.62 10.47 6.00
N ASP A 62 -3.61 10.16 7.30
CA ASP A 62 -3.83 11.16 8.34
C ASP A 62 -2.64 12.13 8.40
N SER A 63 -1.55 11.81 7.68
CA SER A 63 -0.35 12.63 7.64
C SER A 63 -0.16 13.27 6.26
N PHE A 64 -1.09 13.03 5.33
CA PHE A 64 -1.06 13.62 4.00
C PHE A 64 -1.47 15.09 4.09
N ARG A 65 -0.90 15.94 3.24
CA ARG A 65 -1.15 17.38 3.28
C ARG A 65 -1.40 17.98 1.90
N GLY A 66 -1.47 17.14 0.85
CA GLY A 66 -1.71 17.63 -0.50
C GLY A 66 -0.48 18.31 -1.11
N ASP A 67 0.70 18.11 -0.50
CA ASP A 67 1.94 18.68 -1.01
C ASP A 67 2.35 18.03 -2.35
N SER A 68 1.68 16.94 -2.71
CA SER A 68 1.87 16.22 -3.96
C SER A 68 0.53 15.60 -4.39
N ALA A 69 0.47 15.08 -5.61
CA ALA A 69 -0.75 14.46 -6.11
C ALA A 69 -1.03 13.18 -5.34
N PHE A 70 -2.32 12.86 -5.10
CA PHE A 70 -2.67 11.70 -4.30
C PHE A 70 -2.28 10.41 -4.99
N TYR A 71 -2.37 10.34 -6.32
CA TYR A 71 -2.06 9.11 -7.03
C TYR A 71 -0.57 8.80 -6.94
N THR A 72 0.29 9.83 -7.00
CA THR A 72 1.73 9.60 -6.90
C THR A 72 2.07 9.15 -5.48
N TRP A 73 1.42 9.76 -4.49
CA TRP A 73 1.68 9.46 -3.09
C TRP A 73 1.22 8.05 -2.76
N LEU A 74 0.15 7.57 -3.40
CA LEU A 74 -0.41 6.25 -3.13
C LEU A 74 0.37 5.16 -3.87
N TYR A 75 0.88 5.45 -5.06
CA TYR A 75 1.65 4.46 -5.82
C TYR A 75 2.93 4.09 -5.07
N ARG A 76 3.45 5.02 -4.25
CA ARG A 76 4.66 4.77 -3.47
C ARG A 76 4.38 3.86 -2.28
N ILE A 77 3.14 3.82 -1.79
CA ILE A 77 2.81 2.94 -0.68
C ILE A 77 2.83 1.49 -1.14
N ALA A 78 2.33 1.23 -2.36
CA ALA A 78 2.18 -0.14 -2.84
C ALA A 78 3.50 -0.76 -3.27
N VAL A 79 4.40 0.01 -3.88
CA VAL A 79 5.66 -0.55 -4.36
C VAL A 79 6.66 -0.72 -3.22
N ASN A 80 6.60 0.14 -2.20
CA ASN A 80 7.51 0.01 -1.06
C ASN A 80 7.06 -1.13 -0.16
N THR A 81 5.76 -1.49 -0.20
CA THR A 81 5.25 -2.60 0.58
C THR A 81 5.61 -3.92 -0.10
N ALA A 82 5.74 -3.93 -1.42
CA ALA A 82 6.10 -5.13 -2.16
C ALA A 82 7.57 -5.48 -1.97
N LYS A 83 8.42 -4.47 -1.79
CA LYS A 83 9.84 -4.69 -1.54
C LYS A 83 10.07 -5.15 -0.10
N ASN A 84 9.19 -4.71 0.82
CA ASN A 84 9.26 -5.13 2.20
C ASN A 84 8.55 -6.47 2.39
N TYR A 85 7.72 -6.88 1.43
CA TYR A 85 7.05 -8.18 1.49
C TYR A 85 8.02 -9.29 1.09
N LEU A 86 8.89 -9.02 0.13
CA LEU A 86 9.84 -10.03 -0.33
C LEU A 86 11.06 -10.12 0.59
N VAL A 87 11.31 -9.11 1.43
CA VAL A 87 12.40 -9.19 2.39
C VAL A 87 11.90 -9.88 3.67
N ALA A 88 10.60 -9.82 3.93
CA ALA A 88 10.03 -10.42 5.12
C ALA A 88 9.98 -11.95 5.00
N GLN A 89 9.89 -12.45 3.76
CA GLN A 89 9.94 -13.88 3.47
C GLN A 89 11.31 -14.27 2.93
N GLY A 90 12.14 -13.28 2.58
CA GLY A 90 13.49 -13.51 2.10
C GLY A 90 14.51 -13.56 3.24
N ARG A 91 14.09 -13.22 4.46
CA ARG A 91 14.95 -13.25 5.64
C ARG A 91 14.29 -14.06 6.74
N ARG A 92 15.12 -14.52 7.69
CA ARG A 92 14.70 -15.27 8.86
C ARG A 92 15.48 -14.75 10.06
N LEU A 93 14.92 -14.91 11.27
CA LEU A 93 15.48 -14.35 12.49
C LEU A 93 15.74 -12.85 12.31
N GLU A 94 14.89 -12.20 11.52
CA GLU A 94 15.04 -10.83 11.09
C GLU A 94 13.67 -10.14 11.12
N LEU A 95 13.65 -8.83 10.90
CA LEU A 95 12.44 -8.01 10.99
C LEU A 95 11.87 -8.04 12.41
N VAL A 96 12.77 -8.23 13.39
CA VAL A 96 12.44 -8.27 14.80
C VAL A 96 13.34 -7.27 15.54
N PRO A 97 12.92 -6.77 16.71
CA PRO A 97 13.70 -5.83 17.50
C PRO A 97 15.01 -6.47 17.97
N ARG A 98 15.98 -5.63 18.31
CA ARG A 98 17.31 -6.06 18.77
C ARG A 98 17.57 -5.51 20.16
N GLY A 99 18.56 -6.09 20.86
CA GLY A 99 18.94 -5.66 22.20
C GLY A 99 17.93 -6.09 23.26
N SER A 100 16.95 -6.93 22.88
CA SER A 100 15.90 -7.40 23.78
C SER A 100 15.98 -8.92 23.96
N HIS A 101 17.10 -9.53 23.58
CA HIS A 101 17.29 -10.97 23.66
C HIS A 101 18.43 -11.30 24.63
N HIS A 102 18.48 -12.56 25.08
CA HIS A 102 19.49 -13.02 26.03
C HIS A 102 20.12 -14.33 25.57
N HIS A 103 19.74 -14.83 24.40
CA HIS A 103 20.27 -16.05 23.82
C HIS A 103 20.19 -15.98 22.30
N HIS A 104 20.88 -16.90 21.61
CA HIS A 104 20.97 -16.92 20.15
C HIS A 104 21.49 -15.60 19.60
N HIS A 105 21.38 -15.40 18.29
CA HIS A 105 21.80 -14.18 17.62
C HIS A 105 20.78 -13.77 16.55
N HIS A 106 20.74 -12.47 16.24
CA HIS A 106 19.79 -11.91 15.30
C HIS A 106 20.45 -10.81 14.47
N MET A 1 -21.16 6.25 -11.00
CA MET A 1 -21.40 7.40 -10.10
C MET A 1 -20.10 7.78 -9.38
N SER A 2 -19.89 9.08 -9.17
CA SER A 2 -18.70 9.58 -8.47
C SER A 2 -19.05 10.77 -7.58
N GLU A 3 -20.35 11.05 -7.41
CA GLU A 3 -20.85 12.16 -6.59
C GLU A 3 -20.28 13.53 -6.99
N GLN A 4 -19.64 13.64 -8.16
CA GLN A 4 -18.92 14.83 -8.58
C GLN A 4 -17.77 15.16 -7.61
N LEU A 5 -17.26 14.12 -6.95
CA LEU A 5 -16.15 14.23 -6.01
C LEU A 5 -14.90 13.57 -6.60
N THR A 6 -13.73 13.94 -6.07
CA THR A 6 -12.44 13.49 -6.56
C THR A 6 -11.51 13.18 -5.39
N ASP A 7 -10.33 12.63 -5.65
CA ASP A 7 -9.38 12.25 -4.62
C ASP A 7 -9.01 13.43 -3.71
N GLN A 8 -9.29 14.66 -4.16
CA GLN A 8 -9.04 15.85 -3.34
C GLN A 8 -9.97 15.86 -2.13
N VAL A 9 -11.27 15.72 -2.39
CA VAL A 9 -12.29 15.78 -1.35
C VAL A 9 -12.49 14.42 -0.69
N LEU A 10 -12.19 13.33 -1.40
CA LEU A 10 -12.29 11.99 -0.83
C LEU A 10 -11.21 11.79 0.24
N VAL A 11 -10.07 12.47 0.11
CA VAL A 11 -9.03 12.37 1.14
C VAL A 11 -9.38 13.28 2.31
N GLU A 12 -10.08 14.39 2.05
CA GLU A 12 -10.54 15.24 3.13
C GLU A 12 -11.67 14.56 3.90
N ARG A 13 -12.52 13.80 3.21
CA ARG A 13 -13.67 13.16 3.81
C ARG A 13 -13.27 12.05 4.77
N VAL A 14 -12.25 11.28 4.41
CA VAL A 14 -11.75 10.20 5.29
C VAL A 14 -11.00 10.78 6.47
N GLN A 15 -10.45 11.99 6.34
CA GLN A 15 -9.79 12.67 7.45
C GLN A 15 -10.83 13.28 8.40
N LYS A 16 -12.06 13.50 7.91
CA LYS A 16 -13.16 13.96 8.72
C LYS A 16 -13.82 12.83 9.50
N GLY A 17 -13.39 11.58 9.27
CA GLY A 17 -13.86 10.43 10.01
C GLY A 17 -14.76 9.52 9.19
N ASP A 18 -15.03 9.88 7.93
CA ASP A 18 -15.87 9.07 7.05
C ASP A 18 -15.01 8.02 6.35
N GLN A 19 -14.77 6.89 7.03
CA GLN A 19 -13.96 5.80 6.50
C GLN A 19 -14.66 5.16 5.30
N LYS A 20 -15.98 5.34 5.18
CA LYS A 20 -16.75 4.84 4.05
C LYS A 20 -16.26 5.44 2.74
N ALA A 21 -15.64 6.62 2.80
CA ALA A 21 -15.12 7.27 1.61
C ALA A 21 -13.75 6.71 1.24
N PHE A 22 -13.06 6.06 2.17
CA PHE A 22 -11.78 5.45 1.87
C PHE A 22 -12.02 4.16 1.09
N ASN A 23 -13.08 3.43 1.43
CA ASN A 23 -13.44 2.20 0.73
C ASN A 23 -13.78 2.53 -0.72
N LEU A 24 -14.49 3.64 -0.94
CA LEU A 24 -14.85 4.08 -2.27
C LEU A 24 -13.66 4.72 -2.98
N LEU A 25 -12.64 5.13 -2.23
CA LEU A 25 -11.43 5.71 -2.80
C LEU A 25 -10.46 4.62 -3.25
N VAL A 26 -10.19 3.62 -2.41
CA VAL A 26 -9.20 2.61 -2.76
C VAL A 26 -9.66 1.75 -3.93
N VAL A 27 -10.97 1.61 -4.16
CA VAL A 27 -11.44 0.76 -5.24
C VAL A 27 -11.12 1.40 -6.60
N ARG A 28 -11.02 2.74 -6.66
CA ARG A 28 -10.64 3.42 -7.88
C ARG A 28 -9.19 3.11 -8.21
N TYR A 29 -8.38 2.94 -7.17
CA TYR A 29 -6.95 2.67 -7.32
C TYR A 29 -6.61 1.20 -7.17
N GLN A 30 -7.58 0.37 -6.76
CA GLN A 30 -7.35 -1.05 -6.53
C GLN A 30 -6.94 -1.74 -7.83
N HIS A 31 -7.37 -1.19 -8.97
CA HIS A 31 -6.96 -1.70 -10.27
C HIS A 31 -5.63 -1.07 -10.70
N LYS A 32 -5.39 0.18 -10.29
CA LYS A 32 -4.19 0.91 -10.69
C LYS A 32 -2.95 0.44 -9.93
N VAL A 33 -3.07 0.22 -8.61
CA VAL A 33 -1.91 -0.18 -7.83
C VAL A 33 -1.64 -1.67 -7.96
N ALA A 34 -2.66 -2.47 -8.27
CA ALA A 34 -2.45 -3.90 -8.48
C ALA A 34 -1.68 -4.12 -9.78
N SER A 35 -1.75 -3.16 -10.72
CA SER A 35 -1.05 -3.27 -11.99
C SER A 35 0.44 -3.00 -11.80
N LEU A 36 0.77 -1.96 -11.02
CA LEU A 36 2.17 -1.60 -10.81
C LEU A 36 2.84 -2.46 -9.76
N VAL A 37 2.07 -3.04 -8.84
CA VAL A 37 2.66 -3.86 -7.78
C VAL A 37 2.81 -5.31 -8.22
N SER A 38 2.09 -5.72 -9.27
CA SER A 38 2.26 -7.05 -9.85
C SER A 38 3.64 -7.16 -10.53
N ARG A 39 4.33 -6.03 -10.65
CA ARG A 39 5.69 -5.97 -11.18
C ARG A 39 6.73 -6.10 -10.08
N TYR A 40 6.31 -6.17 -8.82
CA TYR A 40 7.22 -6.29 -7.68
C TYR A 40 6.94 -7.57 -6.87
N VAL A 41 5.78 -8.20 -7.08
CA VAL A 41 5.43 -9.48 -6.46
C VAL A 41 4.65 -10.33 -7.46
N PRO A 42 4.69 -11.66 -7.34
CA PRO A 42 3.99 -12.58 -8.22
C PRO A 42 2.49 -12.47 -8.03
N SER A 43 1.70 -13.00 -8.98
CA SER A 43 0.25 -12.89 -8.97
C SER A 43 -0.39 -13.64 -7.80
N GLY A 44 0.38 -14.46 -7.07
CA GLY A 44 -0.12 -15.18 -5.92
C GLY A 44 -0.01 -14.37 -4.64
N ASP A 45 0.84 -13.33 -4.64
CA ASP A 45 1.05 -12.47 -3.48
C ASP A 45 0.61 -11.03 -3.76
N VAL A 46 0.21 -10.74 -5.00
CA VAL A 46 -0.17 -9.38 -5.38
C VAL A 46 -1.45 -8.90 -4.69
N PRO A 47 -2.47 -9.74 -4.39
CA PRO A 47 -3.71 -9.23 -3.83
C PRO A 47 -3.56 -8.89 -2.35
N ASP A 48 -2.62 -9.54 -1.66
CA ASP A 48 -2.42 -9.30 -0.24
C ASP A 48 -1.57 -8.05 -0.02
N VAL A 49 -0.69 -7.75 -0.97
CA VAL A 49 0.16 -6.57 -0.87
C VAL A 49 -0.64 -5.32 -1.26
N VAL A 50 -1.69 -5.48 -2.08
CA VAL A 50 -2.57 -4.37 -2.40
C VAL A 50 -3.42 -4.03 -1.19
N GLN A 51 -3.84 -5.04 -0.42
CA GLN A 51 -4.62 -4.80 0.78
C GLN A 51 -3.74 -4.19 1.85
N GLU A 52 -2.52 -4.69 2.03
CA GLU A 52 -1.62 -4.13 3.04
C GLU A 52 -1.20 -2.72 2.65
N ALA A 53 -1.20 -2.41 1.35
CA ALA A 53 -0.87 -1.08 0.89
C ALA A 53 -2.00 -0.10 1.19
N PHE A 54 -3.24 -0.57 1.26
CA PHE A 54 -4.37 0.29 1.58
C PHE A 54 -4.53 0.42 3.09
N ILE A 55 -4.15 -0.60 3.86
CA ILE A 55 -4.18 -0.53 5.31
C ILE A 55 -3.05 0.39 5.78
N LYS A 56 -1.90 0.31 5.08
CA LYS A 56 -0.74 1.14 5.39
C LYS A 56 -0.95 2.57 4.89
N ALA A 57 -1.68 2.74 3.78
CA ALA A 57 -1.94 4.06 3.24
C ALA A 57 -2.86 4.84 4.16
N TYR A 58 -3.92 4.23 4.70
CA TYR A 58 -4.88 4.95 5.53
C TYR A 58 -4.21 5.50 6.79
N ARG A 59 -3.28 4.72 7.36
CA ARG A 59 -2.57 5.11 8.57
C ARG A 59 -1.58 6.23 8.28
N ALA A 60 -1.12 6.33 7.03
CA ALA A 60 -0.24 7.40 6.58
C ALA A 60 -1.03 8.55 5.95
N LEU A 61 -2.32 8.34 5.67
CA LEU A 61 -3.16 9.32 5.02
C LEU A 61 -3.52 10.43 6.00
N ASP A 62 -3.50 10.13 7.29
CA ASP A 62 -3.70 11.13 8.34
C ASP A 62 -2.52 12.10 8.38
N SER A 63 -1.43 11.78 7.67
CA SER A 63 -0.24 12.62 7.60
C SER A 63 -0.09 13.27 6.22
N PHE A 64 -1.04 13.03 5.31
CA PHE A 64 -1.04 13.62 3.99
C PHE A 64 -1.44 15.10 4.09
N ARG A 65 -0.90 15.94 3.20
CA ARG A 65 -1.13 17.39 3.23
C ARG A 65 -1.36 17.97 1.84
N GLY A 66 -1.38 17.14 0.80
CA GLY A 66 -1.55 17.62 -0.56
C GLY A 66 -0.28 18.23 -1.14
N ASP A 67 0.88 17.94 -0.53
CA ASP A 67 2.17 18.44 -1.03
C ASP A 67 2.50 17.84 -2.39
N SER A 68 1.75 16.80 -2.79
CA SER A 68 1.87 16.14 -4.08
C SER A 68 0.52 15.56 -4.47
N ALA A 69 0.38 15.10 -5.71
CA ALA A 69 -0.86 14.49 -6.16
C ALA A 69 -1.12 13.19 -5.39
N PHE A 70 -2.39 12.87 -5.16
CA PHE A 70 -2.73 11.70 -4.35
C PHE A 70 -2.36 10.41 -5.06
N TYR A 71 -2.44 10.35 -6.39
CA TYR A 71 -2.12 9.13 -7.09
C TYR A 71 -0.62 8.83 -7.01
N THR A 72 0.24 9.86 -7.07
CA THR A 72 1.67 9.64 -6.97
C THR A 72 2.01 9.21 -5.55
N TRP A 73 1.32 9.80 -4.56
CA TRP A 73 1.58 9.50 -3.17
C TRP A 73 1.11 8.08 -2.82
N LEU A 74 0.05 7.60 -3.48
CA LEU A 74 -0.51 6.29 -3.20
C LEU A 74 0.27 5.19 -3.92
N TYR A 75 0.78 5.48 -5.13
CA TYR A 75 1.57 4.50 -5.86
C TYR A 75 2.85 4.17 -5.09
N ARG A 76 3.35 5.12 -4.30
CA ARG A 76 4.55 4.93 -3.50
C ARG A 76 4.30 3.99 -2.33
N ILE A 77 3.06 3.91 -1.84
CA ILE A 77 2.75 3.04 -0.73
C ILE A 77 2.77 1.58 -1.17
N ALA A 78 2.29 1.30 -2.38
CA ALA A 78 2.16 -0.07 -2.85
C ALA A 78 3.50 -0.66 -3.27
N VAL A 79 4.41 0.14 -3.84
CA VAL A 79 5.69 -0.37 -4.29
C VAL A 79 6.65 -0.55 -3.12
N ASN A 80 6.54 0.28 -2.08
CA ASN A 80 7.41 0.15 -0.92
C ASN A 80 6.95 -1.00 -0.02
N THR A 81 5.66 -1.36 -0.09
CA THR A 81 5.14 -2.48 0.69
C THR A 81 5.54 -3.80 0.03
N ALA A 82 5.69 -3.81 -1.30
CA ALA A 82 6.06 -5.01 -2.01
C ALA A 82 7.54 -5.34 -1.82
N LYS A 83 8.38 -4.31 -1.68
CA LYS A 83 9.81 -4.52 -1.45
C LYS A 83 10.04 -4.99 -0.02
N ASN A 84 9.19 -4.55 0.91
CA ASN A 84 9.26 -4.98 2.30
C ASN A 84 8.67 -6.39 2.45
N TYR A 85 7.75 -6.76 1.56
CA TYR A 85 7.08 -8.04 1.63
C TYR A 85 8.02 -9.18 1.24
N LEU A 86 8.86 -8.97 0.21
CA LEU A 86 9.74 -10.03 -0.26
C LEU A 86 10.96 -10.20 0.65
N VAL A 87 11.42 -9.15 1.32
CA VAL A 87 12.54 -9.31 2.24
C VAL A 87 12.07 -10.02 3.51
N ALA A 88 10.76 -9.98 3.80
CA ALA A 88 10.21 -10.70 4.92
C ALA A 88 10.16 -12.20 4.64
N GLN A 89 10.33 -12.62 3.38
CA GLN A 89 10.38 -14.03 3.04
C GLN A 89 11.82 -14.50 2.83
N GLY A 90 12.68 -13.62 2.32
CA GLY A 90 14.05 -13.97 1.95
C GLY A 90 15.04 -13.84 3.11
N ARG A 91 14.63 -13.24 4.24
CA ARG A 91 15.52 -13.07 5.39
C ARG A 91 15.19 -14.02 6.53
N ARG A 92 14.35 -15.03 6.28
CA ARG A 92 13.99 -15.99 7.31
C ARG A 92 15.15 -16.95 7.53
N LEU A 93 15.51 -17.16 8.81
CA LEU A 93 16.60 -18.04 9.22
C LEU A 93 17.90 -17.71 8.47
N GLU A 94 18.09 -16.44 8.10
CA GLU A 94 19.28 -16.02 7.36
C GLU A 94 20.57 -16.13 8.18
N LEU A 95 20.47 -16.53 9.46
CA LEU A 95 21.63 -16.65 10.33
C LEU A 95 22.39 -17.94 10.04
N VAL A 96 21.82 -18.85 9.24
CA VAL A 96 22.43 -20.13 8.91
C VAL A 96 22.16 -20.48 7.44
N PRO A 97 23.02 -21.28 6.81
CA PRO A 97 22.85 -21.73 5.45
C PRO A 97 21.79 -22.82 5.35
N ARG A 98 21.48 -23.46 6.48
CA ARG A 98 20.46 -24.51 6.56
C ARG A 98 19.98 -24.60 8.02
N GLY A 99 18.73 -24.98 8.23
CA GLY A 99 18.17 -25.09 9.57
C GLY A 99 18.89 -26.16 10.38
N SER A 100 19.01 -25.93 11.69
CA SER A 100 19.69 -26.85 12.60
C SER A 100 19.18 -26.68 14.03
N HIS A 101 19.55 -27.62 14.90
CA HIS A 101 19.13 -27.61 16.30
C HIS A 101 20.31 -27.94 17.23
N HIS A 102 21.53 -27.88 16.70
CA HIS A 102 22.77 -28.22 17.41
C HIS A 102 22.75 -29.67 17.92
N HIS A 103 23.86 -30.10 18.53
CA HIS A 103 24.00 -31.46 19.05
C HIS A 103 24.86 -31.47 20.31
N HIS A 104 24.76 -32.53 21.10
CA HIS A 104 25.48 -32.66 22.36
C HIS A 104 25.89 -34.11 22.60
N HIS A 105 26.82 -34.32 23.54
CA HIS A 105 27.33 -35.65 23.86
C HIS A 105 27.26 -35.94 25.35
N HIS A 106 26.67 -35.04 26.14
CA HIS A 106 26.52 -35.21 27.57
C HIS A 106 25.24 -34.54 28.06
N MET A 1 -27.24 20.94 -13.55
CA MET A 1 -25.93 20.34 -13.91
C MET A 1 -25.61 19.15 -13.01
N SER A 2 -24.60 18.36 -13.40
CA SER A 2 -24.18 17.19 -12.65
C SER A 2 -22.87 17.47 -11.92
N GLU A 3 -22.57 16.65 -10.90
CA GLU A 3 -21.36 16.79 -10.10
C GLU A 3 -20.89 15.42 -9.63
N GLN A 4 -19.58 15.28 -9.43
CA GLN A 4 -18.97 14.03 -8.97
C GLN A 4 -17.74 14.33 -8.12
N LEU A 5 -17.29 13.32 -7.37
CA LEU A 5 -16.24 13.45 -6.38
C LEU A 5 -14.95 12.80 -6.89
N THR A 6 -13.82 13.28 -6.37
CA THR A 6 -12.49 12.87 -6.80
C THR A 6 -11.59 12.70 -5.58
N ASP A 7 -10.36 12.21 -5.76
CA ASP A 7 -9.43 11.98 -4.67
C ASP A 7 -9.19 13.22 -3.83
N GLN A 8 -9.51 14.40 -4.36
CA GLN A 8 -9.36 15.64 -3.62
C GLN A 8 -10.32 15.67 -2.43
N VAL A 9 -11.61 15.43 -2.69
CA VAL A 9 -12.65 15.49 -1.67
C VAL A 9 -12.75 14.17 -0.92
N LEU A 10 -12.36 13.05 -1.55
CA LEU A 10 -12.39 11.76 -0.91
C LEU A 10 -11.29 11.65 0.15
N VAL A 11 -10.18 12.38 -0.01
CA VAL A 11 -9.13 12.37 1.01
C VAL A 11 -9.49 13.34 2.14
N GLU A 12 -10.23 14.41 1.84
CA GLU A 12 -10.68 15.31 2.87
C GLU A 12 -11.75 14.64 3.74
N ARG A 13 -12.61 13.83 3.13
CA ARG A 13 -13.73 13.21 3.82
C ARG A 13 -13.25 12.14 4.79
N VAL A 14 -12.22 11.36 4.42
CA VAL A 14 -11.67 10.33 5.32
C VAL A 14 -10.88 10.97 6.46
N GLN A 15 -10.38 12.19 6.26
CA GLN A 15 -9.69 12.92 7.32
C GLN A 15 -10.70 13.58 8.26
N LYS A 16 -11.96 13.65 7.84
CA LYS A 16 -13.06 14.20 8.63
C LYS A 16 -13.79 13.11 9.41
N GLY A 17 -13.31 11.87 9.33
CA GLY A 17 -13.79 10.77 10.15
C GLY A 17 -14.72 9.82 9.38
N ASP A 18 -14.92 10.05 8.09
CA ASP A 18 -15.77 9.20 7.27
C ASP A 18 -14.92 8.17 6.53
N GLN A 19 -14.62 7.06 7.21
CA GLN A 19 -13.80 5.98 6.65
C GLN A 19 -14.50 5.31 5.46
N LYS A 20 -15.83 5.46 5.38
CA LYS A 20 -16.60 4.90 4.28
C LYS A 20 -16.16 5.50 2.95
N ALA A 21 -15.56 6.68 2.96
CA ALA A 21 -15.07 7.31 1.75
C ALA A 21 -13.71 6.75 1.35
N PHE A 22 -12.99 6.12 2.29
CA PHE A 22 -11.71 5.52 1.96
C PHE A 22 -11.96 4.20 1.23
N ASN A 23 -13.00 3.47 1.63
CA ASN A 23 -13.36 2.22 0.98
C ASN A 23 -13.71 2.49 -0.48
N LEU A 24 -14.45 3.57 -0.74
CA LEU A 24 -14.81 3.96 -2.08
C LEU A 24 -13.64 4.61 -2.82
N LEU A 25 -12.63 5.08 -2.08
CA LEU A 25 -11.45 5.66 -2.69
C LEU A 25 -10.48 4.58 -3.16
N VAL A 26 -10.25 3.53 -2.36
CA VAL A 26 -9.26 2.54 -2.74
C VAL A 26 -9.74 1.71 -3.93
N VAL A 27 -11.05 1.54 -4.15
CA VAL A 27 -11.51 0.75 -5.28
C VAL A 27 -11.15 1.41 -6.60
N ARG A 28 -11.02 2.75 -6.63
CA ARG A 28 -10.64 3.46 -7.84
C ARG A 28 -9.17 3.18 -8.15
N TYR A 29 -8.38 2.98 -7.11
CA TYR A 29 -6.95 2.73 -7.25
C TYR A 29 -6.60 1.25 -7.13
N GLN A 30 -7.57 0.41 -6.76
CA GLN A 30 -7.35 -1.01 -6.55
C GLN A 30 -6.93 -1.68 -7.87
N HIS A 31 -7.36 -1.12 -9.00
CA HIS A 31 -6.91 -1.59 -10.30
C HIS A 31 -5.60 -0.92 -10.71
N LYS A 32 -5.37 0.31 -10.24
CA LYS A 32 -4.18 1.05 -10.63
C LYS A 32 -2.93 0.57 -9.89
N VAL A 33 -3.05 0.31 -8.58
CA VAL A 33 -1.89 -0.10 -7.79
C VAL A 33 -1.62 -1.59 -7.97
N ALA A 34 -2.64 -2.38 -8.31
CA ALA A 34 -2.44 -3.80 -8.56
C ALA A 34 -1.69 -3.99 -9.88
N SER A 35 -1.75 -3.01 -10.77
CA SER A 35 -1.06 -3.08 -12.06
C SER A 35 0.44 -2.82 -11.87
N LEU A 36 0.79 -1.84 -11.03
CA LEU A 36 2.18 -1.49 -10.82
C LEU A 36 2.86 -2.39 -9.79
N VAL A 37 2.08 -2.97 -8.87
CA VAL A 37 2.67 -3.81 -7.82
C VAL A 37 2.79 -5.26 -8.28
N SER A 38 2.05 -5.66 -9.31
CA SER A 38 2.21 -6.98 -9.90
C SER A 38 3.56 -7.07 -10.62
N ARG A 39 4.25 -5.93 -10.75
CA ARG A 39 5.57 -5.84 -11.36
C ARG A 39 6.67 -6.01 -10.31
N TYR A 40 6.30 -6.13 -9.03
CA TYR A 40 7.26 -6.29 -7.94
C TYR A 40 7.00 -7.59 -7.16
N VAL A 41 5.80 -8.18 -7.31
CA VAL A 41 5.46 -9.47 -6.70
C VAL A 41 4.62 -10.29 -7.67
N PRO A 42 4.65 -11.62 -7.58
CA PRO A 42 3.92 -12.51 -8.47
C PRO A 42 2.42 -12.41 -8.21
N SER A 43 1.61 -12.95 -9.14
CA SER A 43 0.17 -12.86 -9.08
C SER A 43 -0.43 -13.61 -7.88
N GLY A 44 0.38 -14.41 -7.19
CA GLY A 44 -0.08 -15.13 -6.01
C GLY A 44 0.08 -14.32 -4.73
N ASP A 45 0.91 -13.26 -4.78
CA ASP A 45 1.16 -12.41 -3.62
C ASP A 45 0.70 -10.97 -3.88
N VAL A 46 0.27 -10.67 -5.11
CA VAL A 46 -0.14 -9.32 -5.47
C VAL A 46 -1.43 -8.86 -4.76
N PRO A 47 -2.42 -9.71 -4.45
CA PRO A 47 -3.66 -9.22 -3.86
C PRO A 47 -3.48 -8.88 -2.38
N ASP A 48 -2.51 -9.52 -1.71
CA ASP A 48 -2.30 -9.30 -0.30
C ASP A 48 -1.46 -8.04 -0.07
N VAL A 49 -0.58 -7.72 -1.02
CA VAL A 49 0.25 -6.53 -0.93
C VAL A 49 -0.57 -5.29 -1.29
N VAL A 50 -1.62 -5.47 -2.11
CA VAL A 50 -2.51 -4.36 -2.43
C VAL A 50 -3.38 -4.04 -1.21
N GLN A 51 -3.76 -5.07 -0.44
CA GLN A 51 -4.56 -4.86 0.75
C GLN A 51 -3.69 -4.23 1.84
N GLU A 52 -2.46 -4.70 2.01
CA GLU A 52 -1.59 -4.11 3.02
C GLU A 52 -1.22 -2.68 2.63
N ALA A 53 -1.20 -2.38 1.32
CA ALA A 53 -0.89 -1.03 0.86
C ALA A 53 -2.04 -0.07 1.17
N PHE A 54 -3.28 -0.57 1.23
CA PHE A 54 -4.43 0.26 1.57
C PHE A 54 -4.60 0.39 3.08
N ILE A 55 -4.21 -0.64 3.84
CA ILE A 55 -4.26 -0.56 5.30
C ILE A 55 -3.15 0.39 5.77
N LYS A 56 -1.99 0.33 5.10
CA LYS A 56 -0.85 1.18 5.42
C LYS A 56 -1.06 2.60 4.91
N ALA A 57 -1.77 2.76 3.79
CA ALA A 57 -2.02 4.08 3.25
C ALA A 57 -2.96 4.85 4.15
N TYR A 58 -4.02 4.22 4.66
CA TYR A 58 -5.00 4.92 5.48
C TYR A 58 -4.36 5.47 6.75
N ARG A 59 -3.45 4.71 7.35
CA ARG A 59 -2.76 5.11 8.57
C ARG A 59 -1.78 6.24 8.31
N ALA A 60 -1.27 6.33 7.07
CA ALA A 60 -0.37 7.39 6.65
C ALA A 60 -1.14 8.55 6.02
N LEU A 61 -2.43 8.35 5.71
CA LEU A 61 -3.24 9.36 5.04
C LEU A 61 -3.63 10.46 6.01
N ASP A 62 -3.68 10.14 7.31
CA ASP A 62 -3.92 11.12 8.35
C ASP A 62 -2.71 12.05 8.49
N SER A 63 -1.59 11.71 7.84
CA SER A 63 -0.36 12.48 7.88
C SER A 63 -0.05 13.07 6.50
N PHE A 64 -0.90 12.81 5.50
CA PHE A 64 -0.71 13.35 4.16
C PHE A 64 -1.03 14.85 4.16
N ARG A 65 -0.34 15.63 3.32
CA ARG A 65 -0.47 17.08 3.30
C ARG A 65 -0.91 17.62 1.94
N GLY A 66 -1.05 16.75 0.95
CA GLY A 66 -1.48 17.18 -0.39
C GLY A 66 -0.41 18.01 -1.10
N ASP A 67 0.84 17.95 -0.63
CA ASP A 67 1.95 18.68 -1.24
C ASP A 67 2.31 18.09 -2.61
N SER A 68 1.71 16.95 -2.93
CA SER A 68 1.85 16.27 -4.21
C SER A 68 0.52 15.61 -4.56
N ALA A 69 0.36 15.10 -5.79
CA ALA A 69 -0.88 14.47 -6.20
C ALA A 69 -1.10 13.18 -5.40
N PHE A 70 -2.37 12.86 -5.11
CA PHE A 70 -2.68 11.70 -4.29
C PHE A 70 -2.27 10.40 -4.98
N TYR A 71 -2.37 10.34 -6.31
CA TYR A 71 -2.04 9.11 -7.02
C TYR A 71 -0.55 8.82 -6.94
N THR A 72 0.30 9.85 -6.97
CA THR A 72 1.74 9.63 -6.88
C THR A 72 2.08 9.19 -5.46
N TRP A 73 1.40 9.76 -4.46
CA TRP A 73 1.67 9.45 -3.08
C TRP A 73 1.20 8.04 -2.73
N LEU A 74 0.12 7.57 -3.38
CA LEU A 74 -0.44 6.26 -3.12
C LEU A 74 0.32 5.16 -3.84
N TYR A 75 0.83 5.45 -5.05
CA TYR A 75 1.60 4.47 -5.79
C TYR A 75 2.87 4.11 -5.03
N ARG A 76 3.40 5.05 -4.23
CA ARG A 76 4.61 4.83 -3.46
C ARG A 76 4.35 3.92 -2.27
N ILE A 77 3.10 3.86 -1.77
CA ILE A 77 2.79 2.98 -0.66
C ILE A 77 2.82 1.53 -1.12
N ALA A 78 2.34 1.26 -2.33
CA ALA A 78 2.20 -0.10 -2.82
C ALA A 78 3.54 -0.71 -3.24
N VAL A 79 4.44 0.09 -3.83
CA VAL A 79 5.73 -0.43 -4.28
C VAL A 79 6.70 -0.61 -3.11
N ASN A 80 6.60 0.23 -2.07
CA ASN A 80 7.49 0.10 -0.92
C ASN A 80 7.03 -1.06 -0.04
N THR A 81 5.74 -1.43 -0.11
CA THR A 81 5.22 -2.56 0.65
C THR A 81 5.60 -3.88 -0.04
N ALA A 82 5.74 -3.86 -1.37
CA ALA A 82 6.11 -5.05 -2.11
C ALA A 82 7.57 -5.41 -1.88
N LYS A 83 8.43 -4.40 -1.69
CA LYS A 83 9.84 -4.62 -1.43
C LYS A 83 10.05 -5.07 0.02
N ASN A 84 9.17 -4.61 0.93
CA ASN A 84 9.24 -5.01 2.33
C ASN A 84 8.62 -6.40 2.51
N TYR A 85 7.72 -6.80 1.59
CA TYR A 85 7.06 -8.09 1.66
C TYR A 85 8.00 -9.21 1.25
N LEU A 86 8.88 -8.94 0.29
CA LEU A 86 9.82 -9.94 -0.20
C LEU A 86 11.00 -10.15 0.76
N VAL A 87 11.35 -9.15 1.58
CA VAL A 87 12.41 -9.34 2.57
C VAL A 87 11.86 -9.91 3.86
N ALA A 88 10.55 -9.81 4.08
CA ALA A 88 9.92 -10.38 5.27
C ALA A 88 9.79 -11.90 5.15
N GLN A 89 10.01 -12.43 3.93
CA GLN A 89 10.01 -13.87 3.70
C GLN A 89 11.38 -14.34 3.21
N GLY A 90 12.21 -13.43 2.70
CA GLY A 90 13.55 -13.76 2.25
C GLY A 90 14.53 -13.86 3.42
N ARG A 91 14.19 -13.23 4.55
CA ARG A 91 14.98 -13.27 5.77
C ARG A 91 14.58 -14.46 6.64
N ARG A 92 13.73 -15.34 6.11
CA ARG A 92 13.29 -16.55 6.81
C ARG A 92 14.17 -17.73 6.45
N LEU A 93 14.98 -17.59 5.39
CA LEU A 93 15.87 -18.64 4.91
C LEU A 93 17.32 -18.14 4.81
N GLU A 94 17.57 -16.92 5.27
CA GLU A 94 18.90 -16.31 5.25
C GLU A 94 19.12 -15.59 6.58
N LEU A 95 20.37 -15.57 7.04
CA LEU A 95 20.76 -14.99 8.32
C LEU A 95 20.01 -15.59 9.50
N VAL A 96 19.24 -16.67 9.26
CA VAL A 96 18.47 -17.36 10.28
C VAL A 96 18.55 -18.87 10.01
N PRO A 97 18.76 -19.68 11.05
CA PRO A 97 18.88 -21.13 10.92
C PRO A 97 17.53 -21.77 10.57
N ARG A 98 17.58 -23.02 10.11
CA ARG A 98 16.38 -23.76 9.72
C ARG A 98 16.56 -25.25 10.02
N GLY A 99 15.45 -26.00 9.99
CA GLY A 99 15.46 -27.43 10.26
C GLY A 99 14.08 -28.04 10.02
N SER A 100 13.94 -29.34 10.34
CA SER A 100 12.69 -30.06 10.15
C SER A 100 12.52 -31.10 11.25
N HIS A 101 11.27 -31.52 11.48
CA HIS A 101 10.92 -32.50 12.50
C HIS A 101 9.69 -33.30 12.06
N HIS A 102 9.44 -34.45 12.70
CA HIS A 102 8.32 -35.30 12.33
C HIS A 102 7.00 -34.83 12.96
N HIS A 103 7.05 -33.72 13.71
CA HIS A 103 5.88 -33.13 14.34
C HIS A 103 5.99 -31.61 14.32
N HIS A 104 4.85 -30.92 14.40
CA HIS A 104 4.81 -29.46 14.38
C HIS A 104 3.58 -28.95 15.13
N HIS A 105 3.58 -27.66 15.47
CA HIS A 105 2.50 -27.02 16.19
C HIS A 105 1.31 -26.75 15.26
N HIS A 106 0.15 -26.43 15.84
CA HIS A 106 -1.06 -26.13 15.09
C HIS A 106 -0.99 -24.76 14.43
N MET A 1 -14.69 20.91 -16.85
CA MET A 1 -15.47 20.92 -15.59
C MET A 1 -15.98 19.51 -15.27
N SER A 2 -16.43 19.31 -14.03
CA SER A 2 -16.95 18.03 -13.58
C SER A 2 -18.06 18.22 -12.56
N GLU A 3 -18.81 17.15 -12.27
CA GLU A 3 -19.94 17.18 -11.36
C GLU A 3 -19.90 16.01 -10.38
N GLN A 4 -18.72 15.39 -10.20
CA GLN A 4 -18.55 14.25 -9.31
C GLN A 4 -17.35 14.46 -8.40
N LEU A 5 -17.13 13.50 -7.49
CA LEU A 5 -16.09 13.58 -6.49
C LEU A 5 -14.80 12.94 -6.98
N THR A 6 -13.67 13.39 -6.45
CA THR A 6 -12.34 12.96 -6.86
C THR A 6 -11.47 12.77 -5.61
N ASP A 7 -10.25 12.25 -5.78
CA ASP A 7 -9.34 11.99 -4.67
C ASP A 7 -9.08 13.23 -3.82
N GLN A 8 -9.39 14.42 -4.34
CA GLN A 8 -9.23 15.65 -3.59
C GLN A 8 -10.20 15.68 -2.42
N VAL A 9 -11.49 15.46 -2.67
CA VAL A 9 -12.53 15.52 -1.66
C VAL A 9 -12.65 14.19 -0.92
N LEU A 10 -12.27 13.08 -1.57
CA LEU A 10 -12.31 11.77 -0.94
C LEU A 10 -11.24 11.66 0.13
N VAL A 11 -10.11 12.37 -0.01
CA VAL A 11 -9.08 12.32 1.03
C VAL A 11 -9.45 13.30 2.15
N GLU A 12 -10.17 14.38 1.84
CA GLU A 12 -10.60 15.29 2.89
C GLU A 12 -11.66 14.61 3.76
N ARG A 13 -12.58 13.88 3.14
CA ARG A 13 -13.71 13.26 3.84
C ARG A 13 -13.26 12.14 4.77
N VAL A 14 -12.26 11.35 4.39
CA VAL A 14 -11.75 10.30 5.28
C VAL A 14 -11.01 10.92 6.46
N GLN A 15 -10.52 12.16 6.29
CA GLN A 15 -9.90 12.90 7.38
C GLN A 15 -10.96 13.55 8.28
N LYS A 16 -12.22 13.61 7.81
CA LYS A 16 -13.33 14.05 8.64
C LYS A 16 -13.83 12.91 9.54
N GLY A 17 -13.28 11.71 9.34
CA GLY A 17 -13.64 10.53 10.12
C GLY A 17 -14.60 9.60 9.36
N ASP A 18 -14.90 9.92 8.10
CA ASP A 18 -15.79 9.12 7.28
C ASP A 18 -14.95 8.08 6.51
N GLN A 19 -14.67 6.95 7.17
CA GLN A 19 -13.86 5.89 6.59
C GLN A 19 -14.58 5.26 5.39
N LYS A 20 -15.90 5.44 5.30
CA LYS A 20 -16.70 4.94 4.17
C LYS A 20 -16.21 5.54 2.85
N ALA A 21 -15.58 6.73 2.91
CA ALA A 21 -15.08 7.37 1.71
C ALA A 21 -13.71 6.80 1.32
N PHE A 22 -13.02 6.14 2.25
CA PHE A 22 -11.74 5.54 1.94
C PHE A 22 -11.99 4.23 1.19
N ASN A 23 -13.03 3.50 1.58
CA ASN A 23 -13.39 2.26 0.92
C ASN A 23 -13.73 2.53 -0.55
N LEU A 24 -14.44 3.63 -0.80
CA LEU A 24 -14.80 4.03 -2.15
C LEU A 24 -13.62 4.67 -2.88
N LEU A 25 -12.60 5.12 -2.14
CA LEU A 25 -11.42 5.72 -2.73
C LEU A 25 -10.44 4.63 -3.18
N VAL A 26 -10.24 3.58 -2.38
CA VAL A 26 -9.25 2.58 -2.76
C VAL A 26 -9.73 1.76 -3.94
N VAL A 27 -11.04 1.59 -4.17
CA VAL A 27 -11.50 0.79 -5.30
C VAL A 27 -11.14 1.45 -6.63
N ARG A 28 -11.00 2.77 -6.66
CA ARG A 28 -10.63 3.48 -7.87
C ARG A 28 -9.16 3.20 -8.19
N TYR A 29 -8.37 2.99 -7.15
CA TYR A 29 -6.95 2.74 -7.26
C TYR A 29 -6.62 1.25 -7.13
N GLN A 30 -7.58 0.42 -6.76
CA GLN A 30 -7.37 -1.01 -6.53
C GLN A 30 -6.94 -1.69 -7.83
N HIS A 31 -7.37 -1.14 -8.97
CA HIS A 31 -6.94 -1.63 -10.26
C HIS A 31 -5.62 -0.99 -10.69
N LYS A 32 -5.39 0.26 -10.24
CA LYS A 32 -4.20 1.00 -10.64
C LYS A 32 -2.95 0.54 -9.89
N VAL A 33 -3.06 0.29 -8.58
CA VAL A 33 -1.91 -0.12 -7.79
C VAL A 33 -1.63 -1.60 -7.95
N ALA A 34 -2.66 -2.39 -8.27
CA ALA A 34 -2.47 -3.81 -8.50
C ALA A 34 -1.72 -4.04 -9.81
N SER A 35 -1.77 -3.06 -10.72
CA SER A 35 -1.10 -3.17 -12.01
C SER A 35 0.39 -2.89 -11.84
N LEU A 36 0.75 -1.88 -11.04
CA LEU A 36 2.15 -1.52 -10.84
C LEU A 36 2.83 -2.41 -9.80
N VAL A 37 2.06 -3.01 -8.89
CA VAL A 37 2.65 -3.85 -7.84
C VAL A 37 2.78 -5.30 -8.31
N SER A 38 2.03 -5.69 -9.35
CA SER A 38 2.19 -7.02 -9.94
C SER A 38 3.56 -7.13 -10.62
N ARG A 39 4.26 -6.00 -10.77
CA ARG A 39 5.60 -5.95 -11.32
C ARG A 39 6.66 -6.18 -10.25
N TYR A 40 6.26 -6.26 -8.98
CA TYR A 40 7.19 -6.43 -7.86
C TYR A 40 6.88 -7.68 -7.04
N VAL A 41 5.70 -8.29 -7.24
CA VAL A 41 5.33 -9.56 -6.61
C VAL A 41 4.51 -10.38 -7.60
N PRO A 42 4.53 -11.72 -7.50
CA PRO A 42 3.80 -12.61 -8.38
C PRO A 42 2.29 -12.48 -8.17
N SER A 43 1.51 -12.98 -9.12
CA SER A 43 0.05 -12.86 -9.11
C SER A 43 -0.59 -13.59 -7.92
N GLY A 44 0.18 -14.42 -7.21
CA GLY A 44 -0.33 -15.13 -6.05
C GLY A 44 -0.20 -14.32 -4.76
N ASP A 45 0.68 -13.31 -4.77
CA ASP A 45 0.92 -12.47 -3.60
C ASP A 45 0.52 -11.01 -3.86
N VAL A 46 0.11 -10.70 -5.10
CA VAL A 46 -0.25 -9.34 -5.47
C VAL A 46 -1.52 -8.83 -4.77
N PRO A 47 -2.54 -9.66 -4.47
CA PRO A 47 -3.77 -9.14 -3.87
C PRO A 47 -3.58 -8.83 -2.38
N ASP A 48 -2.63 -9.50 -1.72
CA ASP A 48 -2.39 -9.30 -0.31
C ASP A 48 -1.54 -8.06 -0.07
N VAL A 49 -0.65 -7.74 -1.01
CA VAL A 49 0.20 -6.57 -0.91
C VAL A 49 -0.59 -5.32 -1.27
N VAL A 50 -1.65 -5.45 -2.07
CA VAL A 50 -2.54 -4.33 -2.37
C VAL A 50 -3.39 -4.02 -1.15
N GLN A 51 -3.79 -5.05 -0.40
CA GLN A 51 -4.58 -4.84 0.80
C GLN A 51 -3.71 -4.21 1.88
N GLU A 52 -2.47 -4.68 2.04
CA GLU A 52 -1.60 -4.10 3.04
C GLU A 52 -1.25 -2.66 2.67
N ALA A 53 -1.21 -2.36 1.37
CA ALA A 53 -0.91 -1.01 0.91
C ALA A 53 -2.06 -0.06 1.22
N PHE A 54 -3.30 -0.57 1.29
CA PHE A 54 -4.44 0.27 1.62
C PHE A 54 -4.62 0.39 3.14
N ILE A 55 -4.20 -0.63 3.90
CA ILE A 55 -4.25 -0.56 5.35
C ILE A 55 -3.14 0.40 5.82
N LYS A 56 -2.00 0.35 5.14
CA LYS A 56 -0.86 1.19 5.47
C LYS A 56 -1.07 2.62 4.96
N ALA A 57 -1.77 2.77 3.83
CA ALA A 57 -2.02 4.09 3.29
C ALA A 57 -2.96 4.87 4.20
N TYR A 58 -4.01 4.22 4.72
CA TYR A 58 -4.99 4.92 5.54
C TYR A 58 -4.35 5.50 6.81
N ARG A 59 -3.44 4.73 7.41
CA ARG A 59 -2.75 5.14 8.63
C ARG A 59 -1.76 6.27 8.36
N ALA A 60 -1.29 6.37 7.11
CA ALA A 60 -0.39 7.44 6.69
C ALA A 60 -1.16 8.58 6.03
N LEU A 61 -2.45 8.37 5.72
CA LEU A 61 -3.27 9.36 5.05
C LEU A 61 -3.66 10.47 6.01
N ASP A 62 -3.68 10.16 7.32
CA ASP A 62 -3.92 11.16 8.35
C ASP A 62 -2.75 12.16 8.41
N SER A 63 -1.66 11.85 7.71
CA SER A 63 -0.48 12.69 7.65
C SER A 63 -0.29 13.31 6.26
N PHE A 64 -1.21 13.04 5.33
CA PHE A 64 -1.18 13.62 4.00
C PHE A 64 -1.57 15.10 4.08
N ARG A 65 -0.93 15.94 3.24
CA ARG A 65 -1.13 17.38 3.27
C ARG A 65 -1.28 17.99 1.88
N GLY A 66 -1.37 17.15 0.84
CA GLY A 66 -1.56 17.63 -0.52
C GLY A 66 -0.29 18.26 -1.11
N ASP A 67 0.86 18.05 -0.48
CA ASP A 67 2.13 18.58 -0.99
C ASP A 67 2.53 17.88 -2.30
N SER A 68 1.88 16.75 -2.60
CA SER A 68 2.05 16.00 -3.82
C SER A 68 0.70 15.44 -4.27
N ALA A 69 0.60 14.98 -5.51
CA ALA A 69 -0.63 14.41 -6.01
C ALA A 69 -0.93 13.11 -5.27
N PHE A 70 -2.21 12.81 -5.06
CA PHE A 70 -2.60 11.64 -4.28
C PHE A 70 -2.20 10.34 -4.97
N TYR A 71 -2.26 10.28 -6.30
CA TYR A 71 -1.93 9.06 -7.01
C TYR A 71 -0.44 8.77 -6.90
N THR A 72 0.41 9.80 -6.93
CA THR A 72 1.84 9.61 -6.80
C THR A 72 2.19 9.19 -5.37
N TRP A 73 1.43 9.71 -4.41
CA TRP A 73 1.65 9.42 -3.01
C TRP A 73 1.13 8.03 -2.64
N LEU A 74 0.13 7.53 -3.37
CA LEU A 74 -0.43 6.21 -3.11
C LEU A 74 0.36 5.12 -3.83
N TYR A 75 0.87 5.41 -5.02
CA TYR A 75 1.65 4.42 -5.76
C TYR A 75 2.92 4.06 -5.00
N ARG A 76 3.47 5.01 -4.24
CA ARG A 76 4.69 4.74 -3.46
C ARG A 76 4.40 3.87 -2.24
N ILE A 77 3.15 3.83 -1.76
CA ILE A 77 2.83 2.95 -0.63
C ILE A 77 2.86 1.50 -1.10
N ALA A 78 2.41 1.24 -2.33
CA ALA A 78 2.29 -0.13 -2.82
C ALA A 78 3.62 -0.74 -3.23
N VAL A 79 4.53 0.05 -3.83
CA VAL A 79 5.81 -0.49 -4.27
C VAL A 79 6.78 -0.64 -3.10
N ASN A 80 6.66 0.21 -2.08
CA ASN A 80 7.52 0.11 -0.91
C ASN A 80 7.08 -1.06 -0.03
N THR A 81 5.80 -1.45 -0.12
CA THR A 81 5.29 -2.58 0.64
C THR A 81 5.67 -3.89 -0.05
N ALA A 82 5.78 -3.89 -1.39
CA ALA A 82 6.11 -5.10 -2.13
C ALA A 82 7.58 -5.46 -1.96
N LYS A 83 8.45 -4.46 -1.86
CA LYS A 83 9.87 -4.69 -1.66
C LYS A 83 10.15 -5.07 -0.21
N ASN A 84 9.31 -4.60 0.73
CA ASN A 84 9.44 -4.96 2.13
C ASN A 84 8.84 -6.34 2.38
N TYR A 85 7.88 -6.75 1.56
CA TYR A 85 7.20 -8.02 1.70
C TYR A 85 8.11 -9.19 1.31
N LEU A 86 8.92 -9.00 0.25
CA LEU A 86 9.79 -10.07 -0.22
C LEU A 86 11.06 -10.21 0.62
N VAL A 87 11.53 -9.14 1.29
CA VAL A 87 12.70 -9.26 2.13
C VAL A 87 12.34 -9.75 3.53
N ALA A 88 11.07 -9.60 3.92
CA ALA A 88 10.60 -10.07 5.21
C ALA A 88 10.33 -11.58 5.19
N GLN A 89 10.35 -12.18 4.01
CA GLN A 89 10.15 -13.63 3.86
C GLN A 89 11.37 -14.29 3.23
N GLY A 90 12.19 -13.53 2.49
CA GLY A 90 13.37 -14.05 1.83
C GLY A 90 14.66 -13.79 2.61
N ARG A 91 14.61 -12.91 3.63
CA ARG A 91 15.78 -12.56 4.43
C ARG A 91 15.49 -12.64 5.92
N ARG A 92 14.42 -13.34 6.32
CA ARG A 92 14.01 -13.45 7.71
C ARG A 92 15.08 -14.13 8.57
N LEU A 93 16.03 -14.81 7.94
CA LEU A 93 17.08 -15.55 8.64
C LEU A 93 18.45 -14.89 8.50
N GLU A 94 18.51 -13.67 7.96
CA GLU A 94 19.78 -12.95 7.83
C GLU A 94 19.64 -11.45 8.09
N LEU A 95 18.44 -10.90 7.99
CA LEU A 95 18.19 -9.47 8.20
C LEU A 95 17.62 -9.22 9.60
N VAL A 96 17.06 -10.25 10.23
CA VAL A 96 16.53 -10.15 11.58
C VAL A 96 17.62 -10.40 12.63
N PRO A 97 18.45 -11.46 12.49
CA PRO A 97 19.58 -11.68 13.38
C PRO A 97 20.75 -10.76 13.02
N ARG A 98 20.62 -9.96 11.96
CA ARG A 98 21.64 -9.02 11.48
C ARG A 98 23.00 -9.69 11.29
N GLY A 99 23.01 -10.98 10.96
CA GLY A 99 24.24 -11.74 10.75
C GLY A 99 23.94 -13.13 10.20
N SER A 100 25.00 -13.91 9.96
CA SER A 100 24.88 -15.25 9.40
C SER A 100 24.50 -16.27 10.48
N HIS A 101 24.59 -15.88 11.76
CA HIS A 101 24.30 -16.74 12.90
C HIS A 101 25.07 -18.06 12.85
N HIS A 102 26.26 -18.05 12.22
CA HIS A 102 27.09 -19.22 12.04
C HIS A 102 28.56 -18.83 12.13
N HIS A 103 29.43 -19.82 12.40
CA HIS A 103 30.86 -19.60 12.59
C HIS A 103 31.66 -20.71 11.94
N HIS A 104 32.97 -20.47 11.75
CA HIS A 104 33.89 -21.43 11.15
C HIS A 104 35.27 -21.31 11.78
N HIS A 105 36.16 -22.25 11.45
CA HIS A 105 37.51 -22.29 12.00
C HIS A 105 38.52 -22.58 10.89
N HIS A 106 39.80 -22.26 11.15
CA HIS A 106 40.91 -22.45 10.22
C HIS A 106 40.57 -21.93 8.82
N MET A 1 -26.57 17.94 -16.93
CA MET A 1 -26.05 18.38 -15.63
C MET A 1 -25.67 17.19 -14.77
N SER A 2 -24.45 17.18 -14.22
CA SER A 2 -23.97 16.11 -13.37
C SER A 2 -22.87 16.61 -12.44
N GLU A 3 -22.58 15.83 -11.38
CA GLU A 3 -21.54 16.16 -10.42
C GLU A 3 -20.96 14.87 -9.86
N GLN A 4 -19.67 14.90 -9.48
CA GLN A 4 -18.99 13.74 -8.92
C GLN A 4 -17.89 14.16 -7.95
N LEU A 5 -17.34 13.17 -7.24
CA LEU A 5 -16.31 13.36 -6.25
C LEU A 5 -14.99 12.78 -6.77
N THR A 6 -13.87 13.28 -6.24
CA THR A 6 -12.54 12.92 -6.69
C THR A 6 -11.62 12.74 -5.47
N ASP A 7 -10.39 12.27 -5.69
CA ASP A 7 -9.42 12.01 -4.62
C ASP A 7 -9.18 13.26 -3.76
N GLN A 8 -9.55 14.44 -4.26
CA GLN A 8 -9.43 15.68 -3.50
C GLN A 8 -10.37 15.66 -2.30
N VAL A 9 -11.65 15.39 -2.54
CA VAL A 9 -12.67 15.42 -1.52
C VAL A 9 -12.74 14.07 -0.79
N LEU A 10 -12.35 12.99 -1.45
CA LEU A 10 -12.35 11.67 -0.82
C LEU A 10 -11.24 11.58 0.23
N VAL A 11 -10.15 12.32 0.09
CA VAL A 11 -9.10 12.30 1.11
C VAL A 11 -9.47 13.26 2.24
N GLU A 12 -10.24 14.31 1.96
CA GLU A 12 -10.70 15.20 3.02
C GLU A 12 -11.75 14.50 3.88
N ARG A 13 -12.62 13.70 3.25
CA ARG A 13 -13.72 13.06 3.96
C ARG A 13 -13.25 11.95 4.89
N VAL A 14 -12.21 11.21 4.49
CA VAL A 14 -11.66 10.15 5.35
C VAL A 14 -10.89 10.76 6.53
N GLN A 15 -10.39 11.99 6.37
CA GLN A 15 -9.73 12.69 7.46
C GLN A 15 -10.76 13.31 8.42
N LYS A 16 -12.02 13.39 7.97
CA LYS A 16 -13.13 13.90 8.78
C LYS A 16 -13.85 12.78 9.53
N GLY A 17 -13.35 11.54 9.43
CA GLY A 17 -13.84 10.42 10.22
C GLY A 17 -14.72 9.45 9.41
N ASP A 18 -14.95 9.72 8.13
CA ASP A 18 -15.75 8.85 7.28
C ASP A 18 -14.85 7.87 6.56
N GLN A 19 -14.51 6.75 7.22
CA GLN A 19 -13.65 5.73 6.65
C GLN A 19 -14.33 5.06 5.46
N LYS A 20 -15.66 5.17 5.38
CA LYS A 20 -16.44 4.62 4.27
C LYS A 20 -16.04 5.29 2.95
N ALA A 21 -15.46 6.50 3.01
CA ALA A 21 -15.01 7.18 1.80
C ALA A 21 -13.65 6.66 1.38
N PHE A 22 -12.91 6.01 2.30
CA PHE A 22 -11.63 5.42 1.95
C PHE A 22 -11.85 4.13 1.18
N ASN A 23 -12.90 3.38 1.54
CA ASN A 23 -13.26 2.16 0.84
C ASN A 23 -13.63 2.49 -0.62
N LEU A 24 -14.34 3.59 -0.81
CA LEU A 24 -14.73 4.06 -2.13
C LEU A 24 -13.54 4.71 -2.85
N LEU A 25 -12.52 5.12 -2.11
CA LEU A 25 -11.33 5.71 -2.69
C LEU A 25 -10.36 4.62 -3.16
N VAL A 26 -10.06 3.63 -2.33
CA VAL A 26 -9.07 2.63 -2.70
C VAL A 26 -9.54 1.77 -3.87
N VAL A 27 -10.86 1.63 -4.09
CA VAL A 27 -11.33 0.81 -5.19
C VAL A 27 -11.03 1.47 -6.54
N ARG A 28 -10.92 2.80 -6.59
CA ARG A 28 -10.56 3.51 -7.82
C ARG A 28 -9.11 3.21 -8.17
N TYR A 29 -8.29 3.00 -7.13
CA TYR A 29 -6.88 2.73 -7.30
C TYR A 29 -6.54 1.26 -7.16
N GLN A 30 -7.49 0.43 -6.73
CA GLN A 30 -7.25 -0.99 -6.50
C GLN A 30 -6.85 -1.69 -7.79
N HIS A 31 -7.30 -1.17 -8.93
CA HIS A 31 -6.91 -1.70 -10.23
C HIS A 31 -5.62 -1.05 -10.71
N LYS A 32 -5.38 0.22 -10.33
CA LYS A 32 -4.20 0.95 -10.76
C LYS A 32 -2.95 0.51 -10.01
N VAL A 33 -3.02 0.30 -8.69
CA VAL A 33 -1.86 -0.07 -7.92
C VAL A 33 -1.57 -1.57 -8.05
N ALA A 34 -2.60 -2.38 -8.34
CA ALA A 34 -2.40 -3.81 -8.56
C ALA A 34 -1.62 -4.03 -9.86
N SER A 35 -1.68 -3.07 -10.79
CA SER A 35 -0.98 -3.17 -12.05
C SER A 35 0.51 -2.91 -11.86
N LEU A 36 0.84 -1.87 -11.09
CA LEU A 36 2.23 -1.49 -10.89
C LEU A 36 2.92 -2.39 -9.86
N VAL A 37 2.16 -2.99 -8.94
CA VAL A 37 2.73 -3.83 -7.90
C VAL A 37 2.87 -5.28 -8.36
N SER A 38 2.16 -5.68 -9.41
CA SER A 38 2.32 -7.00 -10.00
C SER A 38 3.70 -7.11 -10.64
N ARG A 39 4.43 -5.99 -10.74
CA ARG A 39 5.79 -5.95 -11.26
C ARG A 39 6.82 -6.22 -10.15
N TYR A 40 6.37 -6.30 -8.88
CA TYR A 40 7.26 -6.47 -7.75
C TYR A 40 6.94 -7.74 -6.95
N VAL A 41 5.77 -8.34 -7.20
CA VAL A 41 5.37 -9.62 -6.60
C VAL A 41 4.56 -10.42 -7.63
N PRO A 42 4.54 -11.76 -7.52
CA PRO A 42 3.81 -12.63 -8.42
C PRO A 42 2.30 -12.45 -8.23
N SER A 43 1.52 -12.94 -9.20
CA SER A 43 0.07 -12.77 -9.22
C SER A 43 -0.61 -13.51 -8.07
N GLY A 44 0.11 -14.37 -7.35
CA GLY A 44 -0.44 -15.09 -6.21
C GLY A 44 -0.31 -14.31 -4.91
N ASP A 45 0.59 -13.31 -4.88
CA ASP A 45 0.81 -12.49 -3.70
C ASP A 45 0.45 -11.02 -3.96
N VAL A 46 0.09 -10.68 -5.20
CA VAL A 46 -0.22 -9.31 -5.56
C VAL A 46 -1.50 -8.77 -4.89
N PRO A 47 -2.54 -9.56 -4.60
CA PRO A 47 -3.77 -9.02 -4.04
C PRO A 47 -3.61 -8.71 -2.56
N ASP A 48 -2.70 -9.41 -1.87
CA ASP A 48 -2.50 -9.22 -0.44
C ASP A 48 -1.60 -8.00 -0.19
N VAL A 49 -0.69 -7.73 -1.11
CA VAL A 49 0.20 -6.59 -1.01
C VAL A 49 -0.57 -5.30 -1.34
N VAL A 50 -1.61 -5.40 -2.16
CA VAL A 50 -2.48 -4.25 -2.45
C VAL A 50 -3.33 -3.94 -1.22
N GLN A 51 -3.74 -4.97 -0.48
CA GLN A 51 -4.53 -4.76 0.72
C GLN A 51 -3.65 -4.17 1.83
N GLU A 52 -2.43 -4.69 2.00
CA GLU A 52 -1.54 -4.16 3.02
C GLU A 52 -1.11 -2.75 2.67
N ALA A 53 -1.07 -2.41 1.38
CA ALA A 53 -0.72 -1.06 0.97
C ALA A 53 -1.85 -0.08 1.26
N PHE A 54 -3.10 -0.55 1.29
CA PHE A 54 -4.22 0.32 1.62
C PHE A 54 -4.41 0.43 3.13
N ILE A 55 -4.07 -0.61 3.88
CA ILE A 55 -4.13 -0.55 5.34
C ILE A 55 -3.01 0.37 5.83
N LYS A 56 -1.86 0.33 5.16
CA LYS A 56 -0.72 1.17 5.53
C LYS A 56 -0.92 2.59 5.01
N ALA A 57 -1.56 2.75 3.84
CA ALA A 57 -1.80 4.06 3.29
C ALA A 57 -2.76 4.85 4.17
N TYR A 58 -3.80 4.21 4.72
CA TYR A 58 -4.76 4.92 5.54
C TYR A 58 -4.11 5.44 6.83
N ARG A 59 -3.18 4.67 7.39
CA ARG A 59 -2.45 5.05 8.60
C ARG A 59 -1.46 6.18 8.29
N ALA A 60 -1.13 6.38 7.01
CA ALA A 60 -0.25 7.44 6.57
C ALA A 60 -1.02 8.59 5.92
N LEU A 61 -2.32 8.37 5.64
CA LEU A 61 -3.17 9.36 4.99
C LEU A 61 -3.56 10.46 5.97
N ASP A 62 -3.53 10.14 7.27
CA ASP A 62 -3.78 11.11 8.32
C ASP A 62 -2.62 12.12 8.39
N SER A 63 -1.54 11.86 7.64
CA SER A 63 -0.37 12.71 7.59
C SER A 63 -0.19 13.35 6.21
N PHE A 64 -1.15 13.13 5.30
CA PHE A 64 -1.11 13.71 3.96
C PHE A 64 -1.38 15.22 4.04
N ARG A 65 -0.73 16.01 3.17
CA ARG A 65 -0.81 17.46 3.20
C ARG A 65 -1.07 18.06 1.82
N GLY A 66 -1.17 17.22 0.78
CA GLY A 66 -1.45 17.69 -0.57
C GLY A 66 -0.26 18.37 -1.23
N ASP A 67 0.95 18.21 -0.70
CA ASP A 67 2.15 18.77 -1.30
C ASP A 67 2.49 18.07 -2.61
N SER A 68 1.78 16.98 -2.92
CA SER A 68 1.92 16.23 -4.15
C SER A 68 0.57 15.63 -4.51
N ALA A 69 0.43 15.13 -5.75
CA ALA A 69 -0.83 14.53 -6.17
C ALA A 69 -1.08 13.22 -5.42
N PHE A 70 -2.34 12.89 -5.17
CA PHE A 70 -2.69 11.72 -4.37
C PHE A 70 -2.28 10.43 -5.07
N TYR A 71 -2.35 10.38 -6.40
CA TYR A 71 -2.03 9.15 -7.11
C TYR A 71 -0.52 8.87 -7.03
N THR A 72 0.31 9.92 -7.08
CA THR A 72 1.75 9.74 -6.97
C THR A 72 2.11 9.34 -5.54
N TRP A 73 1.36 9.86 -4.58
CA TRP A 73 1.59 9.59 -3.17
C TRP A 73 1.12 8.18 -2.80
N LEU A 74 0.12 7.66 -3.52
CA LEU A 74 -0.42 6.33 -3.24
C LEU A 74 0.36 5.25 -3.97
N TYR A 75 0.85 5.54 -5.18
CA TYR A 75 1.62 4.56 -5.95
C TYR A 75 2.89 4.19 -5.21
N ARG A 76 3.49 5.14 -4.48
CA ARG A 76 4.73 4.85 -3.76
C ARG A 76 4.47 4.01 -2.52
N ILE A 77 3.25 4.00 -1.98
CA ILE A 77 2.95 3.15 -0.83
C ILE A 77 2.98 1.69 -1.28
N ALA A 78 2.45 1.40 -2.46
CA ALA A 78 2.29 0.02 -2.92
C ALA A 78 3.61 -0.62 -3.33
N VAL A 79 4.55 0.15 -3.90
CA VAL A 79 5.83 -0.43 -4.30
C VAL A 79 6.73 -0.66 -3.09
N ASN A 80 6.61 0.16 -2.05
CA ASN A 80 7.38 -0.04 -0.83
C ASN A 80 6.77 -1.16 0.01
N THR A 81 5.49 -1.49 -0.21
CA THR A 81 4.86 -2.58 0.50
C THR A 81 5.29 -3.92 -0.11
N ALA A 82 5.55 -3.94 -1.42
CA ALA A 82 5.95 -5.16 -2.10
C ALA A 82 7.40 -5.53 -1.78
N LYS A 83 8.26 -4.51 -1.62
CA LYS A 83 9.66 -4.74 -1.29
C LYS A 83 9.82 -5.07 0.19
N ASN A 84 8.87 -4.64 1.02
CA ASN A 84 8.87 -4.98 2.44
C ASN A 84 8.16 -6.31 2.68
N TYR A 85 7.34 -6.78 1.72
CA TYR A 85 6.64 -8.04 1.85
C TYR A 85 7.58 -9.21 1.54
N LEU A 86 8.48 -9.03 0.58
CA LEU A 86 9.43 -10.08 0.21
C LEU A 86 10.64 -10.13 1.13
N VAL A 87 11.00 -9.00 1.79
CA VAL A 87 12.12 -9.01 2.72
C VAL A 87 11.69 -9.59 4.06
N ALA A 88 10.40 -9.46 4.40
CA ALA A 88 9.89 -9.95 5.67
C ALA A 88 9.74 -11.46 5.65
N GLN A 89 9.73 -12.06 4.45
CA GLN A 89 9.64 -13.50 4.29
C GLN A 89 10.96 -14.06 3.75
N GLY A 90 11.89 -13.18 3.36
CA GLY A 90 13.21 -13.57 2.88
C GLY A 90 14.25 -13.58 4.00
N ARG A 91 13.94 -12.98 5.15
CA ARG A 91 14.86 -12.94 6.29
C ARG A 91 14.35 -13.76 7.47
N ARG A 92 13.05 -14.10 7.48
CA ARG A 92 12.49 -14.83 8.60
C ARG A 92 12.46 -16.32 8.30
N LEU A 93 12.94 -17.12 9.27
CA LEU A 93 12.96 -18.57 9.19
C LEU A 93 13.61 -19.07 7.89
N GLU A 94 14.61 -18.34 7.39
CA GLU A 94 15.32 -18.69 6.17
C GLU A 94 16.82 -18.75 6.43
N LEU A 95 17.50 -19.69 5.76
CA LEU A 95 18.91 -19.96 5.95
C LEU A 95 19.76 -19.24 4.89
N VAL A 96 19.51 -17.95 4.70
CA VAL A 96 20.24 -17.15 3.72
C VAL A 96 21.74 -17.16 4.06
N PRO A 97 22.61 -17.39 3.07
CA PRO A 97 24.05 -17.47 3.27
C PRO A 97 24.70 -16.09 3.47
N ARG A 98 23.89 -15.02 3.57
CA ARG A 98 24.39 -13.66 3.73
C ARG A 98 23.53 -12.91 4.73
N GLY A 99 24.15 -11.97 5.46
CA GLY A 99 23.49 -11.17 6.47
C GLY A 99 23.29 -11.95 7.76
N SER A 100 23.20 -11.24 8.89
CA SER A 100 23.02 -11.85 10.20
C SER A 100 22.35 -10.87 11.17
N HIS A 101 21.99 -11.37 12.35
CA HIS A 101 21.37 -10.56 13.39
C HIS A 101 22.30 -10.40 14.58
N HIS A 102 22.10 -9.36 15.38
CA HIS A 102 22.92 -9.08 16.55
C HIS A 102 22.11 -8.36 17.63
N HIS A 103 22.67 -8.28 18.85
CA HIS A 103 21.98 -7.69 19.99
C HIS A 103 22.31 -6.19 20.16
N HIS A 104 23.05 -5.61 19.22
CA HIS A 104 23.42 -4.20 19.27
C HIS A 104 23.31 -3.57 17.88
N HIS A 105 23.29 -2.24 17.82
CA HIS A 105 23.14 -1.51 16.56
C HIS A 105 24.48 -1.37 15.85
N HIS A 106 24.44 -0.96 14.58
CA HIS A 106 25.62 -0.78 13.75
C HIS A 106 25.42 0.41 12.79
N MET A 1 -21.26 5.88 -16.05
CA MET A 1 -21.44 6.44 -14.70
C MET A 1 -20.92 7.88 -14.64
N SER A 2 -21.35 8.63 -13.63
CA SER A 2 -20.95 10.02 -13.44
C SER A 2 -20.72 10.30 -11.96
N GLU A 3 -19.92 11.33 -11.66
CA GLU A 3 -19.59 11.69 -10.29
C GLU A 3 -19.25 13.18 -10.19
N GLN A 4 -19.15 13.68 -8.96
CA GLN A 4 -18.85 15.09 -8.69
C GLN A 4 -17.73 15.24 -7.66
N LEU A 5 -17.08 14.12 -7.29
CA LEU A 5 -16.03 14.10 -6.29
C LEU A 5 -14.78 13.43 -6.85
N THR A 6 -13.63 13.77 -6.27
CA THR A 6 -12.32 13.29 -6.73
C THR A 6 -11.45 12.96 -5.53
N ASP A 7 -10.27 12.38 -5.76
CA ASP A 7 -9.35 12.00 -4.69
C ASP A 7 -8.99 13.19 -3.79
N GLN A 8 -9.24 14.42 -4.25
CA GLN A 8 -8.99 15.61 -3.47
C GLN A 8 -9.94 15.66 -2.26
N VAL A 9 -11.24 15.51 -2.53
CA VAL A 9 -12.27 15.58 -1.49
C VAL A 9 -12.44 14.24 -0.80
N LEU A 10 -12.13 13.14 -1.48
CA LEU A 10 -12.21 11.81 -0.88
C LEU A 10 -11.14 11.65 0.20
N VAL A 11 -10.00 12.34 0.07
CA VAL A 11 -8.96 12.26 1.10
C VAL A 11 -9.28 13.22 2.23
N GLU A 12 -9.98 14.32 1.96
CA GLU A 12 -10.40 15.21 3.03
C GLU A 12 -11.52 14.58 3.86
N ARG A 13 -12.40 13.80 3.21
CA ARG A 13 -13.54 13.20 3.87
C ARG A 13 -13.11 12.08 4.83
N VAL A 14 -12.10 11.29 4.47
CA VAL A 14 -11.60 10.23 5.34
C VAL A 14 -10.81 10.81 6.51
N GLN A 15 -10.27 12.02 6.36
CA GLN A 15 -9.59 12.71 7.44
C GLN A 15 -10.60 13.37 8.38
N LYS A 16 -11.86 13.51 7.93
CA LYS A 16 -12.95 14.07 8.73
C LYS A 16 -13.72 12.99 9.48
N GLY A 17 -13.28 11.73 9.39
CA GLY A 17 -13.83 10.63 10.17
C GLY A 17 -14.76 9.73 9.36
N ASP A 18 -14.91 9.99 8.06
CA ASP A 18 -15.76 9.18 7.21
C ASP A 18 -14.91 8.17 6.45
N GLN A 19 -14.62 7.03 7.11
CA GLN A 19 -13.80 5.98 6.54
C GLN A 19 -14.52 5.32 5.36
N LYS A 20 -15.83 5.51 5.25
CA LYS A 20 -16.63 4.99 4.14
C LYS A 20 -16.14 5.56 2.81
N ALA A 21 -15.50 6.73 2.85
CA ALA A 21 -14.99 7.36 1.64
C ALA A 21 -13.63 6.77 1.27
N PHE A 22 -12.94 6.12 2.20
CA PHE A 22 -11.67 5.48 1.91
C PHE A 22 -11.94 4.19 1.15
N ASN A 23 -13.00 3.47 1.52
CA ASN A 23 -13.37 2.24 0.85
C ASN A 23 -13.72 2.51 -0.60
N LEU A 24 -14.41 3.64 -0.85
CA LEU A 24 -14.76 4.06 -2.20
C LEU A 24 -13.56 4.67 -2.93
N LEU A 25 -12.52 5.07 -2.19
CA LEU A 25 -11.31 5.62 -2.77
C LEU A 25 -10.36 4.50 -3.19
N VAL A 26 -10.12 3.51 -2.33
CA VAL A 26 -9.14 2.48 -2.67
C VAL A 26 -9.62 1.59 -3.80
N VAL A 27 -10.95 1.47 -4.02
CA VAL A 27 -11.43 0.61 -5.08
C VAL A 27 -11.10 1.19 -6.46
N ARG A 28 -10.95 2.52 -6.54
CA ARG A 28 -10.54 3.18 -7.78
C ARG A 28 -9.10 2.80 -8.09
N TYR A 29 -8.30 2.62 -7.04
CA TYR A 29 -6.89 2.28 -7.17
C TYR A 29 -6.62 0.79 -7.01
N GLN A 30 -7.63 0.01 -6.62
CA GLN A 30 -7.43 -1.41 -6.37
C GLN A 30 -7.03 -2.13 -7.65
N HIS A 31 -7.47 -1.63 -8.81
CA HIS A 31 -7.09 -2.20 -10.09
C HIS A 31 -5.78 -1.60 -10.61
N LYS A 32 -5.51 -0.33 -10.29
CA LYS A 32 -4.34 0.37 -10.82
C LYS A 32 -3.08 0.08 -9.99
N VAL A 33 -3.24 -0.12 -8.69
CA VAL A 33 -2.14 -0.44 -7.79
C VAL A 33 -1.71 -1.87 -8.04
N ALA A 34 -2.68 -2.77 -8.29
CA ALA A 34 -2.38 -4.16 -8.58
C ALA A 34 -1.58 -4.28 -9.88
N SER A 35 -1.71 -3.31 -10.79
CA SER A 35 -1.00 -3.35 -12.06
C SER A 35 0.49 -3.06 -11.86
N LEU A 36 0.81 -2.01 -11.12
CA LEU A 36 2.21 -1.63 -10.94
C LEU A 36 2.90 -2.50 -9.89
N VAL A 37 2.14 -3.05 -8.93
CA VAL A 37 2.72 -3.85 -7.87
C VAL A 37 2.89 -5.31 -8.31
N SER A 38 2.24 -5.72 -9.40
CA SER A 38 2.44 -7.04 -9.96
C SER A 38 3.85 -7.14 -10.56
N ARG A 39 4.53 -6.00 -10.69
CA ARG A 39 5.91 -5.95 -11.18
C ARG A 39 6.90 -6.19 -10.04
N TYR A 40 6.44 -6.27 -8.80
CA TYR A 40 7.29 -6.41 -7.63
C TYR A 40 6.96 -7.66 -6.82
N VAL A 41 5.82 -8.30 -7.09
CA VAL A 41 5.43 -9.56 -6.46
C VAL A 41 4.63 -10.39 -7.47
N PRO A 42 4.63 -11.72 -7.33
CA PRO A 42 3.93 -12.62 -8.24
C PRO A 42 2.42 -12.46 -8.11
N SER A 43 1.68 -12.95 -9.11
CA SER A 43 0.23 -12.78 -9.17
C SER A 43 -0.50 -13.49 -8.04
N GLY A 44 0.19 -14.33 -7.28
CA GLY A 44 -0.40 -15.01 -6.14
C GLY A 44 -0.31 -14.20 -4.86
N ASP A 45 0.59 -13.21 -4.82
CA ASP A 45 0.79 -12.37 -3.64
C ASP A 45 0.44 -10.91 -3.94
N VAL A 46 0.11 -10.60 -5.20
CA VAL A 46 -0.17 -9.24 -5.61
C VAL A 46 -1.46 -8.65 -4.99
N PRO A 47 -2.52 -9.42 -4.71
CA PRO A 47 -3.74 -8.84 -4.16
C PRO A 47 -3.60 -8.55 -2.68
N ASP A 48 -2.67 -9.24 -2.00
CA ASP A 48 -2.47 -9.06 -0.57
C ASP A 48 -1.59 -7.83 -0.32
N VAL A 49 -0.71 -7.51 -1.27
CA VAL A 49 0.16 -6.34 -1.14
C VAL A 49 -0.63 -5.08 -1.46
N VAL A 50 -1.67 -5.16 -2.30
CA VAL A 50 -2.55 -4.03 -2.55
C VAL A 50 -3.37 -3.74 -1.29
N GLN A 51 -3.78 -4.80 -0.58
CA GLN A 51 -4.54 -4.64 0.64
C GLN A 51 -3.65 -4.06 1.73
N GLU A 52 -2.41 -4.56 1.86
CA GLU A 52 -1.51 -4.05 2.88
C GLU A 52 -1.07 -2.62 2.52
N ALA A 53 -1.07 -2.27 1.24
CA ALA A 53 -0.74 -0.92 0.82
C ALA A 53 -1.86 0.04 1.19
N PHE A 54 -3.12 -0.41 1.11
CA PHE A 54 -4.25 0.42 1.53
C PHE A 54 -4.36 0.51 3.04
N ILE A 55 -4.01 -0.55 3.78
CA ILE A 55 -4.03 -0.50 5.23
C ILE A 55 -2.92 0.42 5.72
N LYS A 56 -1.75 0.35 5.05
CA LYS A 56 -0.60 1.17 5.37
C LYS A 56 -0.81 2.62 4.91
N ALA A 57 -1.55 2.79 3.81
CA ALA A 57 -1.83 4.12 3.30
C ALA A 57 -2.76 4.87 4.23
N TYR A 58 -3.83 4.24 4.73
CA TYR A 58 -4.80 4.93 5.54
C TYR A 58 -4.15 5.48 6.82
N ARG A 59 -3.22 4.72 7.40
CA ARG A 59 -2.53 5.10 8.62
C ARG A 59 -1.56 6.25 8.36
N ALA A 60 -1.08 6.36 7.12
CA ALA A 60 -0.19 7.44 6.70
C ALA A 60 -0.98 8.58 6.05
N LEU A 61 -2.27 8.36 5.75
CA LEU A 61 -3.11 9.34 5.08
C LEU A 61 -3.52 10.43 6.04
N ASP A 62 -3.52 10.13 7.35
CA ASP A 62 -3.76 11.12 8.38
C ASP A 62 -2.61 12.14 8.43
N SER A 63 -1.51 11.85 7.72
CA SER A 63 -0.36 12.72 7.65
C SER A 63 -0.23 13.39 6.28
N PHE A 64 -1.20 13.16 5.38
CA PHE A 64 -1.22 13.74 4.05
C PHE A 64 -1.68 15.20 4.14
N ARG A 65 -1.16 16.06 3.24
CA ARG A 65 -1.46 17.49 3.28
C ARG A 65 -1.77 18.06 1.90
N GLY A 66 -1.81 17.21 0.86
CA GLY A 66 -2.12 17.65 -0.50
C GLY A 66 -0.95 18.41 -1.14
N ASP A 67 0.25 18.31 -0.56
CA ASP A 67 1.43 18.96 -1.12
C ASP A 67 1.89 18.28 -2.42
N SER A 68 1.28 17.12 -2.72
CA SER A 68 1.53 16.36 -3.94
C SER A 68 0.24 15.67 -4.37
N ALA A 69 0.21 15.11 -5.58
CA ALA A 69 -0.97 14.40 -6.06
C ALA A 69 -1.17 13.10 -5.29
N PHE A 70 -2.42 12.71 -5.05
CA PHE A 70 -2.71 11.55 -4.23
C PHE A 70 -2.27 10.26 -4.91
N TYR A 71 -2.35 10.19 -6.25
CA TYR A 71 -2.01 8.96 -6.93
C TYR A 71 -0.50 8.68 -6.86
N THR A 72 0.33 9.73 -6.89
CA THR A 72 1.77 9.55 -6.80
C THR A 72 2.15 9.23 -5.36
N TRP A 73 1.41 9.79 -4.39
CA TRP A 73 1.65 9.57 -2.98
C TRP A 73 1.20 8.16 -2.59
N LEU A 74 0.22 7.60 -3.29
CA LEU A 74 -0.30 6.27 -2.99
C LEU A 74 0.53 5.18 -3.68
N TYR A 75 1.00 5.44 -4.90
CA TYR A 75 1.75 4.44 -5.63
C TYR A 75 3.13 4.19 -5.01
N ARG A 76 3.64 5.15 -4.22
CA ARG A 76 4.88 4.89 -3.49
C ARG A 76 4.60 4.03 -2.27
N ILE A 77 3.36 4.00 -1.77
CA ILE A 77 3.03 3.11 -0.66
C ILE A 77 3.01 1.66 -1.17
N ALA A 78 2.53 1.46 -2.40
CA ALA A 78 2.33 0.12 -2.94
C ALA A 78 3.64 -0.57 -3.30
N VAL A 79 4.60 0.18 -3.87
CA VAL A 79 5.87 -0.44 -4.26
C VAL A 79 6.80 -0.60 -3.06
N ASN A 80 6.66 0.27 -2.04
CA ASN A 80 7.47 0.15 -0.84
C ASN A 80 6.94 -0.98 0.05
N THR A 81 5.65 -1.33 -0.10
CA THR A 81 5.08 -2.45 0.64
C THR A 81 5.45 -3.76 -0.04
N ALA A 82 5.64 -3.74 -1.36
CA ALA A 82 5.99 -4.95 -2.10
C ALA A 82 7.46 -5.32 -1.87
N LYS A 83 8.34 -4.34 -1.69
CA LYS A 83 9.74 -4.60 -1.39
C LYS A 83 9.89 -5.03 0.06
N ASN A 84 8.98 -4.57 0.93
CA ASN A 84 8.95 -5.00 2.31
C ASN A 84 8.34 -6.40 2.41
N TYR A 85 7.55 -6.78 1.42
CA TYR A 85 6.90 -8.09 1.39
C TYR A 85 7.88 -9.18 0.97
N LEU A 86 8.80 -8.86 0.05
CA LEU A 86 9.77 -9.84 -0.40
C LEU A 86 10.83 -10.11 0.67
N VAL A 87 11.07 -9.17 1.59
CA VAL A 87 12.01 -9.42 2.68
C VAL A 87 11.28 -10.06 3.87
N ALA A 88 9.95 -9.94 3.93
CA ALA A 88 9.19 -10.60 4.99
C ALA A 88 9.15 -12.11 4.77
N GLN A 89 9.26 -12.54 3.50
CA GLN A 89 9.32 -13.94 3.14
C GLN A 89 10.76 -14.36 2.86
N GLY A 90 11.62 -13.42 2.48
CA GLY A 90 13.01 -13.72 2.18
C GLY A 90 13.80 -13.97 3.46
N ARG A 91 13.34 -13.43 4.59
CA ARG A 91 13.96 -13.65 5.89
C ARG A 91 13.36 -14.87 6.60
N ARG A 92 12.46 -15.59 5.91
CA ARG A 92 11.85 -16.82 6.43
C ARG A 92 12.16 -17.98 5.48
N LEU A 93 13.10 -17.76 4.55
CA LEU A 93 13.52 -18.73 3.56
C LEU A 93 15.02 -18.58 3.28
N GLU A 94 15.73 -17.84 4.13
CA GLU A 94 17.14 -17.52 3.93
C GLU A 94 18.03 -18.75 4.06
N LEU A 95 17.56 -19.79 4.76
CA LEU A 95 18.33 -21.02 4.93
C LEU A 95 17.40 -22.24 5.07
N VAL A 96 16.20 -22.03 5.63
CA VAL A 96 15.23 -23.09 5.80
C VAL A 96 13.82 -22.47 5.80
N PRO A 97 12.85 -23.09 5.12
CA PRO A 97 11.49 -22.58 5.04
C PRO A 97 10.79 -22.67 6.40
N ARG A 98 10.21 -21.56 6.84
CA ARG A 98 9.46 -21.46 8.08
C ARG A 98 10.20 -21.98 9.31
N GLY A 99 11.53 -22.12 9.23
CA GLY A 99 12.34 -22.62 10.34
C GLY A 99 13.39 -21.61 10.78
N SER A 100 13.45 -20.44 10.13
CA SER A 100 14.42 -19.41 10.44
C SER A 100 13.92 -18.51 11.58
N HIS A 101 14.86 -17.85 12.26
CA HIS A 101 14.56 -16.95 13.37
C HIS A 101 15.57 -15.82 13.42
N HIS A 102 15.21 -14.73 14.11
CA HIS A 102 16.05 -13.54 14.22
C HIS A 102 16.04 -12.99 15.64
N HIS A 103 15.58 -13.79 16.61
CA HIS A 103 15.52 -13.40 18.00
C HIS A 103 16.90 -13.50 18.66
N HIS A 104 17.08 -12.78 19.77
CA HIS A 104 18.34 -12.75 20.51
C HIS A 104 18.09 -12.89 22.02
N HIS A 105 16.88 -13.28 22.41
CA HIS A 105 16.52 -13.44 23.82
C HIS A 105 17.18 -14.69 24.41
N HIS A 106 17.37 -14.70 25.73
CA HIS A 106 17.99 -15.80 26.45
C HIS A 106 17.37 -15.95 27.84
N MET A 1 -16.65 21.63 -14.34
CA MET A 1 -17.58 20.75 -13.61
C MET A 1 -17.42 19.30 -14.08
N SER A 2 -17.57 18.34 -13.15
CA SER A 2 -17.46 16.93 -13.47
C SER A 2 -18.58 16.11 -12.82
N GLU A 3 -19.46 16.77 -12.06
CA GLU A 3 -20.60 16.17 -11.37
C GLU A 3 -20.27 14.89 -10.58
N GLN A 4 -19.01 14.74 -10.16
CA GLN A 4 -18.58 13.59 -9.36
C GLN A 4 -17.53 13.98 -8.34
N LEU A 5 -17.21 13.04 -7.44
CA LEU A 5 -16.21 13.21 -6.41
C LEU A 5 -14.88 12.60 -6.88
N THR A 6 -13.78 13.11 -6.34
CA THR A 6 -12.43 12.72 -6.75
C THR A 6 -11.54 12.57 -5.51
N ASP A 7 -10.31 12.08 -5.69
CA ASP A 7 -9.38 11.86 -4.59
C ASP A 7 -9.14 13.14 -3.78
N GLN A 8 -9.49 14.30 -4.33
CA GLN A 8 -9.38 15.56 -3.61
C GLN A 8 -10.33 15.58 -2.42
N VAL A 9 -11.61 15.31 -2.67
CA VAL A 9 -12.65 15.36 -1.65
C VAL A 9 -12.74 14.04 -0.89
N LEU A 10 -12.33 12.94 -1.52
CA LEU A 10 -12.35 11.64 -0.87
C LEU A 10 -11.25 11.56 0.20
N VAL A 11 -10.14 12.28 0.04
CA VAL A 11 -9.11 12.28 1.06
C VAL A 11 -9.46 13.27 2.17
N GLU A 12 -10.22 14.32 1.86
CA GLU A 12 -10.66 15.25 2.90
C GLU A 12 -11.73 14.59 3.77
N ARG A 13 -12.59 13.76 3.17
CA ARG A 13 -13.69 13.13 3.87
C ARG A 13 -13.21 12.05 4.84
N VAL A 14 -12.19 11.29 4.47
CA VAL A 14 -11.65 10.25 5.35
C VAL A 14 -10.87 10.87 6.50
N GLN A 15 -10.37 12.10 6.31
CA GLN A 15 -9.68 12.83 7.38
C GLN A 15 -10.71 13.43 8.35
N LYS A 16 -11.97 13.57 7.91
CA LYS A 16 -13.07 13.96 8.76
C LYS A 16 -13.57 12.80 9.60
N GLY A 17 -13.05 11.59 9.37
CA GLY A 17 -13.39 10.41 10.14
C GLY A 17 -14.35 9.48 9.40
N ASP A 18 -14.72 9.82 8.17
CA ASP A 18 -15.61 9.00 7.37
C ASP A 18 -14.79 7.96 6.59
N GLN A 19 -14.48 6.84 7.25
CA GLN A 19 -13.68 5.78 6.66
C GLN A 19 -14.41 5.14 5.48
N LYS A 20 -15.73 5.31 5.41
CA LYS A 20 -16.54 4.80 4.31
C LYS A 20 -16.10 5.39 2.98
N ALA A 21 -15.48 6.59 3.01
CA ALA A 21 -15.01 7.22 1.80
C ALA A 21 -13.65 6.69 1.39
N PHE A 22 -12.92 6.06 2.32
CA PHE A 22 -11.64 5.45 2.00
C PHE A 22 -11.89 4.14 1.27
N ASN A 23 -12.93 3.41 1.67
CA ASN A 23 -13.29 2.16 1.03
C ASN A 23 -13.63 2.43 -0.44
N LEU A 24 -14.37 3.51 -0.70
CA LEU A 24 -14.73 3.89 -2.05
C LEU A 24 -13.55 4.52 -2.80
N LEU A 25 -12.54 4.99 -2.08
CA LEU A 25 -11.35 5.57 -2.69
C LEU A 25 -10.37 4.48 -3.13
N VAL A 26 -10.17 3.44 -2.32
CA VAL A 26 -9.19 2.42 -2.67
C VAL A 26 -9.68 1.56 -3.83
N VAL A 27 -10.99 1.42 -4.05
CA VAL A 27 -11.47 0.60 -5.17
C VAL A 27 -11.10 1.24 -6.51
N ARG A 28 -10.94 2.56 -6.55
CA ARG A 28 -10.54 3.25 -7.76
C ARG A 28 -9.09 2.92 -8.07
N TYR A 29 -8.30 2.70 -7.03
CA TYR A 29 -6.90 2.38 -7.14
C TYR A 29 -6.63 0.88 -7.01
N GLN A 30 -7.62 0.07 -6.64
CA GLN A 30 -7.41 -1.34 -6.42
C GLN A 30 -6.99 -2.04 -7.71
N HIS A 31 -7.42 -1.52 -8.86
CA HIS A 31 -7.01 -2.04 -10.15
C HIS A 31 -5.71 -1.41 -10.62
N LYS A 32 -5.47 -0.14 -10.26
CA LYS A 32 -4.30 0.59 -10.74
C LYS A 32 -3.05 0.26 -9.93
N VAL A 33 -3.22 -0.01 -8.64
CA VAL A 33 -2.13 -0.34 -7.74
C VAL A 33 -1.68 -1.77 -8.01
N ALA A 34 -2.63 -2.65 -8.30
CA ALA A 34 -2.32 -4.03 -8.63
C ALA A 34 -1.49 -4.12 -9.89
N SER A 35 -1.61 -3.14 -10.79
CA SER A 35 -0.87 -3.14 -12.05
C SER A 35 0.59 -2.81 -11.82
N LEU A 36 0.88 -1.72 -11.08
CA LEU A 36 2.25 -1.30 -10.87
C LEU A 36 2.96 -2.20 -9.88
N VAL A 37 2.22 -2.86 -8.99
CA VAL A 37 2.83 -3.73 -7.99
C VAL A 37 3.04 -5.15 -8.52
N SER A 38 2.37 -5.53 -9.62
CA SER A 38 2.51 -6.86 -10.20
C SER A 38 3.91 -7.08 -10.77
N ARG A 39 4.73 -6.01 -10.90
CA ARG A 39 6.12 -6.16 -11.33
C ARG A 39 7.06 -6.29 -10.14
N TYR A 40 6.54 -6.18 -8.92
CA TYR A 40 7.34 -6.29 -7.71
C TYR A 40 6.95 -7.55 -6.91
N VAL A 41 5.77 -8.10 -7.15
CA VAL A 41 5.35 -9.37 -6.56
C VAL A 41 4.54 -10.16 -7.59
N PRO A 42 4.52 -11.50 -7.50
CA PRO A 42 3.83 -12.36 -8.45
C PRO A 42 2.31 -12.25 -8.31
N SER A 43 1.59 -12.82 -9.27
CA SER A 43 0.14 -12.72 -9.33
C SER A 43 -0.55 -13.42 -8.16
N GLY A 44 0.20 -14.21 -7.39
CA GLY A 44 -0.35 -14.89 -6.22
C GLY A 44 -0.26 -14.03 -4.94
N ASP A 45 0.61 -13.02 -4.93
CA ASP A 45 0.84 -12.19 -3.76
C ASP A 45 0.43 -10.73 -4.00
N VAL A 46 0.05 -10.38 -5.24
CA VAL A 46 -0.36 -9.03 -5.55
C VAL A 46 -1.63 -8.57 -4.83
N PRO A 47 -2.64 -9.43 -4.57
CA PRO A 47 -3.87 -8.95 -3.98
C PRO A 47 -3.69 -8.63 -2.49
N ASP A 48 -2.71 -9.27 -1.85
CA ASP A 48 -2.47 -9.06 -0.43
C ASP A 48 -1.59 -7.83 -0.22
N VAL A 49 -0.75 -7.49 -1.19
CA VAL A 49 0.12 -6.33 -1.09
C VAL A 49 -0.66 -5.05 -1.43
N VAL A 50 -1.67 -5.15 -2.29
CA VAL A 50 -2.54 -4.01 -2.56
C VAL A 50 -3.38 -3.73 -1.32
N GLN A 51 -3.79 -4.78 -0.60
CA GLN A 51 -4.56 -4.61 0.61
C GLN A 51 -3.67 -4.01 1.71
N GLU A 52 -2.45 -4.51 1.86
CA GLU A 52 -1.55 -3.97 2.89
C GLU A 52 -1.16 -2.54 2.52
N ALA A 53 -1.10 -2.22 1.23
CA ALA A 53 -0.77 -0.87 0.80
C ALA A 53 -1.90 0.09 1.17
N PHE A 54 -3.16 -0.37 1.12
CA PHE A 54 -4.29 0.45 1.51
C PHE A 54 -4.41 0.55 3.02
N ILE A 55 -4.06 -0.50 3.77
CA ILE A 55 -4.10 -0.44 5.23
C ILE A 55 -2.98 0.47 5.72
N LYS A 56 -1.82 0.43 5.05
CA LYS A 56 -0.67 1.24 5.38
C LYS A 56 -0.87 2.68 4.92
N ALA A 57 -1.57 2.86 3.79
CA ALA A 57 -1.82 4.18 3.26
C ALA A 57 -2.75 4.94 4.18
N TYR A 58 -3.80 4.31 4.71
CA TYR A 58 -4.76 4.99 5.55
C TYR A 58 -4.10 5.51 6.83
N ARG A 59 -3.17 4.74 7.39
CA ARG A 59 -2.44 5.13 8.60
C ARG A 59 -1.46 6.26 8.32
N ALA A 60 -1.10 6.45 7.05
CA ALA A 60 -0.22 7.53 6.62
C ALA A 60 -1.01 8.67 5.97
N LEU A 61 -2.29 8.45 5.67
CA LEU A 61 -3.14 9.42 5.00
C LEU A 61 -3.53 10.53 5.98
N ASP A 62 -3.51 10.22 7.27
CA ASP A 62 -3.72 11.22 8.32
C ASP A 62 -2.56 12.23 8.34
N SER A 63 -1.49 11.95 7.59
CA SER A 63 -0.33 12.81 7.49
C SER A 63 -0.21 13.43 6.10
N PHE A 64 -1.14 13.12 5.19
CA PHE A 64 -1.17 13.71 3.87
C PHE A 64 -1.63 15.16 3.95
N ARG A 65 -1.11 16.00 3.06
CA ARG A 65 -1.39 17.44 3.09
C ARG A 65 -1.44 18.07 1.70
N GLY A 66 -1.51 17.26 0.64
CA GLY A 66 -1.63 17.76 -0.72
C GLY A 66 -0.33 18.34 -1.26
N ASP A 67 0.81 18.03 -0.63
CA ASP A 67 2.11 18.49 -1.10
C ASP A 67 2.47 17.84 -2.44
N SER A 68 1.73 16.80 -2.81
CA SER A 68 1.89 16.10 -4.08
C SER A 68 0.54 15.48 -4.47
N ALA A 69 0.43 14.98 -5.70
CA ALA A 69 -0.81 14.36 -6.15
C ALA A 69 -1.05 13.06 -5.37
N PHE A 70 -2.32 12.76 -5.08
CA PHE A 70 -2.65 11.61 -4.26
C PHE A 70 -2.26 10.30 -4.94
N TYR A 71 -2.35 10.23 -6.27
CA TYR A 71 -2.05 8.99 -6.96
C TYR A 71 -0.55 8.70 -6.88
N THR A 72 0.30 9.73 -6.98
CA THR A 72 1.74 9.53 -6.88
C THR A 72 2.09 9.18 -5.45
N TRP A 73 1.42 9.80 -4.49
CA TRP A 73 1.68 9.56 -3.08
C TRP A 73 1.25 8.15 -2.68
N LEU A 74 0.18 7.64 -3.30
CA LEU A 74 -0.35 6.31 -2.97
C LEU A 74 0.48 5.21 -3.62
N TYR A 75 0.97 5.46 -4.84
CA TYR A 75 1.76 4.46 -5.54
C TYR A 75 3.12 4.25 -4.89
N ARG A 76 3.59 5.21 -4.09
CA ARG A 76 4.81 5.05 -3.31
C ARG A 76 4.57 4.10 -2.14
N ILE A 77 3.32 4.01 -1.66
CA ILE A 77 2.99 3.10 -0.58
C ILE A 77 2.97 1.68 -1.10
N ALA A 78 2.50 1.48 -2.34
CA ALA A 78 2.32 0.15 -2.89
C ALA A 78 3.66 -0.51 -3.26
N VAL A 79 4.63 0.25 -3.76
CA VAL A 79 5.90 -0.32 -4.17
C VAL A 79 6.81 -0.51 -2.95
N ASN A 80 6.67 0.32 -1.92
CA ASN A 80 7.46 0.18 -0.72
C ASN A 80 6.94 -0.98 0.13
N THR A 81 5.65 -1.32 -0.01
CA THR A 81 5.07 -2.45 0.72
C THR A 81 5.44 -3.75 0.02
N ALA A 82 5.64 -3.73 -1.30
CA ALA A 82 5.97 -4.94 -2.04
C ALA A 82 7.41 -5.37 -1.80
N LYS A 83 8.32 -4.41 -1.59
CA LYS A 83 9.70 -4.74 -1.29
C LYS A 83 9.83 -5.18 0.16
N ASN A 84 8.97 -4.65 1.04
CA ASN A 84 8.94 -5.07 2.43
C ASN A 84 8.27 -6.44 2.56
N TYR A 85 7.41 -6.80 1.60
CA TYR A 85 6.73 -8.07 1.60
C TYR A 85 7.66 -9.21 1.18
N LEU A 86 8.55 -8.95 0.22
CA LEU A 86 9.46 -9.98 -0.26
C LEU A 86 10.54 -10.31 0.77
N VAL A 87 10.86 -9.39 1.69
CA VAL A 87 11.84 -9.69 2.73
C VAL A 87 11.16 -10.29 3.96
N ALA A 88 9.86 -10.06 4.15
CA ALA A 88 9.14 -10.61 5.28
C ALA A 88 8.92 -12.12 5.12
N GLN A 89 8.97 -12.61 3.87
CA GLN A 89 8.87 -14.03 3.59
C GLN A 89 10.20 -14.55 3.05
N GLY A 90 11.12 -13.65 2.70
CA GLY A 90 12.45 -14.00 2.19
C GLY A 90 13.50 -14.04 3.28
N ARG A 91 13.14 -13.73 4.53
CA ARG A 91 14.08 -13.77 5.65
C ARG A 91 13.67 -14.80 6.70
N ARG A 92 12.57 -15.53 6.47
CA ARG A 92 12.15 -16.56 7.41
C ARG A 92 13.13 -17.73 7.35
N LEU A 93 13.61 -18.15 8.53
CA LEU A 93 14.60 -19.22 8.67
C LEU A 93 15.84 -18.98 7.79
N GLU A 94 16.09 -17.72 7.43
CA GLU A 94 17.21 -17.35 6.56
C GLU A 94 17.97 -16.14 7.12
N LEU A 95 17.55 -15.64 8.30
CA LEU A 95 18.20 -14.52 8.95
C LEU A 95 18.53 -14.85 10.41
N VAL A 96 17.93 -15.91 10.95
CA VAL A 96 18.17 -16.36 12.32
C VAL A 96 17.91 -17.86 12.40
N PRO A 97 18.78 -18.64 13.06
CA PRO A 97 18.66 -20.08 13.16
C PRO A 97 17.55 -20.54 14.11
N ARG A 98 16.82 -19.58 14.71
CA ARG A 98 15.73 -19.86 15.64
C ARG A 98 14.43 -19.24 15.15
N GLY A 99 14.34 -18.95 13.85
CA GLY A 99 13.16 -18.35 13.25
C GLY A 99 11.96 -19.28 13.26
N SER A 100 10.80 -18.75 12.85
CA SER A 100 9.54 -19.48 12.83
C SER A 100 8.64 -18.91 11.73
N HIS A 101 7.49 -19.55 11.50
CA HIS A 101 6.55 -19.14 10.47
C HIS A 101 5.43 -18.25 11.05
N HIS A 102 5.43 -18.07 12.38
CA HIS A 102 4.45 -17.25 13.06
C HIS A 102 5.06 -16.64 14.32
N HIS A 103 4.56 -15.48 14.74
CA HIS A 103 5.10 -14.73 15.87
C HIS A 103 6.60 -14.47 15.72
N HIS A 104 7.07 -14.44 14.47
CA HIS A 104 8.48 -14.25 14.14
C HIS A 104 8.87 -12.77 14.09
N HIS A 105 7.96 -11.88 14.48
CA HIS A 105 8.19 -10.45 14.50
C HIS A 105 7.60 -9.83 15.76
N HIS A 106 8.17 -8.70 16.19
CA HIS A 106 7.78 -8.03 17.42
C HIS A 106 7.80 -6.52 17.24
N MET A 1 -15.48 23.13 -13.51
CA MET A 1 -16.14 22.65 -12.29
C MET A 1 -16.85 21.32 -12.55
N SER A 2 -17.17 20.58 -11.47
CA SER A 2 -17.84 19.29 -11.56
C SER A 2 -18.73 19.08 -10.34
N GLU A 3 -19.68 18.14 -10.43
CA GLU A 3 -20.57 17.79 -9.34
C GLU A 3 -20.25 16.42 -8.77
N GLN A 4 -19.22 15.76 -9.32
CA GLN A 4 -18.75 14.45 -8.85
C GLN A 4 -17.58 14.63 -7.89
N LEU A 5 -17.10 13.52 -7.34
CA LEU A 5 -16.05 13.53 -6.33
C LEU A 5 -14.80 12.82 -6.84
N THR A 6 -13.64 13.26 -6.31
CA THR A 6 -12.33 12.79 -6.74
C THR A 6 -11.44 12.62 -5.51
N ASP A 7 -10.23 12.08 -5.70
CA ASP A 7 -9.30 11.82 -4.61
C ASP A 7 -9.01 13.08 -3.78
N GLN A 8 -9.29 14.26 -4.32
CA GLN A 8 -9.10 15.50 -3.58
C GLN A 8 -10.06 15.56 -2.39
N VAL A 9 -11.36 15.35 -2.66
CA VAL A 9 -12.40 15.44 -1.64
C VAL A 9 -12.53 14.12 -0.89
N LEU A 10 -12.18 13.00 -1.53
CA LEU A 10 -12.24 11.70 -0.88
C LEU A 10 -11.16 11.58 0.19
N VAL A 11 -10.03 12.28 0.05
CA VAL A 11 -9.00 12.25 1.08
C VAL A 11 -9.35 13.23 2.20
N GLU A 12 -10.08 14.30 1.89
CA GLU A 12 -10.53 15.22 2.93
C GLU A 12 -11.62 14.57 3.77
N ARG A 13 -12.50 13.78 3.15
CA ARG A 13 -13.63 13.19 3.82
C ARG A 13 -13.20 12.08 4.79
N VAL A 14 -12.16 11.31 4.45
CA VAL A 14 -11.66 10.27 5.34
C VAL A 14 -10.91 10.88 6.51
N GLN A 15 -10.37 12.10 6.35
CA GLN A 15 -9.72 12.82 7.43
C GLN A 15 -10.76 13.48 8.33
N LYS A 16 -12.01 13.58 7.87
CA LYS A 16 -13.12 14.13 8.64
C LYS A 16 -13.88 13.05 9.40
N GLY A 17 -13.42 11.79 9.33
CA GLY A 17 -13.97 10.70 10.13
C GLY A 17 -14.84 9.73 9.34
N ASP A 18 -15.02 9.97 8.03
CA ASP A 18 -15.81 9.08 7.19
C ASP A 18 -14.88 8.07 6.51
N GLN A 19 -14.57 6.98 7.23
CA GLN A 19 -13.71 5.92 6.71
C GLN A 19 -14.37 5.21 5.53
N LYS A 20 -15.70 5.34 5.42
CA LYS A 20 -16.46 4.77 4.31
C LYS A 20 -16.05 5.38 2.98
N ALA A 21 -15.47 6.59 3.01
CA ALA A 21 -15.00 7.23 1.79
C ALA A 21 -13.62 6.70 1.40
N PHE A 22 -12.90 6.08 2.33
CA PHE A 22 -11.61 5.48 2.01
C PHE A 22 -11.85 4.15 1.29
N ASN A 23 -12.88 3.42 1.70
CA ASN A 23 -13.24 2.16 1.06
C ASN A 23 -13.58 2.41 -0.40
N LEU A 24 -14.31 3.49 -0.68
CA LEU A 24 -14.70 3.87 -2.02
C LEU A 24 -13.53 4.51 -2.78
N LEU A 25 -12.51 4.98 -2.05
CA LEU A 25 -11.34 5.57 -2.67
C LEU A 25 -10.36 4.47 -3.13
N VAL A 26 -10.14 3.44 -2.30
CA VAL A 26 -9.16 2.43 -2.67
C VAL A 26 -9.66 1.56 -3.82
N VAL A 27 -10.97 1.41 -4.03
CA VAL A 27 -11.45 0.60 -5.15
C VAL A 27 -11.10 1.23 -6.48
N ARG A 28 -10.95 2.56 -6.52
CA ARG A 28 -10.56 3.24 -7.75
C ARG A 28 -9.11 2.91 -8.07
N TYR A 29 -8.31 2.69 -7.02
CA TYR A 29 -6.91 2.37 -7.16
C TYR A 29 -6.64 0.87 -7.03
N GLN A 30 -7.63 0.07 -6.65
CA GLN A 30 -7.43 -1.35 -6.42
C GLN A 30 -7.02 -2.06 -7.72
N HIS A 31 -7.47 -1.54 -8.86
CA HIS A 31 -7.07 -2.08 -10.16
C HIS A 31 -5.77 -1.45 -10.66
N LYS A 32 -5.52 -0.18 -10.31
CA LYS A 32 -4.35 0.54 -10.81
C LYS A 32 -3.09 0.20 -10.02
N VAL A 33 -3.25 -0.01 -8.71
CA VAL A 33 -2.14 -0.35 -7.83
C VAL A 33 -1.71 -1.79 -8.10
N ALA A 34 -2.68 -2.67 -8.36
CA ALA A 34 -2.38 -4.04 -8.67
C ALA A 34 -1.61 -4.17 -9.98
N SER A 35 -1.73 -3.18 -10.87
CA SER A 35 -1.04 -3.21 -12.15
C SER A 35 0.46 -2.93 -11.98
N LEU A 36 0.81 -1.91 -11.19
CA LEU A 36 2.20 -1.54 -11.01
C LEU A 36 2.88 -2.43 -9.96
N VAL A 37 2.12 -2.95 -9.00
CA VAL A 37 2.71 -3.78 -7.95
C VAL A 37 2.86 -5.23 -8.40
N SER A 38 2.18 -5.63 -9.48
CA SER A 38 2.37 -6.96 -10.07
C SER A 38 3.75 -7.05 -10.72
N ARG A 39 4.44 -5.90 -10.84
CA ARG A 39 5.79 -5.82 -11.37
C ARG A 39 6.83 -6.05 -10.27
N TYR A 40 6.39 -6.18 -9.02
CA TYR A 40 7.27 -6.36 -7.87
C TYR A 40 6.97 -7.64 -7.09
N VAL A 41 5.79 -8.23 -7.30
CA VAL A 41 5.39 -9.51 -6.69
C VAL A 41 4.58 -10.32 -7.69
N PRO A 42 4.57 -11.65 -7.57
CA PRO A 42 3.83 -12.54 -8.46
C PRO A 42 2.33 -12.37 -8.28
N SER A 43 1.55 -12.87 -9.24
CA SER A 43 0.11 -12.70 -9.26
C SER A 43 -0.59 -13.43 -8.10
N GLY A 44 0.15 -14.27 -7.37
CA GLY A 44 -0.42 -14.98 -6.21
C GLY A 44 -0.28 -14.16 -4.94
N ASP A 45 0.60 -13.16 -4.91
CA ASP A 45 0.83 -12.32 -3.75
C ASP A 45 0.46 -10.86 -4.04
N VAL A 46 0.11 -10.54 -5.28
CA VAL A 46 -0.18 -9.17 -5.68
C VAL A 46 -1.45 -8.60 -5.03
N PRO A 47 -2.51 -9.38 -4.73
CA PRO A 47 -3.73 -8.81 -4.18
C PRO A 47 -3.58 -8.51 -2.69
N ASP A 48 -2.65 -9.20 -2.02
CA ASP A 48 -2.44 -9.03 -0.59
C ASP A 48 -1.55 -7.82 -0.33
N VAL A 49 -0.67 -7.49 -1.27
CA VAL A 49 0.20 -6.32 -1.15
C VAL A 49 -0.58 -5.06 -1.47
N VAL A 50 -1.61 -5.14 -2.32
CA VAL A 50 -2.49 -4.01 -2.57
C VAL A 50 -3.31 -3.74 -1.31
N GLN A 51 -3.72 -4.80 -0.59
CA GLN A 51 -4.50 -4.64 0.62
C GLN A 51 -3.63 -4.08 1.73
N GLU A 52 -2.40 -4.58 1.88
CA GLU A 52 -1.51 -4.08 2.93
C GLU A 52 -1.08 -2.65 2.61
N ALA A 53 -1.05 -2.29 1.33
CA ALA A 53 -0.72 -0.93 0.94
C ALA A 53 -1.87 0.01 1.29
N PHE A 54 -3.12 -0.43 1.14
CA PHE A 54 -4.27 0.38 1.52
C PHE A 54 -4.41 0.48 3.03
N ILE A 55 -4.07 -0.59 3.78
CA ILE A 55 -4.16 -0.56 5.23
C ILE A 55 -3.07 0.38 5.77
N LYS A 56 -1.88 0.31 5.18
CA LYS A 56 -0.75 1.14 5.59
C LYS A 56 -0.90 2.57 5.07
N ALA A 57 -1.59 2.75 3.93
CA ALA A 57 -1.81 4.06 3.38
C ALA A 57 -2.78 4.84 4.26
N TYR A 58 -3.84 4.20 4.76
CA TYR A 58 -4.82 4.89 5.57
C TYR A 58 -4.20 5.46 6.85
N ARG A 59 -3.28 4.69 7.44
CA ARG A 59 -2.59 5.09 8.67
C ARG A 59 -1.60 6.22 8.39
N ALA A 60 -1.14 6.32 7.15
CA ALA A 60 -0.25 7.38 6.72
C ALA A 60 -1.02 8.53 6.06
N LEU A 61 -2.31 8.33 5.77
CA LEU A 61 -3.13 9.32 5.08
C LEU A 61 -3.52 10.43 6.04
N ASP A 62 -3.51 10.14 7.34
CA ASP A 62 -3.72 11.14 8.38
C ASP A 62 -2.55 12.13 8.41
N SER A 63 -1.46 11.81 7.70
CA SER A 63 -0.28 12.66 7.61
C SER A 63 -0.13 13.26 6.21
N PHE A 64 -1.09 13.02 5.32
CA PHE A 64 -1.08 13.61 3.99
C PHE A 64 -1.45 15.09 4.08
N ARG A 65 -0.84 15.92 3.23
CA ARG A 65 -1.01 17.37 3.29
C ARG A 65 -1.27 18.01 1.92
N GLY A 66 -1.37 17.19 0.87
CA GLY A 66 -1.69 17.68 -0.46
C GLY A 66 -0.52 18.40 -1.14
N ASP A 67 0.70 18.26 -0.62
CA ASP A 67 1.88 18.86 -1.23
C ASP A 67 2.26 18.13 -2.53
N SER A 68 1.57 17.02 -2.82
CA SER A 68 1.75 16.24 -4.03
C SER A 68 0.43 15.59 -4.41
N ALA A 69 0.33 15.01 -5.61
CA ALA A 69 -0.88 14.35 -6.05
C ALA A 69 -1.09 13.06 -5.26
N PHE A 70 -2.35 12.71 -5.00
CA PHE A 70 -2.66 11.54 -4.18
C PHE A 70 -2.24 10.25 -4.88
N TYR A 71 -2.32 10.19 -6.21
CA TYR A 71 -1.97 8.96 -6.90
C TYR A 71 -0.47 8.71 -6.83
N THR A 72 0.36 9.77 -6.90
CA THR A 72 1.79 9.61 -6.81
C THR A 72 2.17 9.26 -5.36
N TRP A 73 1.41 9.79 -4.41
CA TRP A 73 1.67 9.54 -2.99
C TRP A 73 1.22 8.14 -2.59
N LEU A 74 0.22 7.57 -3.29
CA LEU A 74 -0.29 6.25 -2.99
C LEU A 74 0.53 5.18 -3.69
N TYR A 75 1.00 5.45 -4.92
CA TYR A 75 1.77 4.46 -5.66
C TYR A 75 3.15 4.24 -5.05
N ARG A 76 3.65 5.19 -4.25
CA ARG A 76 4.88 4.96 -3.51
C ARG A 76 4.63 4.06 -2.30
N ILE A 77 3.39 4.02 -1.79
CA ILE A 77 3.07 3.09 -0.70
C ILE A 77 3.06 1.67 -1.24
N ALA A 78 2.51 1.47 -2.44
CA ALA A 78 2.31 0.14 -2.99
C ALA A 78 3.62 -0.53 -3.38
N VAL A 79 4.56 0.20 -3.98
CA VAL A 79 5.82 -0.40 -4.41
C VAL A 79 6.75 -0.61 -3.23
N ASN A 80 6.66 0.23 -2.20
CA ASN A 80 7.50 0.07 -1.02
C ASN A 80 6.96 -1.04 -0.12
N THR A 81 5.67 -1.41 -0.28
CA THR A 81 5.09 -2.50 0.48
C THR A 81 5.41 -3.83 -0.20
N ALA A 82 5.64 -3.84 -1.51
CA ALA A 82 5.99 -5.05 -2.22
C ALA A 82 7.44 -5.45 -1.91
N LYS A 83 8.32 -4.46 -1.77
CA LYS A 83 9.70 -4.71 -1.39
C LYS A 83 9.76 -5.07 0.09
N ASN A 84 8.82 -4.56 0.87
CA ASN A 84 8.69 -4.84 2.30
C ASN A 84 8.13 -6.24 2.53
N TYR A 85 7.30 -6.71 1.59
CA TYR A 85 6.61 -7.99 1.74
C TYR A 85 7.55 -9.16 1.45
N LEU A 86 8.47 -8.98 0.50
CA LEU A 86 9.41 -10.02 0.14
C LEU A 86 10.57 -10.14 1.12
N VAL A 87 10.90 -9.07 1.86
CA VAL A 87 11.95 -9.16 2.87
C VAL A 87 11.38 -9.59 4.22
N ALA A 88 10.07 -9.40 4.44
CA ALA A 88 9.45 -9.81 5.68
C ALA A 88 9.29 -11.33 5.72
N GLN A 89 9.47 -12.00 4.57
CA GLN A 89 9.40 -13.44 4.47
C GLN A 89 10.73 -14.02 4.03
N GLY A 90 11.60 -13.20 3.42
CA GLY A 90 12.92 -13.64 3.00
C GLY A 90 13.93 -13.60 4.13
N ARG A 91 13.68 -12.79 5.18
CA ARG A 91 14.54 -12.69 6.35
C ARG A 91 14.27 -13.84 7.32
N ARG A 92 13.35 -14.75 6.98
CA ARG A 92 13.00 -15.89 7.80
C ARG A 92 13.71 -17.16 7.34
N LEU A 93 14.49 -17.07 6.25
CA LEU A 93 15.18 -18.22 5.68
C LEU A 93 16.58 -17.85 5.19
N GLU A 94 17.07 -16.66 5.58
CA GLU A 94 18.38 -16.17 5.20
C GLU A 94 19.22 -15.86 6.46
N LEU A 95 18.77 -16.35 7.61
CA LEU A 95 19.44 -16.16 8.91
C LEU A 95 19.64 -14.68 9.26
N VAL A 96 18.85 -13.79 8.66
CA VAL A 96 18.91 -12.37 8.97
C VAL A 96 18.13 -12.12 10.27
N PRO A 97 18.68 -11.32 11.19
CA PRO A 97 18.04 -11.02 12.47
C PRO A 97 16.78 -10.16 12.28
N ARG A 98 15.93 -10.16 13.31
CA ARG A 98 14.67 -9.40 13.33
C ARG A 98 13.78 -9.69 12.12
N GLY A 99 13.96 -10.85 11.47
CA GLY A 99 13.13 -11.25 10.35
C GLY A 99 11.76 -11.73 10.80
N SER A 100 11.60 -11.97 12.10
CA SER A 100 10.34 -12.42 12.69
C SER A 100 10.29 -11.99 14.16
N HIS A 101 9.12 -12.17 14.80
CA HIS A 101 8.93 -11.82 16.20
C HIS A 101 8.04 -12.86 16.88
N HIS A 102 8.13 -12.97 18.20
CA HIS A 102 7.41 -13.96 18.98
C HIS A 102 6.82 -13.34 20.25
N HIS A 103 6.67 -12.02 20.28
CA HIS A 103 6.16 -11.29 21.43
C HIS A 103 6.99 -11.56 22.69
N HIS A 104 8.24 -11.98 22.51
CA HIS A 104 9.15 -12.28 23.61
C HIS A 104 9.71 -11.00 24.23
N HIS A 105 10.33 -11.13 25.40
CA HIS A 105 10.92 -10.00 26.13
C HIS A 105 12.15 -10.45 26.91
N HIS A 106 12.93 -9.49 27.39
CA HIS A 106 14.15 -9.75 28.15
C HIS A 106 14.27 -8.77 29.32
N MET A 1 -13.99 20.49 -10.56
CA MET A 1 -15.30 20.41 -11.24
C MET A 1 -16.43 20.73 -10.26
N SER A 2 -17.55 21.25 -10.77
CA SER A 2 -18.70 21.61 -9.95
C SER A 2 -19.62 20.42 -9.66
N GLU A 3 -19.22 19.23 -10.10
CA GLU A 3 -20.01 18.02 -9.91
C GLU A 3 -19.08 16.82 -9.72
N GLN A 4 -19.61 15.72 -9.16
CA GLN A 4 -18.87 14.51 -8.83
C GLN A 4 -17.72 14.78 -7.85
N LEU A 5 -17.00 13.71 -7.48
CA LEU A 5 -15.94 13.78 -6.48
C LEU A 5 -14.65 13.15 -7.02
N THR A 6 -13.52 13.60 -6.48
CA THR A 6 -12.19 13.17 -6.92
C THR A 6 -11.31 12.97 -5.68
N ASP A 7 -10.08 12.47 -5.87
CA ASP A 7 -9.16 12.21 -4.76
C ASP A 7 -8.91 13.47 -3.93
N GLN A 8 -9.21 14.65 -4.47
CA GLN A 8 -9.06 15.90 -3.75
C GLN A 8 -9.99 15.90 -2.53
N VAL A 9 -11.28 15.65 -2.76
CA VAL A 9 -12.30 15.68 -1.72
C VAL A 9 -12.39 14.34 -1.00
N LEU A 10 -12.01 13.25 -1.67
CA LEU A 10 -12.03 11.93 -1.05
C LEU A 10 -10.92 11.80 -0.01
N VAL A 11 -9.81 12.52 -0.17
CA VAL A 11 -8.75 12.49 0.85
C VAL A 11 -9.10 13.44 1.98
N GLU A 12 -9.80 14.54 1.69
CA GLU A 12 -10.21 15.44 2.76
C GLU A 12 -11.24 14.75 3.65
N ARG A 13 -12.19 14.03 3.04
CA ARG A 13 -13.31 13.43 3.76
C ARG A 13 -12.87 12.27 4.66
N VAL A 14 -11.88 11.49 4.24
CA VAL A 14 -11.37 10.41 5.09
C VAL A 14 -10.58 10.99 6.27
N GLN A 15 -10.07 12.22 6.13
CA GLN A 15 -9.42 12.92 7.23
C GLN A 15 -10.47 13.53 8.16
N LYS A 16 -11.74 13.63 7.73
CA LYS A 16 -12.83 14.05 8.58
C LYS A 16 -13.33 12.88 9.45
N GLY A 17 -12.82 11.66 9.17
CA GLY A 17 -13.17 10.47 9.92
C GLY A 17 -14.14 9.56 9.15
N ASP A 18 -14.50 9.92 7.92
CA ASP A 18 -15.39 9.12 7.09
C ASP A 18 -14.57 8.07 6.35
N GLN A 19 -14.31 6.93 7.01
CA GLN A 19 -13.55 5.84 6.42
C GLN A 19 -14.28 5.25 5.21
N LYS A 20 -15.61 5.46 5.15
CA LYS A 20 -16.41 5.02 4.03
C LYS A 20 -15.98 5.67 2.73
N ALA A 21 -15.34 6.85 2.80
CA ALA A 21 -14.85 7.52 1.62
C ALA A 21 -13.51 6.96 1.19
N PHE A 22 -12.80 6.26 2.10
CA PHE A 22 -11.54 5.64 1.76
C PHE A 22 -11.80 4.35 0.99
N ASN A 23 -12.87 3.64 1.34
CA ASN A 23 -13.26 2.43 0.63
C ASN A 23 -13.59 2.76 -0.82
N LEU A 24 -14.28 3.88 -1.03
CA LEU A 24 -14.64 4.34 -2.36
C LEU A 24 -13.42 4.96 -3.06
N LEU A 25 -12.39 5.34 -2.30
CA LEU A 25 -11.17 5.89 -2.87
C LEU A 25 -10.21 4.79 -3.32
N VAL A 26 -9.98 3.76 -2.50
CA VAL A 26 -9.01 2.74 -2.86
C VAL A 26 -9.48 1.93 -4.03
N VAL A 27 -10.80 1.82 -4.28
CA VAL A 27 -11.28 0.99 -5.38
C VAL A 27 -10.96 1.64 -6.72
N ARG A 28 -10.82 2.97 -6.77
CA ARG A 28 -10.42 3.67 -8.00
C ARG A 28 -8.96 3.32 -8.31
N TYR A 29 -8.17 3.11 -7.27
CA TYR A 29 -6.75 2.81 -7.41
C TYR A 29 -6.45 1.33 -7.26
N GLN A 30 -7.42 0.51 -6.86
CA GLN A 30 -7.23 -0.92 -6.63
C GLN A 30 -6.83 -1.62 -7.93
N HIS A 31 -7.26 -1.08 -9.07
CA HIS A 31 -6.86 -1.60 -10.36
C HIS A 31 -5.53 -0.98 -10.79
N LYS A 32 -5.26 0.26 -10.37
CA LYS A 32 -4.06 0.97 -10.78
C LYS A 32 -2.81 0.48 -10.03
N VAL A 33 -2.93 0.26 -8.71
CA VAL A 33 -1.77 -0.16 -7.93
C VAL A 33 -1.53 -1.66 -8.06
N ALA A 34 -2.57 -2.44 -8.35
CA ALA A 34 -2.41 -3.87 -8.55
C ALA A 34 -1.68 -4.13 -9.86
N SER A 35 -1.71 -3.17 -10.79
CA SER A 35 -1.03 -3.30 -12.07
C SER A 35 0.47 -3.07 -11.91
N LEU A 36 0.85 -2.05 -11.14
CA LEU A 36 2.26 -1.73 -10.97
C LEU A 36 2.92 -2.63 -9.94
N VAL A 37 2.16 -3.20 -9.00
CA VAL A 37 2.71 -4.05 -7.96
C VAL A 37 2.80 -5.51 -8.42
N SER A 38 2.05 -5.87 -9.47
CA SER A 38 2.17 -7.18 -10.10
C SER A 38 3.58 -7.32 -10.71
N ARG A 39 4.31 -6.21 -10.82
CA ARG A 39 5.66 -6.17 -11.36
C ARG A 39 6.71 -6.38 -10.27
N TYR A 40 6.28 -6.49 -9.00
CA TYR A 40 7.19 -6.68 -7.88
C TYR A 40 6.86 -7.95 -7.10
N VAL A 41 5.65 -8.50 -7.25
CA VAL A 41 5.26 -9.76 -6.64
C VAL A 41 4.41 -10.58 -7.61
N PRO A 42 4.41 -11.92 -7.46
CA PRO A 42 3.64 -12.82 -8.30
C PRO A 42 2.14 -12.66 -8.04
N SER A 43 1.32 -13.17 -8.95
CA SER A 43 -0.13 -13.03 -8.87
C SER A 43 -0.74 -13.76 -7.68
N GLY A 44 0.04 -14.60 -7.00
CA GLY A 44 -0.44 -15.31 -5.82
C GLY A 44 -0.26 -14.49 -4.54
N ASP A 45 0.60 -13.47 -4.58
CA ASP A 45 0.87 -12.61 -3.44
C ASP A 45 0.45 -11.17 -3.71
N VAL A 46 0.05 -10.86 -4.95
CA VAL A 46 -0.31 -9.51 -5.33
C VAL A 46 -1.56 -8.97 -4.63
N PRO A 47 -2.59 -9.78 -4.30
CA PRO A 47 -3.81 -9.23 -3.73
C PRO A 47 -3.62 -8.88 -2.25
N ASP A 48 -2.68 -9.55 -1.57
CA ASP A 48 -2.44 -9.31 -0.16
C ASP A 48 -1.54 -8.09 0.02
N VAL A 49 -0.67 -7.82 -0.96
CA VAL A 49 0.21 -6.67 -0.92
C VAL A 49 -0.56 -5.40 -1.29
N VAL A 50 -1.62 -5.53 -2.09
CA VAL A 50 -2.49 -4.40 -2.40
C VAL A 50 -3.34 -4.05 -1.19
N GLN A 51 -3.73 -5.06 -0.40
CA GLN A 51 -4.51 -4.81 0.80
C GLN A 51 -3.62 -4.20 1.87
N GLU A 52 -2.40 -4.69 2.04
CA GLU A 52 -1.50 -4.13 3.04
C GLU A 52 -1.12 -2.71 2.65
N ALA A 53 -1.10 -2.41 1.34
CA ALA A 53 -0.77 -1.07 0.87
C ALA A 53 -1.90 -0.10 1.18
N PHE A 54 -3.15 -0.57 1.23
CA PHE A 54 -4.27 0.29 1.56
C PHE A 54 -4.46 0.42 3.07
N ILE A 55 -4.07 -0.61 3.83
CA ILE A 55 -4.11 -0.52 5.29
C ILE A 55 -3.00 0.41 5.76
N LYS A 56 -1.84 0.33 5.10
CA LYS A 56 -0.68 1.15 5.42
C LYS A 56 -0.88 2.58 4.93
N ALA A 57 -1.59 2.75 3.82
CA ALA A 57 -1.85 4.07 3.27
C ALA A 57 -2.79 4.84 4.19
N TYR A 58 -3.89 4.24 4.64
CA TYR A 58 -4.87 4.95 5.44
C TYR A 58 -4.26 5.50 6.73
N ARG A 59 -3.34 4.74 7.33
CA ARG A 59 -2.67 5.13 8.57
C ARG A 59 -1.66 6.24 8.31
N ALA A 60 -1.15 6.34 7.09
CA ALA A 60 -0.24 7.39 6.68
C ALA A 60 -0.97 8.56 6.04
N LEU A 61 -2.25 8.37 5.69
CA LEU A 61 -3.05 9.37 5.01
C LEU A 61 -3.50 10.46 5.97
N ASP A 62 -3.61 10.11 7.25
CA ASP A 62 -3.95 11.09 8.29
C ASP A 62 -2.79 12.07 8.49
N SER A 63 -1.63 11.75 7.93
CA SER A 63 -0.44 12.58 8.02
C SER A 63 -0.05 13.18 6.67
N PHE A 64 -0.81 12.87 5.61
CA PHE A 64 -0.54 13.44 4.29
C PHE A 64 -0.96 14.91 4.30
N ARG A 65 -0.07 15.79 3.83
CA ARG A 65 -0.29 17.23 3.91
C ARG A 65 -0.15 17.91 2.55
N GLY A 66 0.13 17.14 1.49
CA GLY A 66 0.23 17.69 0.15
C GLY A 66 -1.17 17.99 -0.39
N ASP A 67 -2.11 17.07 -0.11
CA ASP A 67 -3.53 17.18 -0.47
C ASP A 67 -3.79 17.53 -1.94
N SER A 68 -2.79 17.38 -2.82
CA SER A 68 -2.93 17.70 -4.24
C SER A 68 -2.20 16.70 -5.13
N ALA A 69 -1.57 15.67 -4.53
CA ALA A 69 -0.83 14.66 -5.28
C ALA A 69 -1.02 13.28 -4.66
N PHE A 70 -2.28 12.87 -4.48
CA PHE A 70 -2.59 11.61 -3.82
C PHE A 70 -2.13 10.40 -4.64
N TYR A 71 -2.17 10.49 -5.98
CA TYR A 71 -1.84 9.34 -6.81
C TYR A 71 -0.35 9.00 -6.74
N THR A 72 0.52 10.00 -6.81
CA THR A 72 1.97 9.75 -6.73
C THR A 72 2.32 9.28 -5.33
N TRP A 73 1.59 9.81 -4.33
CA TRP A 73 1.81 9.49 -2.94
C TRP A 73 1.31 8.07 -2.62
N LEU A 74 0.31 7.59 -3.36
CA LEU A 74 -0.25 6.27 -3.15
C LEU A 74 0.54 5.20 -3.92
N TYR A 75 1.01 5.53 -5.13
CA TYR A 75 1.75 4.56 -5.93
C TYR A 75 3.02 4.12 -5.19
N ARG A 76 3.61 5.01 -4.38
CA ARG A 76 4.82 4.65 -3.65
C ARG A 76 4.51 3.79 -2.43
N ILE A 77 3.28 3.81 -1.91
CA ILE A 77 2.94 2.94 -0.79
C ILE A 77 2.91 1.48 -1.26
N ALA A 78 2.41 1.24 -2.47
CA ALA A 78 2.20 -0.11 -2.96
C ALA A 78 3.51 -0.78 -3.37
N VAL A 79 4.43 -0.05 -4.00
CA VAL A 79 5.69 -0.65 -4.42
C VAL A 79 6.63 -0.84 -3.24
N ASN A 80 6.57 0.04 -2.24
CA ASN A 80 7.42 -0.10 -1.07
C ASN A 80 6.90 -1.20 -0.15
N THR A 81 5.62 -1.56 -0.28
CA THR A 81 5.05 -2.65 0.50
C THR A 81 5.45 -3.99 -0.11
N ALA A 82 5.63 -4.05 -1.43
CA ALA A 82 6.03 -5.26 -2.10
C ALA A 82 7.50 -5.57 -1.81
N LYS A 83 8.30 -4.53 -1.58
CA LYS A 83 9.73 -4.70 -1.30
C LYS A 83 9.94 -5.11 0.16
N ASN A 84 9.07 -4.70 1.09
CA ASN A 84 9.20 -5.15 2.46
C ASN A 84 8.54 -6.51 2.66
N TYR A 85 7.66 -6.91 1.72
CA TYR A 85 6.96 -8.18 1.81
C TYR A 85 7.89 -9.34 1.41
N LEU A 86 8.74 -9.12 0.41
CA LEU A 86 9.65 -10.16 -0.04
C LEU A 86 10.91 -10.26 0.82
N VAL A 87 11.32 -9.17 1.47
CA VAL A 87 12.50 -9.24 2.34
C VAL A 87 12.12 -9.83 3.69
N ALA A 88 10.85 -9.69 4.09
CA ALA A 88 10.41 -10.22 5.38
C ALA A 88 10.27 -11.73 5.32
N GLN A 89 10.25 -12.30 4.11
CA GLN A 89 10.18 -13.74 3.92
C GLN A 89 11.49 -14.27 3.33
N GLY A 90 12.31 -13.39 2.76
CA GLY A 90 13.61 -13.75 2.21
C GLY A 90 14.67 -13.81 3.32
N ARG A 91 14.36 -13.26 4.49
CA ARG A 91 15.25 -13.30 5.66
C ARG A 91 14.70 -14.23 6.74
N ARG A 92 13.57 -14.90 6.47
CA ARG A 92 12.93 -15.79 7.42
C ARG A 92 13.62 -17.16 7.46
N LEU A 93 14.35 -17.50 6.39
CA LEU A 93 15.10 -18.74 6.30
C LEU A 93 16.52 -18.56 6.86
N GLU A 94 16.95 -17.31 7.03
CA GLU A 94 18.29 -16.99 7.53
C GLU A 94 18.34 -17.05 9.05
N LEU A 95 17.22 -17.42 9.70
CA LEU A 95 17.13 -17.50 11.15
C LEU A 95 17.64 -18.84 11.67
N VAL A 96 17.95 -19.78 10.76
CA VAL A 96 18.45 -21.10 11.11
C VAL A 96 19.57 -21.52 10.15
N PRO A 97 20.49 -22.37 10.60
CA PRO A 97 21.57 -22.91 9.78
C PRO A 97 21.08 -24.04 8.88
N ARG A 98 19.82 -24.47 9.05
CA ARG A 98 19.24 -25.57 8.28
C ARG A 98 18.66 -25.06 6.96
N GLY A 99 18.37 -26.00 6.05
CA GLY A 99 17.79 -25.70 4.76
C GLY A 99 18.82 -25.21 3.74
N SER A 100 20.10 -25.15 4.13
CA SER A 100 21.18 -24.70 3.25
C SER A 100 22.45 -25.52 3.51
N HIS A 101 23.25 -25.70 2.45
CA HIS A 101 24.53 -26.42 2.53
C HIS A 101 25.43 -25.98 1.37
N HIS A 102 26.74 -26.21 1.52
CA HIS A 102 27.70 -25.86 0.49
C HIS A 102 28.90 -26.81 0.52
N HIS A 103 29.72 -26.76 -0.52
CA HIS A 103 30.91 -27.59 -0.65
C HIS A 103 32.04 -26.80 -1.31
N HIS A 104 32.04 -25.47 -1.11
CA HIS A 104 32.97 -24.55 -1.72
C HIS A 104 32.93 -24.60 -3.25
N HIS A 105 33.74 -23.74 -3.90
CA HIS A 105 33.79 -23.63 -5.35
C HIS A 105 35.24 -23.58 -5.85
N HIS A 106 36.19 -23.97 -5.00
CA HIS A 106 37.60 -23.95 -5.33
C HIS A 106 38.29 -25.25 -4.88
N MET A 1 -13.36 22.82 -14.69
CA MET A 1 -14.48 22.56 -13.76
C MET A 1 -14.80 21.07 -13.70
N SER A 2 -15.54 20.67 -12.67
CA SER A 2 -15.91 19.27 -12.45
C SER A 2 -17.35 19.18 -11.91
N GLU A 3 -17.94 17.99 -12.00
CA GLU A 3 -19.29 17.74 -11.53
C GLU A 3 -19.38 16.48 -10.67
N GLN A 4 -18.23 15.88 -10.35
CA GLN A 4 -18.16 14.67 -9.53
C GLN A 4 -16.92 14.71 -8.64
N LEU A 5 -16.95 13.93 -7.56
CA LEU A 5 -15.91 13.89 -6.56
C LEU A 5 -14.63 13.25 -7.09
N THR A 6 -13.52 13.58 -6.44
CA THR A 6 -12.18 13.16 -6.83
C THR A 6 -11.36 12.81 -5.60
N ASP A 7 -10.12 12.38 -5.81
CA ASP A 7 -9.22 12.01 -4.74
C ASP A 7 -8.97 13.21 -3.82
N GLN A 8 -9.28 14.42 -4.27
CA GLN A 8 -9.08 15.61 -3.44
C GLN A 8 -10.07 15.62 -2.28
N VAL A 9 -11.36 15.47 -2.58
CA VAL A 9 -12.41 15.55 -1.57
C VAL A 9 -12.56 14.21 -0.86
N LEU A 10 -12.21 13.10 -1.51
CA LEU A 10 -12.27 11.80 -0.89
C LEU A 10 -11.20 11.66 0.19
N VAL A 11 -10.07 12.33 0.06
CA VAL A 11 -9.03 12.27 1.09
C VAL A 11 -9.39 13.23 2.23
N GLU A 12 -10.12 14.31 1.95
CA GLU A 12 -10.56 15.21 3.00
C GLU A 12 -11.65 14.55 3.83
N ARG A 13 -12.53 13.77 3.19
CA ARG A 13 -13.66 13.15 3.86
C ARG A 13 -13.22 12.05 4.83
N VAL A 14 -12.19 11.28 4.46
CA VAL A 14 -11.67 10.24 5.33
C VAL A 14 -10.89 10.82 6.51
N GLN A 15 -10.37 12.04 6.35
CA GLN A 15 -9.70 12.76 7.44
C GLN A 15 -10.72 13.40 8.36
N LYS A 16 -11.98 13.51 7.91
CA LYS A 16 -13.08 14.06 8.70
C LYS A 16 -13.84 12.97 9.46
N GLY A 17 -13.37 11.71 9.39
CA GLY A 17 -13.90 10.62 10.19
C GLY A 17 -14.82 9.70 9.38
N ASP A 18 -14.99 9.95 8.09
CA ASP A 18 -15.83 9.14 7.24
C ASP A 18 -14.97 8.13 6.48
N GLN A 19 -14.68 7.00 7.13
CA GLN A 19 -13.85 5.94 6.56
C GLN A 19 -14.55 5.29 5.37
N LYS A 20 -15.87 5.46 5.27
CA LYS A 20 -16.65 4.93 4.16
C LYS A 20 -16.17 5.52 2.84
N ALA A 21 -15.55 6.70 2.88
CA ALA A 21 -15.04 7.34 1.68
C ALA A 21 -13.68 6.77 1.29
N PHE A 22 -12.99 6.10 2.22
CA PHE A 22 -11.72 5.47 1.91
C PHE A 22 -11.98 4.18 1.15
N ASN A 23 -13.04 3.46 1.52
CA ASN A 23 -13.42 2.23 0.85
C ASN A 23 -13.76 2.54 -0.62
N LEU A 24 -14.45 3.65 -0.86
CA LEU A 24 -14.79 4.09 -2.20
C LEU A 24 -13.60 4.70 -2.92
N LEU A 25 -12.57 5.11 -2.18
CA LEU A 25 -11.36 5.65 -2.76
C LEU A 25 -10.39 4.54 -3.18
N VAL A 26 -10.17 3.54 -2.34
CA VAL A 26 -9.19 2.51 -2.66
C VAL A 26 -9.67 1.62 -3.80
N VAL A 27 -10.98 1.50 -4.01
CA VAL A 27 -11.48 0.65 -5.10
C VAL A 27 -11.14 1.25 -6.46
N ARG A 28 -11.00 2.58 -6.54
CA ARG A 28 -10.58 3.24 -7.77
C ARG A 28 -9.14 2.86 -8.08
N TYR A 29 -8.35 2.67 -7.03
CA TYR A 29 -6.93 2.34 -7.15
C TYR A 29 -6.66 0.85 -7.00
N GLN A 30 -7.66 0.05 -6.60
CA GLN A 30 -7.46 -1.37 -6.36
C GLN A 30 -7.04 -2.08 -7.65
N HIS A 31 -7.47 -1.55 -8.80
CA HIS A 31 -7.07 -2.09 -10.10
C HIS A 31 -5.76 -1.47 -10.58
N LYS A 32 -5.50 -0.19 -10.25
CA LYS A 32 -4.32 0.50 -10.74
C LYS A 32 -3.08 0.19 -9.92
N VAL A 33 -3.25 -0.05 -8.62
CA VAL A 33 -2.16 -0.38 -7.72
C VAL A 33 -1.72 -1.81 -7.97
N ALA A 34 -2.68 -2.69 -8.25
CA ALA A 34 -2.39 -4.08 -8.55
C ALA A 34 -1.60 -4.20 -9.86
N SER A 35 -1.71 -3.21 -10.74
CA SER A 35 -1.01 -3.24 -12.02
C SER A 35 0.48 -2.94 -11.83
N LEU A 36 0.80 -1.91 -11.05
CA LEU A 36 2.19 -1.51 -10.87
C LEU A 36 2.89 -2.40 -9.85
N VAL A 37 2.14 -2.94 -8.88
CA VAL A 37 2.74 -3.78 -7.84
C VAL A 37 2.90 -5.22 -8.32
N SER A 38 2.23 -5.62 -9.40
CA SER A 38 2.42 -6.94 -10.00
C SER A 38 3.82 -7.03 -10.61
N ARG A 39 4.51 -5.88 -10.72
CA ARG A 39 5.89 -5.84 -11.20
C ARG A 39 6.89 -6.10 -10.07
N TYR A 40 6.41 -6.20 -8.82
CA TYR A 40 7.26 -6.38 -7.66
C TYR A 40 6.91 -7.65 -6.88
N VAL A 41 5.74 -8.27 -7.14
CA VAL A 41 5.33 -9.52 -6.55
C VAL A 41 4.55 -10.34 -7.57
N PRO A 42 4.53 -11.68 -7.42
CA PRO A 42 3.83 -12.57 -8.33
C PRO A 42 2.31 -12.39 -8.20
N SER A 43 1.57 -12.88 -9.20
CA SER A 43 0.12 -12.69 -9.26
C SER A 43 -0.62 -13.40 -8.12
N GLY A 44 0.07 -14.27 -7.37
CA GLY A 44 -0.54 -14.97 -6.25
C GLY A 44 -0.44 -14.17 -4.96
N ASP A 45 0.47 -13.19 -4.91
CA ASP A 45 0.67 -12.36 -3.73
C ASP A 45 0.34 -10.89 -4.01
N VAL A 46 0.03 -10.56 -5.26
CA VAL A 46 -0.24 -9.18 -5.66
C VAL A 46 -1.50 -8.60 -5.02
N PRO A 47 -2.58 -9.35 -4.74
CA PRO A 47 -3.79 -8.76 -4.18
C PRO A 47 -3.62 -8.50 -2.69
N ASP A 48 -2.73 -9.22 -2.02
CA ASP A 48 -2.52 -9.07 -0.59
C ASP A 48 -1.62 -7.87 -0.30
N VAL A 49 -0.74 -7.52 -1.25
CA VAL A 49 0.14 -6.38 -1.11
C VAL A 49 -0.61 -5.09 -1.43
N VAL A 50 -1.64 -5.15 -2.27
CA VAL A 50 -2.51 -4.01 -2.51
C VAL A 50 -3.34 -3.75 -1.26
N GLN A 51 -3.73 -4.80 -0.53
CA GLN A 51 -4.49 -4.64 0.68
C GLN A 51 -3.61 -4.07 1.78
N GLU A 52 -2.37 -4.55 1.91
CA GLU A 52 -1.47 -4.01 2.92
C GLU A 52 -1.09 -2.57 2.56
N ALA A 53 -1.08 -2.24 1.27
CA ALA A 53 -0.78 -0.88 0.84
C ALA A 53 -1.92 0.06 1.22
N PHE A 54 -3.17 -0.40 1.16
CA PHE A 54 -4.31 0.41 1.56
C PHE A 54 -4.41 0.52 3.08
N ILE A 55 -4.04 -0.54 3.82
CA ILE A 55 -4.06 -0.49 5.28
C ILE A 55 -2.96 0.44 5.77
N LYS A 56 -1.80 0.39 5.10
CA LYS A 56 -0.65 1.22 5.43
C LYS A 56 -0.87 2.65 4.95
N ALA A 57 -1.61 2.83 3.85
CA ALA A 57 -1.87 4.14 3.31
C ALA A 57 -2.82 4.91 4.23
N TYR A 58 -3.89 4.27 4.74
CA TYR A 58 -4.86 4.96 5.56
C TYR A 58 -4.21 5.51 6.84
N ARG A 59 -3.28 4.75 7.41
CA ARG A 59 -2.60 5.14 8.64
C ARG A 59 -1.62 6.28 8.38
N ALA A 60 -1.14 6.40 7.14
CA ALA A 60 -0.27 7.49 6.73
C ALA A 60 -1.06 8.61 6.06
N LEU A 61 -2.33 8.39 5.75
CA LEU A 61 -3.18 9.36 5.07
C LEU A 61 -3.57 10.47 6.04
N ASP A 62 -3.57 10.18 7.33
CA ASP A 62 -3.79 11.17 8.36
C ASP A 62 -2.65 12.20 8.38
N SER A 63 -1.56 11.90 7.67
CA SER A 63 -0.40 12.77 7.57
C SER A 63 -0.27 13.38 6.17
N PHE A 64 -1.22 13.09 5.27
CA PHE A 64 -1.22 13.67 3.93
C PHE A 64 -1.63 15.14 4.01
N ARG A 65 -1.05 15.98 3.14
CA ARG A 65 -1.27 17.43 3.18
C ARG A 65 -1.51 18.02 1.79
N GLY A 66 -1.63 17.19 0.76
CA GLY A 66 -1.89 17.65 -0.59
C GLY A 66 -0.69 18.35 -1.23
N ASP A 67 0.51 18.18 -0.64
CA ASP A 67 1.72 18.77 -1.18
C ASP A 67 2.15 18.08 -2.48
N SER A 68 1.51 16.95 -2.80
CA SER A 68 1.73 16.20 -4.02
C SER A 68 0.42 15.50 -4.41
N ALA A 69 0.34 15.00 -5.64
CA ALA A 69 -0.87 14.33 -6.11
C ALA A 69 -1.09 13.05 -5.32
N PHE A 70 -2.36 12.69 -5.07
CA PHE A 70 -2.66 11.54 -4.25
C PHE A 70 -2.26 10.23 -4.92
N TYR A 71 -2.33 10.16 -6.26
CA TYR A 71 -1.99 8.92 -6.95
C TYR A 71 -0.49 8.66 -6.86
N THR A 72 0.35 9.69 -6.92
CA THR A 72 1.79 9.50 -6.81
C THR A 72 2.14 9.16 -5.38
N TRP A 73 1.43 9.75 -4.42
CA TRP A 73 1.68 9.51 -3.02
C TRP A 73 1.25 8.11 -2.62
N LEU A 74 0.19 7.58 -3.26
CA LEU A 74 -0.33 6.26 -2.94
C LEU A 74 0.49 5.17 -3.61
N TYR A 75 0.97 5.40 -4.84
CA TYR A 75 1.75 4.40 -5.56
C TYR A 75 3.11 4.19 -4.90
N ARG A 76 3.58 5.15 -4.10
CA ARG A 76 4.81 4.96 -3.33
C ARG A 76 4.56 4.02 -2.15
N ILE A 77 3.33 3.97 -1.65
CA ILE A 77 2.97 3.06 -0.57
C ILE A 77 2.96 1.62 -1.10
N ALA A 78 2.50 1.45 -2.33
CA ALA A 78 2.30 0.11 -2.89
C ALA A 78 3.62 -0.56 -3.27
N VAL A 79 4.57 0.20 -3.83
CA VAL A 79 5.83 -0.39 -4.26
C VAL A 79 6.77 -0.60 -3.08
N ASN A 80 6.71 0.25 -2.05
CA ASN A 80 7.55 0.08 -0.89
C ASN A 80 7.03 -1.08 -0.02
N THR A 81 5.73 -1.40 -0.13
CA THR A 81 5.17 -2.51 0.63
C THR A 81 5.53 -3.84 -0.02
N ALA A 82 5.69 -3.85 -1.35
CA ALA A 82 6.05 -5.06 -2.06
C ALA A 82 7.52 -5.42 -1.82
N LYS A 83 8.36 -4.41 -1.57
CA LYS A 83 9.77 -4.62 -1.30
C LYS A 83 9.99 -5.12 0.12
N ASN A 84 9.14 -4.72 1.07
CA ASN A 84 9.26 -5.23 2.43
C ASN A 84 8.54 -6.57 2.57
N TYR A 85 7.67 -6.91 1.61
CA TYR A 85 6.93 -8.16 1.67
C TYR A 85 7.80 -9.34 1.27
N LEU A 86 8.66 -9.15 0.25
CA LEU A 86 9.52 -10.23 -0.21
C LEU A 86 10.78 -10.36 0.65
N VAL A 87 11.22 -9.30 1.32
CA VAL A 87 12.41 -9.41 2.18
C VAL A 87 12.02 -10.01 3.53
N ALA A 88 10.76 -9.86 3.93
CA ALA A 88 10.29 -10.40 5.20
C ALA A 88 10.04 -11.91 5.09
N GLN A 89 10.03 -12.44 3.86
CA GLN A 89 9.85 -13.85 3.61
C GLN A 89 11.09 -14.44 2.91
N GLY A 90 12.05 -13.58 2.56
CA GLY A 90 13.28 -13.99 1.91
C GLY A 90 14.49 -13.91 2.84
N ARG A 91 14.31 -13.36 4.05
CA ARG A 91 15.38 -13.23 5.04
C ARG A 91 14.96 -13.77 6.41
N ARG A 92 13.74 -14.34 6.51
CA ARG A 92 13.20 -14.82 7.77
C ARG A 92 12.44 -16.14 7.60
N LEU A 93 12.48 -16.74 6.40
CA LEU A 93 11.70 -17.93 6.12
C LEU A 93 12.43 -18.87 5.15
N GLU A 94 13.63 -18.50 4.70
CA GLU A 94 14.42 -19.31 3.79
C GLU A 94 14.93 -20.58 4.48
N LEU A 95 15.22 -21.59 3.67
CA LEU A 95 15.68 -22.88 4.16
C LEU A 95 17.22 -22.90 4.25
N VAL A 96 17.88 -21.96 3.57
CA VAL A 96 19.34 -21.87 3.58
C VAL A 96 19.73 -20.39 3.53
N PRO A 97 20.68 -19.96 4.37
CA PRO A 97 21.15 -18.59 4.40
C PRO A 97 22.02 -18.29 3.18
N ARG A 98 22.16 -17.00 2.84
CA ARG A 98 22.94 -16.57 1.69
C ARG A 98 23.56 -15.19 1.92
N GLY A 99 24.70 -14.94 1.26
CA GLY A 99 25.42 -13.69 1.35
C GLY A 99 26.87 -13.88 0.90
N SER A 100 27.57 -12.77 0.67
CA SER A 100 28.97 -12.80 0.26
C SER A 100 29.69 -11.52 0.69
N HIS A 101 31.03 -11.54 0.61
CA HIS A 101 31.87 -10.43 1.01
C HIS A 101 32.91 -10.09 -0.06
N HIS A 102 32.76 -10.66 -1.25
CA HIS A 102 33.67 -10.45 -2.37
C HIS A 102 32.96 -9.85 -3.57
N HIS A 103 31.70 -9.44 -3.39
CA HIS A 103 30.89 -8.84 -4.44
C HIS A 103 30.16 -7.60 -3.93
N HIS A 104 30.43 -7.20 -2.68
CA HIS A 104 29.79 -6.06 -2.04
C HIS A 104 30.82 -5.28 -1.23
N HIS A 105 30.48 -4.03 -0.88
CA HIS A 105 31.33 -3.14 -0.10
C HIS A 105 32.72 -2.96 -0.72
N HIS A 106 32.84 -3.22 -2.03
CA HIS A 106 34.10 -3.11 -2.76
C HIS A 106 33.84 -2.64 -4.18
N MET A 1 -18.81 9.14 -17.13
CA MET A 1 -18.78 10.53 -17.63
C MET A 1 -18.28 11.48 -16.54
N SER A 2 -19.05 11.62 -15.45
CA SER A 2 -18.68 12.49 -14.35
C SER A 2 -19.09 11.86 -13.02
N GLU A 3 -18.43 12.27 -11.93
CA GLU A 3 -18.70 11.75 -10.59
C GLU A 3 -18.78 12.87 -9.55
N GLN A 4 -18.57 14.12 -10.00
CA GLN A 4 -18.64 15.33 -9.17
C GLN A 4 -17.71 15.33 -7.96
N LEU A 5 -16.88 14.31 -7.79
CA LEU A 5 -15.92 14.22 -6.70
C LEU A 5 -14.62 13.61 -7.22
N THR A 6 -13.51 13.91 -6.54
CA THR A 6 -12.17 13.46 -6.92
C THR A 6 -11.38 13.07 -5.67
N ASP A 7 -10.18 12.50 -5.84
CA ASP A 7 -9.34 12.10 -4.73
C ASP A 7 -9.06 13.28 -3.78
N GLN A 8 -9.27 14.51 -4.24
CA GLN A 8 -9.08 15.69 -3.41
C GLN A 8 -10.09 15.69 -2.26
N VAL A 9 -11.38 15.53 -2.58
CA VAL A 9 -12.45 15.58 -1.58
C VAL A 9 -12.61 14.23 -0.90
N LEU A 10 -12.23 13.14 -1.58
CA LEU A 10 -12.28 11.81 -0.98
C LEU A 10 -11.23 11.67 0.11
N VAL A 11 -10.09 12.37 0.01
CA VAL A 11 -9.08 12.30 1.05
C VAL A 11 -9.45 13.25 2.19
N GLU A 12 -10.17 14.33 1.90
CA GLU A 12 -10.60 15.23 2.96
C GLU A 12 -11.68 14.56 3.80
N ARG A 13 -12.61 13.84 3.17
CA ARG A 13 -13.74 13.24 3.87
C ARG A 13 -13.31 12.10 4.78
N VAL A 14 -12.28 11.32 4.40
CA VAL A 14 -11.79 10.28 5.27
C VAL A 14 -11.06 10.88 6.47
N GLN A 15 -10.57 12.12 6.34
CA GLN A 15 -9.97 12.83 7.45
C GLN A 15 -11.06 13.47 8.33
N LYS A 16 -12.30 13.55 7.84
CA LYS A 16 -13.43 14.01 8.66
C LYS A 16 -13.95 12.87 9.55
N GLY A 17 -13.43 11.66 9.35
CA GLY A 17 -13.83 10.49 10.11
C GLY A 17 -14.76 9.56 9.33
N ASP A 18 -15.04 9.88 8.06
CA ASP A 18 -15.90 9.05 7.22
C ASP A 18 -15.03 8.06 6.45
N GLN A 19 -14.69 6.94 7.10
CA GLN A 19 -13.87 5.90 6.50
C GLN A 19 -14.58 5.27 5.29
N LYS A 20 -15.90 5.47 5.20
CA LYS A 20 -16.70 4.97 4.08
C LYS A 20 -16.21 5.56 2.76
N ALA A 21 -15.59 6.75 2.80
CA ALA A 21 -15.08 7.39 1.62
C ALA A 21 -13.72 6.81 1.23
N PHE A 22 -13.02 6.15 2.17
CA PHE A 22 -11.75 5.53 1.86
C PHE A 22 -12.00 4.24 1.08
N ASN A 23 -13.06 3.51 1.43
CA ASN A 23 -13.44 2.30 0.73
C ASN A 23 -13.77 2.62 -0.73
N LEU A 24 -14.45 3.75 -0.93
CA LEU A 24 -14.79 4.20 -2.27
C LEU A 24 -13.59 4.82 -2.98
N LEU A 25 -12.56 5.22 -2.22
CA LEU A 25 -11.34 5.78 -2.77
C LEU A 25 -10.38 4.67 -3.22
N VAL A 26 -10.14 3.67 -2.37
CA VAL A 26 -9.15 2.65 -2.71
C VAL A 26 -9.62 1.80 -3.88
N VAL A 27 -10.93 1.67 -4.13
CA VAL A 27 -11.41 0.84 -5.22
C VAL A 27 -11.07 1.49 -6.57
N ARG A 28 -10.94 2.82 -6.62
CA ARG A 28 -10.54 3.50 -7.84
C ARG A 28 -9.09 3.17 -8.17
N TYR A 29 -8.29 2.97 -7.13
CA TYR A 29 -6.87 2.69 -7.27
C TYR A 29 -6.55 1.21 -7.11
N GLN A 30 -7.52 0.38 -6.70
CA GLN A 30 -7.32 -1.03 -6.47
C GLN A 30 -6.91 -1.73 -7.77
N HIS A 31 -7.35 -1.19 -8.91
CA HIS A 31 -6.92 -1.70 -10.21
C HIS A 31 -5.61 -1.05 -10.65
N LYS A 32 -5.36 0.18 -10.21
CA LYS A 32 -4.17 0.93 -10.61
C LYS A 32 -2.92 0.48 -9.87
N VAL A 33 -3.03 0.21 -8.56
CA VAL A 33 -1.86 -0.18 -7.78
C VAL A 33 -1.60 -1.69 -7.91
N ALA A 34 -2.63 -2.47 -8.26
CA ALA A 34 -2.44 -3.89 -8.49
C ALA A 34 -1.71 -4.11 -9.83
N SER A 35 -1.77 -3.13 -10.72
CA SER A 35 -1.11 -3.22 -12.01
C SER A 35 0.38 -2.92 -11.86
N LEU A 36 0.71 -1.93 -11.04
CA LEU A 36 2.10 -1.54 -10.85
C LEU A 36 2.82 -2.44 -9.85
N VAL A 37 2.10 -3.10 -8.94
CA VAL A 37 2.73 -3.97 -7.97
C VAL A 37 2.86 -5.40 -8.49
N SER A 38 2.05 -5.81 -9.48
CA SER A 38 2.09 -7.16 -10.03
C SER A 38 3.39 -7.41 -10.81
N ARG A 39 4.19 -6.36 -11.07
CA ARG A 39 5.51 -6.53 -11.68
C ARG A 39 6.60 -6.65 -10.64
N TYR A 40 6.25 -6.52 -9.35
CA TYR A 40 7.20 -6.65 -8.26
C TYR A 40 6.95 -7.92 -7.45
N VAL A 41 5.71 -8.45 -7.48
CA VAL A 41 5.36 -9.70 -6.83
C VAL A 41 4.45 -10.51 -7.75
N PRO A 42 4.41 -11.85 -7.59
CA PRO A 42 3.65 -12.73 -8.46
C PRO A 42 2.15 -12.59 -8.22
N SER A 43 1.34 -13.21 -9.09
CA SER A 43 -0.10 -13.14 -9.04
C SER A 43 -0.66 -13.75 -7.75
N GLY A 44 0.17 -14.48 -6.99
CA GLY A 44 -0.24 -15.08 -5.73
C GLY A 44 -0.04 -14.15 -4.55
N ASP A 45 0.75 -13.09 -4.71
CA ASP A 45 1.01 -12.13 -3.64
C ASP A 45 0.48 -10.74 -3.96
N VAL A 46 0.07 -10.51 -5.21
CA VAL A 46 -0.41 -9.20 -5.59
C VAL A 46 -1.66 -8.77 -4.83
N PRO A 47 -2.61 -9.65 -4.45
CA PRO A 47 -3.81 -9.20 -3.78
C PRO A 47 -3.57 -8.88 -2.31
N ASP A 48 -2.56 -9.49 -1.69
CA ASP A 48 -2.31 -9.31 -0.27
C ASP A 48 -1.47 -8.06 -0.02
N VAL A 49 -0.57 -7.73 -0.96
CA VAL A 49 0.26 -6.54 -0.82
C VAL A 49 -0.53 -5.29 -1.20
N VAL A 50 -1.58 -5.43 -2.02
CA VAL A 50 -2.46 -4.31 -2.32
C VAL A 50 -3.34 -4.02 -1.11
N GLN A 51 -3.73 -5.05 -0.36
CA GLN A 51 -4.54 -4.84 0.82
C GLN A 51 -3.68 -4.22 1.92
N GLU A 52 -2.44 -4.68 2.10
CA GLU A 52 -1.57 -4.10 3.10
C GLU A 52 -1.22 -2.66 2.73
N ALA A 53 -1.18 -2.35 1.43
CA ALA A 53 -0.88 -1.01 0.98
C ALA A 53 -2.03 -0.06 1.28
N PHE A 54 -3.28 -0.56 1.33
CA PHE A 54 -4.41 0.27 1.67
C PHE A 54 -4.60 0.39 3.17
N ILE A 55 -4.20 -0.63 3.94
CA ILE A 55 -4.24 -0.54 5.40
C ILE A 55 -3.14 0.41 5.87
N LYS A 56 -1.98 0.35 5.21
CA LYS A 56 -0.83 1.19 5.54
C LYS A 56 -1.04 2.61 5.03
N ALA A 57 -1.74 2.76 3.90
CA ALA A 57 -2.00 4.09 3.35
C ALA A 57 -2.94 4.86 4.25
N TYR A 58 -4.01 4.23 4.76
CA TYR A 58 -4.98 4.94 5.58
C TYR A 58 -4.35 5.51 6.85
N ARG A 59 -3.44 4.74 7.45
CA ARG A 59 -2.74 5.15 8.66
C ARG A 59 -1.75 6.27 8.38
N ALA A 60 -1.27 6.36 7.14
CA ALA A 60 -0.37 7.43 6.71
C ALA A 60 -1.15 8.58 6.06
N LEU A 61 -2.44 8.37 5.75
CA LEU A 61 -3.26 9.36 5.08
C LEU A 61 -3.66 10.47 6.05
N ASP A 62 -3.67 10.16 7.35
CA ASP A 62 -3.90 11.17 8.38
C ASP A 62 -2.71 12.13 8.47
N SER A 63 -1.61 11.81 7.79
CA SER A 63 -0.41 12.63 7.76
C SER A 63 -0.22 13.28 6.38
N PHE A 64 -1.16 13.06 5.46
CA PHE A 64 -1.12 13.65 4.13
C PHE A 64 -1.42 15.16 4.22
N ARG A 65 -0.88 15.94 3.27
CA ARG A 65 -1.00 17.40 3.29
C ARG A 65 -1.40 17.97 1.95
N GLY A 66 -1.47 17.13 0.90
CA GLY A 66 -1.80 17.60 -0.44
C GLY A 66 -0.65 18.37 -1.08
N ASP A 67 0.56 18.28 -0.53
CA ASP A 67 1.74 18.93 -1.09
C ASP A 67 2.20 18.23 -2.37
N SER A 68 1.56 17.10 -2.69
CA SER A 68 1.81 16.34 -3.91
C SER A 68 0.52 15.64 -4.31
N ALA A 69 0.45 15.11 -5.54
CA ALA A 69 -0.75 14.45 -6.02
C ALA A 69 -1.00 13.17 -5.23
N PHE A 70 -2.27 12.82 -5.02
CA PHE A 70 -2.62 11.65 -4.22
C PHE A 70 -2.21 10.36 -4.92
N TYR A 71 -2.27 10.31 -6.25
CA TYR A 71 -1.95 9.08 -6.96
C TYR A 71 -0.46 8.77 -6.85
N THR A 72 0.41 9.78 -6.90
CA THR A 72 1.84 9.57 -6.78
C THR A 72 2.19 9.17 -5.34
N TRP A 73 1.45 9.71 -4.38
CA TRP A 73 1.65 9.43 -2.97
C TRP A 73 1.16 8.02 -2.62
N LEU A 74 0.16 7.52 -3.33
CA LEU A 74 -0.41 6.21 -3.09
C LEU A 74 0.37 5.11 -3.82
N TYR A 75 0.87 5.41 -5.02
CA TYR A 75 1.63 4.44 -5.79
C TYR A 75 2.89 4.02 -5.04
N ARG A 76 3.49 4.94 -4.27
CA ARG A 76 4.71 4.61 -3.53
C ARG A 76 4.40 3.77 -2.29
N ILE A 77 3.17 3.79 -1.77
CA ILE A 77 2.84 2.94 -0.63
C ILE A 77 2.87 1.48 -1.08
N ALA A 78 2.38 1.20 -2.28
CA ALA A 78 2.22 -0.17 -2.75
C ALA A 78 3.53 -0.81 -3.18
N VAL A 79 4.43 -0.07 -3.83
CA VAL A 79 5.68 -0.67 -4.30
C VAL A 79 6.71 -0.75 -3.17
N ASN A 80 6.63 0.14 -2.18
CA ASN A 80 7.53 0.08 -1.04
C ASN A 80 7.12 -1.05 -0.10
N THR A 81 5.84 -1.44 -0.13
CA THR A 81 5.38 -2.56 0.68
C THR A 81 5.74 -3.88 0.00
N ALA A 82 5.81 -3.90 -1.33
CA ALA A 82 6.15 -5.11 -2.06
C ALA A 82 7.63 -5.46 -1.91
N LYS A 83 8.49 -4.46 -1.81
CA LYS A 83 9.92 -4.69 -1.60
C LYS A 83 10.18 -5.03 -0.14
N ASN A 84 9.36 -4.53 0.78
CA ASN A 84 9.47 -4.87 2.20
C ASN A 84 8.92 -6.27 2.43
N TYR A 85 7.96 -6.70 1.61
CA TYR A 85 7.35 -8.01 1.74
C TYR A 85 8.30 -9.11 1.27
N LEU A 86 9.09 -8.84 0.24
CA LEU A 86 10.00 -9.83 -0.31
C LEU A 86 11.26 -10.00 0.54
N VAL A 87 11.59 -9.03 1.40
CA VAL A 87 12.73 -9.19 2.30
C VAL A 87 12.29 -9.77 3.64
N ALA A 88 11.00 -9.70 3.96
CA ALA A 88 10.48 -10.26 5.20
C ALA A 88 10.30 -11.77 5.09
N GLN A 89 10.18 -12.29 3.86
CA GLN A 89 10.08 -13.72 3.61
C GLN A 89 11.36 -14.22 2.93
N GLY A 90 12.16 -13.31 2.35
CA GLY A 90 13.41 -13.68 1.70
C GLY A 90 14.54 -13.86 2.72
N ARG A 91 14.40 -13.24 3.90
CA ARG A 91 15.36 -13.39 4.99
C ARG A 91 14.94 -14.51 5.94
N ARG A 92 13.98 -15.34 5.50
CA ARG A 92 13.41 -16.42 6.31
C ARG A 92 13.70 -17.79 5.69
N LEU A 93 14.53 -17.82 4.64
CA LEU A 93 14.88 -19.04 3.92
C LEU A 93 16.33 -19.01 3.44
N GLU A 94 17.14 -18.10 3.98
CA GLU A 94 18.52 -17.91 3.53
C GLU A 94 19.40 -19.12 3.83
N LEU A 95 19.06 -19.89 4.87
CA LEU A 95 19.79 -21.09 5.24
C LEU A 95 18.83 -22.19 5.66
N VAL A 96 17.73 -21.81 6.33
CA VAL A 96 16.67 -22.73 6.75
C VAL A 96 15.33 -22.01 6.63
N PRO A 97 14.24 -22.74 6.39
CA PRO A 97 12.90 -22.19 6.16
C PRO A 97 12.28 -21.59 7.42
N ARG A 98 13.08 -21.37 8.47
CA ARG A 98 12.61 -20.82 9.74
C ARG A 98 13.48 -19.66 10.22
N GLY A 99 14.55 -19.33 9.49
CA GLY A 99 15.48 -18.28 9.88
C GLY A 99 16.13 -18.57 11.23
N SER A 100 16.62 -17.52 11.89
CA SER A 100 17.22 -17.62 13.22
C SER A 100 18.32 -18.69 13.31
N HIS A 101 19.08 -18.87 12.23
CA HIS A 101 20.16 -19.84 12.18
C HIS A 101 21.34 -19.30 11.36
N HIS A 102 22.50 -19.94 11.47
CA HIS A 102 23.72 -19.49 10.80
C HIS A 102 24.45 -20.69 10.19
N HIS A 103 25.29 -20.44 9.18
CA HIS A 103 26.01 -21.48 8.45
C HIS A 103 27.14 -22.07 9.29
N HIS A 104 27.40 -21.50 10.47
CA HIS A 104 28.43 -21.96 11.39
C HIS A 104 27.87 -22.05 12.81
N HIS A 105 26.54 -22.05 12.95
CA HIS A 105 25.82 -22.04 14.21
C HIS A 105 26.19 -20.83 15.08
N HIS A 106 25.55 -20.72 16.25
CA HIS A 106 25.77 -19.62 17.18
C HIS A 106 25.56 -20.10 18.61
N MET A 1 -19.24 23.05 -10.86
CA MET A 1 -20.35 22.53 -11.68
C MET A 1 -19.83 21.55 -12.72
N SER A 2 -20.72 20.72 -13.27
CA SER A 2 -20.38 19.71 -14.28
C SER A 2 -19.23 18.80 -13.85
N GLU A 3 -19.07 18.61 -12.54
CA GLU A 3 -17.98 17.81 -11.98
C GLU A 3 -18.46 17.12 -10.70
N GLN A 4 -17.80 16.01 -10.33
CA GLN A 4 -18.14 15.21 -9.17
C GLN A 4 -16.94 15.08 -8.24
N LEU A 5 -17.11 14.37 -7.12
CA LEU A 5 -16.07 14.20 -6.12
C LEU A 5 -14.86 13.48 -6.71
N THR A 6 -13.67 13.79 -6.19
CA THR A 6 -12.40 13.26 -6.67
C THR A 6 -11.50 12.97 -5.47
N ASP A 7 -10.33 12.37 -5.70
CA ASP A 7 -9.40 12.01 -4.63
C ASP A 7 -9.01 13.20 -3.75
N GLN A 8 -9.25 14.42 -4.22
CA GLN A 8 -8.98 15.61 -3.43
C GLN A 8 -9.93 15.67 -2.22
N VAL A 9 -11.23 15.53 -2.48
CA VAL A 9 -12.24 15.65 -1.44
C VAL A 9 -12.44 14.31 -0.73
N LEU A 10 -12.16 13.20 -1.41
CA LEU A 10 -12.25 11.89 -0.80
C LEU A 10 -11.17 11.72 0.27
N VAL A 11 -10.02 12.37 0.12
CA VAL A 11 -8.96 12.27 1.11
C VAL A 11 -9.25 13.24 2.27
N GLU A 12 -9.93 14.35 2.01
CA GLU A 12 -10.26 15.29 3.08
C GLU A 12 -11.32 14.73 4.01
N ARG A 13 -12.28 13.96 3.49
CA ARG A 13 -13.36 13.47 4.34
C ARG A 13 -12.98 12.21 5.10
N VAL A 14 -12.04 11.41 4.61
CA VAL A 14 -11.55 10.27 5.40
C VAL A 14 -10.70 10.78 6.56
N GLN A 15 -10.15 11.99 6.43
CA GLN A 15 -9.43 12.63 7.52
C GLN A 15 -10.40 13.24 8.53
N LYS A 16 -11.62 13.58 8.09
CA LYS A 16 -12.65 14.13 8.96
C LYS A 16 -13.53 13.06 9.60
N GLY A 17 -13.36 11.80 9.20
CA GLY A 17 -14.00 10.67 9.89
C GLY A 17 -14.84 9.77 8.99
N ASP A 18 -15.00 10.07 7.70
CA ASP A 18 -15.78 9.24 6.82
C ASP A 18 -14.90 8.13 6.24
N GLN A 19 -14.73 7.04 6.99
CA GLN A 19 -13.93 5.90 6.53
C GLN A 19 -14.63 5.23 5.33
N LYS A 20 -15.94 5.45 5.20
CA LYS A 20 -16.72 4.95 4.08
C LYS A 20 -16.21 5.52 2.75
N ALA A 21 -15.56 6.69 2.80
CA ALA A 21 -15.05 7.32 1.61
C ALA A 21 -13.69 6.75 1.24
N PHE A 22 -12.99 6.11 2.19
CA PHE A 22 -11.72 5.49 1.89
C PHE A 22 -11.97 4.17 1.15
N ASN A 23 -13.04 3.47 1.51
CA ASN A 23 -13.41 2.23 0.85
C ASN A 23 -13.74 2.50 -0.61
N LEU A 24 -14.45 3.60 -0.87
CA LEU A 24 -14.81 4.01 -2.22
C LEU A 24 -13.60 4.60 -2.95
N LEU A 25 -12.57 5.03 -2.20
CA LEU A 25 -11.36 5.57 -2.79
C LEU A 25 -10.40 4.46 -3.21
N VAL A 26 -10.16 3.47 -2.35
CA VAL A 26 -9.17 2.45 -2.68
C VAL A 26 -9.65 1.55 -3.81
N VAL A 27 -10.97 1.43 -4.03
CA VAL A 27 -11.45 0.56 -5.10
C VAL A 27 -11.11 1.15 -6.46
N ARG A 28 -10.98 2.47 -6.56
CA ARG A 28 -10.58 3.13 -7.80
C ARG A 28 -9.13 2.77 -8.11
N TYR A 29 -8.34 2.58 -7.05
CA TYR A 29 -6.92 2.26 -7.18
C TYR A 29 -6.66 0.76 -7.02
N GLN A 30 -7.65 -0.03 -6.63
CA GLN A 30 -7.43 -1.44 -6.35
C GLN A 30 -7.00 -2.18 -7.61
N HIS A 31 -7.46 -1.71 -8.78
CA HIS A 31 -7.06 -2.28 -10.05
C HIS A 31 -5.77 -1.66 -10.57
N LYS A 32 -5.54 -0.37 -10.28
CA LYS A 32 -4.39 0.36 -10.80
C LYS A 32 -3.12 0.08 -10.00
N VAL A 33 -3.27 -0.10 -8.68
CA VAL A 33 -2.16 -0.42 -7.79
C VAL A 33 -1.71 -1.84 -8.06
N ALA A 34 -2.67 -2.74 -8.31
CA ALA A 34 -2.37 -4.13 -8.61
C ALA A 34 -1.58 -4.24 -9.92
N SER A 35 -1.70 -3.25 -10.81
CA SER A 35 -1.00 -3.27 -12.09
C SER A 35 0.49 -3.00 -11.90
N LEU A 36 0.83 -1.95 -11.14
CA LEU A 36 2.22 -1.59 -10.97
C LEU A 36 2.90 -2.48 -9.93
N VAL A 37 2.14 -2.99 -8.96
CA VAL A 37 2.73 -3.82 -7.91
C VAL A 37 2.89 -5.27 -8.36
N SER A 38 2.22 -5.67 -9.45
CA SER A 38 2.42 -6.99 -10.04
C SER A 38 3.81 -7.08 -10.67
N ARG A 39 4.51 -5.94 -10.78
CA ARG A 39 5.86 -5.87 -11.29
C ARG A 39 6.89 -6.08 -10.18
N TYR A 40 6.44 -6.20 -8.93
CA TYR A 40 7.31 -6.38 -7.77
C TYR A 40 7.01 -7.65 -7.00
N VAL A 41 5.83 -8.25 -7.23
CA VAL A 41 5.43 -9.52 -6.64
C VAL A 41 4.61 -10.32 -7.65
N PRO A 42 4.60 -11.66 -7.55
CA PRO A 42 3.88 -12.53 -8.46
C PRO A 42 2.37 -12.37 -8.27
N SER A 43 1.60 -12.87 -9.26
CA SER A 43 0.16 -12.71 -9.28
C SER A 43 -0.55 -13.44 -8.13
N GLY A 44 0.17 -14.29 -7.41
CA GLY A 44 -0.40 -15.00 -6.27
C GLY A 44 -0.27 -14.20 -4.98
N ASP A 45 0.62 -13.20 -4.94
CA ASP A 45 0.85 -12.36 -3.78
C ASP A 45 0.48 -10.91 -4.05
N VAL A 46 0.12 -10.58 -5.29
CA VAL A 46 -0.17 -9.21 -5.67
C VAL A 46 -1.43 -8.64 -5.02
N PRO A 47 -2.50 -9.41 -4.72
CA PRO A 47 -3.71 -8.84 -4.17
C PRO A 47 -3.56 -8.55 -2.68
N ASP A 48 -2.64 -9.24 -2.01
CA ASP A 48 -2.44 -9.06 -0.58
C ASP A 48 -1.55 -7.85 -0.32
N VAL A 49 -0.66 -7.52 -1.27
CA VAL A 49 0.22 -6.37 -1.15
C VAL A 49 -0.57 -5.09 -1.46
N VAL A 50 -1.60 -5.18 -2.30
CA VAL A 50 -2.49 -4.05 -2.55
C VAL A 50 -3.32 -3.78 -1.30
N GLN A 51 -3.71 -4.84 -0.58
CA GLN A 51 -4.48 -4.67 0.63
C GLN A 51 -3.60 -4.08 1.73
N GLU A 52 -2.36 -4.56 1.88
CA GLU A 52 -1.47 -4.02 2.88
C GLU A 52 -1.10 -2.58 2.53
N ALA A 53 -1.09 -2.25 1.24
CA ALA A 53 -0.79 -0.89 0.82
C ALA A 53 -1.93 0.05 1.20
N PHE A 54 -3.18 -0.42 1.13
CA PHE A 54 -4.32 0.39 1.54
C PHE A 54 -4.44 0.48 3.06
N ILE A 55 -4.05 -0.57 3.80
CA ILE A 55 -4.08 -0.52 5.25
C ILE A 55 -2.98 0.42 5.74
N LYS A 56 -1.82 0.38 5.08
CA LYS A 56 -0.67 1.20 5.42
C LYS A 56 -0.90 2.63 4.94
N ALA A 57 -1.62 2.81 3.84
CA ALA A 57 -1.89 4.13 3.31
C ALA A 57 -2.83 4.89 4.23
N TYR A 58 -3.89 4.26 4.73
CA TYR A 58 -4.86 4.94 5.57
C TYR A 58 -4.22 5.49 6.83
N ARG A 59 -3.30 4.73 7.41
CA ARG A 59 -2.60 5.11 8.63
C ARG A 59 -1.62 6.26 8.37
N ALA A 60 -1.15 6.37 7.13
CA ALA A 60 -0.27 7.46 6.71
C ALA A 60 -1.05 8.59 6.05
N LEU A 61 -2.33 8.36 5.75
CA LEU A 61 -3.17 9.34 5.08
C LEU A 61 -3.59 10.44 6.05
N ASP A 62 -3.57 10.13 7.36
CA ASP A 62 -3.81 11.12 8.39
C ASP A 62 -2.68 12.15 8.42
N SER A 63 -1.59 11.88 7.70
CA SER A 63 -0.44 12.76 7.62
C SER A 63 -0.29 13.38 6.22
N PHE A 64 -1.17 13.01 5.28
CA PHE A 64 -1.16 13.57 3.93
C PHE A 64 -1.67 15.01 3.99
N ARG A 65 -0.97 15.93 3.30
CA ARG A 65 -1.27 17.35 3.36
C ARG A 65 -1.53 17.96 1.97
N GLY A 66 -1.54 17.14 0.92
CA GLY A 66 -1.82 17.60 -0.43
C GLY A 66 -0.64 18.31 -1.09
N ASP A 67 0.58 18.11 -0.57
CA ASP A 67 1.77 18.71 -1.16
C ASP A 67 2.12 18.05 -2.49
N SER A 68 1.43 16.96 -2.83
CA SER A 68 1.61 16.23 -4.08
C SER A 68 0.29 15.56 -4.45
N ALA A 69 0.18 15.03 -5.67
CA ALA A 69 -1.04 14.36 -6.11
C ALA A 69 -1.23 13.06 -5.32
N PHE A 70 -2.48 12.69 -5.07
CA PHE A 70 -2.78 11.52 -4.25
C PHE A 70 -2.35 10.23 -4.93
N TYR A 71 -2.45 10.15 -6.26
CA TYR A 71 -2.11 8.92 -6.95
C TYR A 71 -0.62 8.63 -6.87
N THR A 72 0.23 9.67 -6.95
CA THR A 72 1.67 9.47 -6.86
C THR A 72 2.05 9.13 -5.44
N TRP A 73 1.37 9.74 -4.46
CA TRP A 73 1.65 9.48 -3.06
C TRP A 73 1.22 8.07 -2.68
N LEU A 74 0.15 7.55 -3.29
CA LEU A 74 -0.36 6.23 -2.97
C LEU A 74 0.46 5.14 -3.65
N TYR A 75 0.93 5.38 -4.87
CA TYR A 75 1.71 4.38 -5.59
C TYR A 75 3.08 4.16 -4.93
N ARG A 76 3.55 5.13 -4.12
CA ARG A 76 4.78 4.95 -3.36
C ARG A 76 4.53 4.01 -2.18
N ILE A 77 3.29 3.95 -1.70
CA ILE A 77 2.95 3.04 -0.60
C ILE A 77 2.93 1.60 -1.13
N ALA A 78 2.48 1.42 -2.38
CA ALA A 78 2.29 0.10 -2.94
C ALA A 78 3.61 -0.58 -3.31
N VAL A 79 4.55 0.18 -3.87
CA VAL A 79 5.82 -0.39 -4.32
C VAL A 79 6.77 -0.60 -3.14
N ASN A 80 6.67 0.24 -2.10
CA ASN A 80 7.50 0.07 -0.92
C ASN A 80 6.99 -1.09 -0.05
N THR A 81 5.69 -1.42 -0.18
CA THR A 81 5.13 -2.55 0.56
C THR A 81 5.48 -3.86 -0.12
N ALA A 82 5.67 -3.85 -1.45
CA ALA A 82 6.03 -5.06 -2.18
C ALA A 82 7.48 -5.43 -1.89
N LYS A 83 8.34 -4.43 -1.68
CA LYS A 83 9.73 -4.65 -1.33
C LYS A 83 9.85 -5.06 0.13
N ASN A 84 8.89 -4.66 0.97
CA ASN A 84 8.86 -5.03 2.37
C ASN A 84 8.17 -6.39 2.56
N TYR A 85 7.37 -6.82 1.57
CA TYR A 85 6.70 -8.11 1.63
C TYR A 85 7.67 -9.24 1.33
N LEU A 86 8.60 -9.00 0.40
CA LEU A 86 9.59 -10.00 0.03
C LEU A 86 10.78 -10.02 1.00
N VAL A 87 11.03 -8.93 1.72
CA VAL A 87 12.13 -8.91 2.68
C VAL A 87 11.68 -9.53 4.00
N ALA A 88 10.37 -9.50 4.28
CA ALA A 88 9.84 -10.07 5.51
C ALA A 88 9.84 -11.58 5.43
N GLN A 89 9.93 -12.13 4.22
CA GLN A 89 10.00 -13.57 4.00
C GLN A 89 11.40 -14.00 3.55
N GLY A 90 12.22 -13.04 3.12
CA GLY A 90 13.60 -13.31 2.71
C GLY A 90 14.54 -13.33 3.90
N ARG A 91 14.19 -12.60 4.98
CA ARG A 91 14.96 -12.57 6.21
C ARG A 91 14.49 -13.64 7.18
N ARG A 92 13.70 -14.60 6.68
CA ARG A 92 13.22 -15.73 7.46
C ARG A 92 14.14 -16.94 7.27
N LEU A 93 15.01 -16.89 6.25
CA LEU A 93 15.95 -17.95 5.93
C LEU A 93 17.38 -17.40 5.83
N GLU A 94 17.53 -16.08 5.97
CA GLU A 94 18.81 -15.40 5.93
C GLU A 94 18.86 -14.40 7.07
N LEU A 95 20.06 -13.97 7.45
CA LEU A 95 20.28 -13.07 8.58
C LEU A 95 19.71 -13.65 9.88
N VAL A 96 19.66 -14.99 9.96
CA VAL A 96 19.19 -15.72 11.13
C VAL A 96 20.26 -16.71 11.57
N PRO A 97 20.30 -17.06 12.87
CA PRO A 97 21.32 -17.92 13.43
C PRO A 97 21.20 -19.37 12.94
N ARG A 98 20.09 -19.72 12.28
CA ARG A 98 19.89 -21.05 11.72
C ARG A 98 20.34 -21.14 10.27
N GLY A 99 20.79 -20.02 9.69
CA GLY A 99 21.25 -19.98 8.30
C GLY A 99 22.62 -20.64 8.14
N SER A 100 23.31 -20.91 9.25
CA SER A 100 24.61 -21.57 9.23
C SER A 100 24.47 -23.08 9.12
N HIS A 101 23.23 -23.59 9.25
CA HIS A 101 22.94 -25.02 9.17
C HIS A 101 22.42 -25.41 7.79
N HIS A 102 22.41 -24.46 6.85
CA HIS A 102 21.92 -24.65 5.49
C HIS A 102 20.48 -25.15 5.43
N HIS A 103 19.73 -25.01 6.53
CA HIS A 103 18.35 -25.46 6.67
C HIS A 103 18.17 -26.94 6.36
N HIS A 104 16.91 -27.41 6.39
CA HIS A 104 16.55 -28.80 6.19
C HIS A 104 17.24 -29.73 7.19
N HIS A 105 17.04 -31.05 7.04
CA HIS A 105 17.54 -32.08 7.93
C HIS A 105 17.07 -31.88 9.37
N HIS A 106 17.51 -32.78 10.26
CA HIS A 106 17.17 -32.76 11.68
C HIS A 106 15.66 -32.59 11.90
N MET A 1 -14.37 14.24 -11.51
CA MET A 1 -14.18 15.69 -11.31
C MET A 1 -15.21 16.50 -12.09
N SER A 2 -15.43 17.75 -11.66
CA SER A 2 -16.34 18.71 -12.29
C SER A 2 -17.80 18.22 -12.42
N GLU A 3 -18.13 17.06 -11.86
CA GLU A 3 -19.48 16.51 -11.90
C GLU A 3 -19.68 15.47 -10.80
N GLN A 4 -18.58 14.83 -10.38
CA GLN A 4 -18.59 13.82 -9.33
C GLN A 4 -17.29 13.89 -8.55
N LEU A 5 -17.31 13.34 -7.33
CA LEU A 5 -16.21 13.39 -6.39
C LEU A 5 -14.96 12.68 -6.95
N THR A 6 -13.79 13.13 -6.49
CA THR A 6 -12.50 12.67 -6.97
C THR A 6 -11.56 12.52 -5.78
N ASP A 7 -10.35 12.00 -5.99
CA ASP A 7 -9.39 11.74 -4.91
C ASP A 7 -9.08 13.00 -4.09
N GLN A 8 -9.39 14.18 -4.62
CA GLN A 8 -9.18 15.43 -3.90
C GLN A 8 -10.09 15.50 -2.69
N VAL A 9 -11.40 15.31 -2.93
CA VAL A 9 -12.41 15.42 -1.87
C VAL A 9 -12.52 14.11 -1.10
N LEU A 10 -12.17 12.99 -1.72
CA LEU A 10 -12.21 11.70 -1.06
C LEU A 10 -11.10 11.59 -0.01
N VAL A 11 -9.98 12.30 -0.17
CA VAL A 11 -8.94 12.29 0.85
C VAL A 11 -9.29 13.29 1.94
N GLU A 12 -10.01 14.36 1.62
CA GLU A 12 -10.43 15.31 2.64
C GLU A 12 -11.52 14.70 3.52
N ARG A 13 -12.41 13.90 2.92
CA ARG A 13 -13.53 13.32 3.64
C ARG A 13 -13.09 12.25 4.62
N VAL A 14 -12.08 11.44 4.26
CA VAL A 14 -11.57 10.42 5.16
C VAL A 14 -10.78 11.04 6.31
N GLN A 15 -10.24 12.24 6.10
CA GLN A 15 -9.55 12.97 7.15
C GLN A 15 -10.56 13.62 8.11
N LYS A 16 -11.82 13.75 7.67
CA LYS A 16 -12.91 14.21 8.53
C LYS A 16 -13.49 13.06 9.37
N GLY A 17 -13.02 11.83 9.15
CA GLY A 17 -13.42 10.67 9.94
C GLY A 17 -14.37 9.74 9.20
N ASP A 18 -14.73 10.05 7.95
CA ASP A 18 -15.60 9.20 7.15
C ASP A 18 -14.76 8.13 6.46
N GLN A 19 -14.48 7.03 7.16
CA GLN A 19 -13.69 5.94 6.63
C GLN A 19 -14.39 5.27 5.45
N LYS A 20 -15.72 5.45 5.36
CA LYS A 20 -16.53 4.93 4.28
C LYS A 20 -16.12 5.54 2.93
N ALA A 21 -15.50 6.72 2.95
CA ALA A 21 -15.03 7.36 1.73
C ALA A 21 -13.66 6.79 1.32
N PHE A 22 -12.95 6.16 2.25
CA PHE A 22 -11.68 5.53 1.93
C PHE A 22 -11.95 4.20 1.22
N ASN A 23 -12.99 3.49 1.65
CA ASN A 23 -13.37 2.23 1.03
C ASN A 23 -13.70 2.47 -0.44
N LEU A 24 -14.44 3.54 -0.72
CA LEU A 24 -14.80 3.90 -2.08
C LEU A 24 -13.63 4.52 -2.83
N LEU A 25 -12.60 4.98 -2.12
CA LEU A 25 -11.41 5.54 -2.73
C LEU A 25 -10.46 4.43 -3.17
N VAL A 26 -10.25 3.40 -2.33
CA VAL A 26 -9.27 2.38 -2.70
C VAL A 26 -9.75 1.51 -3.85
N VAL A 27 -11.07 1.38 -4.07
CA VAL A 27 -11.54 0.57 -5.19
C VAL A 27 -11.16 1.20 -6.52
N ARG A 28 -10.99 2.53 -6.56
CA ARG A 28 -10.57 3.22 -7.77
C ARG A 28 -9.12 2.89 -8.08
N TYR A 29 -8.34 2.65 -7.02
CA TYR A 29 -6.93 2.32 -7.14
C TYR A 29 -6.67 0.81 -7.02
N GLN A 30 -7.67 0.01 -6.65
CA GLN A 30 -7.48 -1.41 -6.44
C GLN A 30 -7.05 -2.09 -7.72
N HIS A 31 -7.48 -1.57 -8.88
CA HIS A 31 -7.07 -2.09 -10.18
C HIS A 31 -5.77 -1.46 -10.64
N LYS A 32 -5.52 -0.19 -10.29
CA LYS A 32 -4.34 0.54 -10.77
C LYS A 32 -3.09 0.20 -9.97
N VAL A 33 -3.26 -0.01 -8.66
CA VAL A 33 -2.16 -0.38 -7.77
C VAL A 33 -1.73 -1.80 -8.06
N ALA A 34 -2.70 -2.68 -8.33
CA ALA A 34 -2.40 -4.06 -8.66
C ALA A 34 -1.63 -4.16 -9.97
N SER A 35 -1.71 -3.15 -10.84
CA SER A 35 -1.01 -3.16 -12.11
C SER A 35 0.48 -2.89 -11.91
N LEU A 36 0.82 -1.89 -11.10
CA LEU A 36 2.22 -1.53 -10.90
C LEU A 36 2.88 -2.43 -9.85
N VAL A 37 2.10 -2.98 -8.91
CA VAL A 37 2.67 -3.81 -7.87
C VAL A 37 2.82 -5.26 -8.32
N SER A 38 2.14 -5.66 -9.40
CA SER A 38 2.32 -6.97 -9.99
C SER A 38 3.70 -7.06 -10.65
N ARG A 39 4.39 -5.92 -10.75
CA ARG A 39 5.74 -5.84 -11.30
C ARG A 39 6.79 -6.05 -10.21
N TYR A 40 6.36 -6.17 -8.94
CA TYR A 40 7.27 -6.34 -7.82
C TYR A 40 6.96 -7.61 -7.02
N VAL A 41 5.78 -8.22 -7.22
CA VAL A 41 5.41 -9.49 -6.61
C VAL A 41 4.60 -10.32 -7.61
N PRO A 42 4.61 -11.65 -7.49
CA PRO A 42 3.89 -12.54 -8.37
C PRO A 42 2.38 -12.41 -8.18
N SER A 43 1.61 -12.94 -9.14
CA SER A 43 0.16 -12.80 -9.14
C SER A 43 -0.51 -13.53 -7.96
N GLY A 44 0.24 -14.36 -7.23
CA GLY A 44 -0.29 -15.05 -6.06
C GLY A 44 -0.16 -14.22 -4.79
N ASP A 45 0.71 -13.21 -4.79
CA ASP A 45 0.93 -12.35 -3.64
C ASP A 45 0.53 -10.90 -3.93
N VAL A 46 0.16 -10.60 -5.17
CA VAL A 46 -0.16 -9.24 -5.57
C VAL A 46 -1.45 -8.70 -4.93
N PRO A 47 -2.49 -9.50 -4.63
CA PRO A 47 -3.72 -8.94 -4.08
C PRO A 47 -3.57 -8.63 -2.59
N ASP A 48 -2.65 -9.30 -1.91
CA ASP A 48 -2.44 -9.09 -0.49
C ASP A 48 -1.59 -7.86 -0.24
N VAL A 49 -0.71 -7.53 -1.20
CA VAL A 49 0.15 -6.36 -1.08
C VAL A 49 -0.64 -5.10 -1.44
N VAL A 50 -1.67 -5.20 -2.29
CA VAL A 50 -2.55 -4.07 -2.55
C VAL A 50 -3.38 -3.80 -1.30
N GLN A 51 -3.77 -4.86 -0.58
CA GLN A 51 -4.55 -4.70 0.64
C GLN A 51 -3.69 -4.10 1.73
N GLU A 52 -2.45 -4.58 1.89
CA GLU A 52 -1.57 -4.03 2.92
C GLU A 52 -1.20 -2.59 2.57
N ALA A 53 -1.16 -2.26 1.28
CA ALA A 53 -0.85 -0.90 0.86
C ALA A 53 -2.00 0.04 1.21
N PHE A 54 -3.24 -0.44 1.13
CA PHE A 54 -4.40 0.36 1.52
C PHE A 54 -4.54 0.47 3.04
N ILE A 55 -4.18 -0.57 3.78
CA ILE A 55 -4.25 -0.53 5.24
C ILE A 55 -3.15 0.39 5.76
N LYS A 56 -1.98 0.36 5.12
CA LYS A 56 -0.85 1.19 5.49
C LYS A 56 -1.05 2.61 5.01
N ALA A 57 -1.72 2.78 3.86
CA ALA A 57 -1.96 4.10 3.32
C ALA A 57 -2.91 4.87 4.23
N TYR A 58 -3.99 4.23 4.70
CA TYR A 58 -4.96 4.93 5.52
C TYR A 58 -4.33 5.44 6.82
N ARG A 59 -3.40 4.67 7.38
CA ARG A 59 -2.71 5.04 8.62
C ARG A 59 -1.71 6.17 8.37
N ALA A 60 -1.29 6.36 7.12
CA ALA A 60 -0.38 7.43 6.74
C ALA A 60 -1.13 8.59 6.08
N LEU A 61 -2.40 8.39 5.73
CA LEU A 61 -3.22 9.37 5.05
C LEU A 61 -3.68 10.45 6.03
N ASP A 62 -3.77 10.10 7.31
CA ASP A 62 -4.11 11.06 8.35
C ASP A 62 -2.99 12.07 8.54
N SER A 63 -1.81 11.78 7.97
CA SER A 63 -0.64 12.65 8.06
C SER A 63 -0.27 13.23 6.69
N PHE A 64 -1.04 12.90 5.63
CA PHE A 64 -0.76 13.40 4.29
C PHE A 64 -1.12 14.89 4.20
N ARG A 65 -0.10 15.71 3.91
CA ARG A 65 -0.21 17.15 3.77
C ARG A 65 0.73 17.64 2.67
N GLY A 66 1.04 16.75 1.72
CA GLY A 66 2.03 17.00 0.68
C GLY A 66 1.59 18.06 -0.34
N ASP A 67 0.35 18.54 -0.26
CA ASP A 67 -0.19 19.53 -1.18
C ASP A 67 0.01 19.10 -2.64
N SER A 68 0.04 17.78 -2.87
CA SER A 68 0.27 17.18 -4.18
C SER A 68 -0.82 16.15 -4.48
N ALA A 69 -0.79 15.57 -5.68
CA ALA A 69 -1.79 14.61 -6.09
C ALA A 69 -1.70 13.33 -5.24
N PHE A 70 -2.86 12.69 -5.02
CA PHE A 70 -2.96 11.51 -4.18
C PHE A 70 -2.41 10.26 -4.85
N TYR A 71 -2.50 10.16 -6.18
CA TYR A 71 -2.10 8.94 -6.87
C TYR A 71 -0.59 8.70 -6.78
N THR A 72 0.23 9.76 -6.85
CA THR A 72 1.68 9.57 -6.76
C THR A 72 2.04 9.19 -5.33
N TRP A 73 1.37 9.77 -4.35
CA TRP A 73 1.65 9.50 -2.96
C TRP A 73 1.24 8.07 -2.60
N LEU A 74 0.16 7.56 -3.19
CA LEU A 74 -0.35 6.23 -2.90
C LEU A 74 0.50 5.15 -3.58
N TYR A 75 0.99 5.43 -4.79
CA TYR A 75 1.78 4.46 -5.53
C TYR A 75 3.15 4.23 -4.89
N ARG A 76 3.62 5.17 -4.06
CA ARG A 76 4.83 4.96 -3.29
C ARG A 76 4.56 4.03 -2.11
N ILE A 77 3.31 3.95 -1.65
CA ILE A 77 2.97 3.02 -0.58
C ILE A 77 2.95 1.60 -1.11
N ALA A 78 2.51 1.42 -2.36
CA ALA A 78 2.33 0.09 -2.93
C ALA A 78 3.65 -0.57 -3.29
N VAL A 79 4.61 0.21 -3.83
CA VAL A 79 5.89 -0.36 -4.23
C VAL A 79 6.81 -0.54 -3.03
N ASN A 80 6.69 0.29 -1.99
CA ASN A 80 7.51 0.15 -0.80
C ASN A 80 7.01 -1.02 0.05
N THR A 81 5.73 -1.40 -0.10
CA THR A 81 5.18 -2.52 0.63
C THR A 81 5.51 -3.83 -0.07
N ALA A 82 5.68 -3.82 -1.40
CA ALA A 82 6.01 -5.03 -2.14
C ALA A 82 7.48 -5.42 -1.94
N LYS A 83 8.36 -4.42 -1.76
CA LYS A 83 9.76 -4.69 -1.49
C LYS A 83 9.93 -5.10 -0.03
N ASN A 84 9.07 -4.60 0.85
CA ASN A 84 9.08 -5.00 2.26
C ASN A 84 8.47 -6.38 2.43
N TYR A 85 7.60 -6.79 1.49
CA TYR A 85 6.93 -8.08 1.55
C TYR A 85 7.89 -9.20 1.15
N LEU A 86 8.77 -8.95 0.18
CA LEU A 86 9.70 -9.98 -0.27
C LEU A 86 10.86 -10.18 0.68
N VAL A 87 11.17 -9.20 1.54
CA VAL A 87 12.22 -9.39 2.53
C VAL A 87 11.66 -9.95 3.84
N ALA A 88 10.35 -9.81 4.07
CA ALA A 88 9.74 -10.32 5.28
C ALA A 88 9.52 -11.83 5.19
N GLN A 89 9.35 -12.34 3.97
CA GLN A 89 9.23 -13.77 3.72
C GLN A 89 10.55 -14.33 3.17
N GLY A 90 11.44 -13.46 2.70
CA GLY A 90 12.73 -13.87 2.17
C GLY A 90 13.79 -14.01 3.27
N ARG A 91 13.51 -13.48 4.47
CA ARG A 91 14.42 -13.57 5.61
C ARG A 91 13.77 -14.29 6.78
N ARG A 92 12.61 -14.94 6.54
CA ARG A 92 11.86 -15.64 7.57
C ARG A 92 12.61 -16.89 8.06
N LEU A 93 13.69 -17.25 7.37
CA LEU A 93 14.51 -18.40 7.72
C LEU A 93 15.94 -17.95 8.05
N GLU A 94 16.23 -16.65 7.96
CA GLU A 94 17.56 -16.12 8.23
C GLU A 94 17.61 -15.52 9.64
N LEU A 95 16.50 -14.91 10.07
CA LEU A 95 16.26 -14.32 11.39
C LEU A 95 17.22 -13.22 11.83
N VAL A 96 18.45 -13.15 11.29
CA VAL A 96 19.45 -12.17 11.70
C VAL A 96 20.31 -11.76 10.51
N PRO A 97 20.94 -10.58 10.56
CA PRO A 97 21.90 -10.14 9.56
C PRO A 97 23.14 -11.03 9.63
N ARG A 98 23.81 -11.21 8.48
CA ARG A 98 24.98 -12.09 8.37
C ARG A 98 26.03 -11.49 7.45
N GLY A 99 27.26 -11.99 7.55
CA GLY A 99 28.37 -11.52 6.72
C GLY A 99 29.66 -12.25 7.10
N SER A 100 30.75 -11.94 6.38
CA SER A 100 32.05 -12.54 6.63
C SER A 100 33.17 -11.57 6.25
N HIS A 101 34.37 -11.81 6.80
CA HIS A 101 35.54 -10.98 6.56
C HIS A 101 36.78 -11.84 6.39
N HIS A 102 36.60 -13.14 6.13
CA HIS A 102 37.70 -14.09 6.00
C HIS A 102 37.41 -15.08 4.87
N HIS A 103 38.44 -15.85 4.47
CA HIS A 103 38.34 -16.82 3.40
C HIS A 103 37.57 -18.07 3.85
N HIS A 104 37.11 -18.08 5.10
CA HIS A 104 36.33 -19.16 5.71
C HIS A 104 36.96 -20.55 5.52
N HIS A 105 38.27 -20.60 5.28
CA HIS A 105 39.01 -21.84 5.10
C HIS A 105 40.43 -21.68 5.64
N HIS A 106 41.07 -22.81 5.97
CA HIS A 106 42.43 -22.86 6.53
C HIS A 106 42.61 -21.84 7.66
N MET A 1 -23.10 11.75 -15.91
CA MET A 1 -22.64 13.01 -15.26
C MET A 1 -21.39 12.78 -14.43
N SER A 2 -20.73 13.86 -14.01
CA SER A 2 -19.52 13.78 -13.18
C SER A 2 -19.85 13.32 -11.76
N GLU A 3 -18.83 12.84 -11.05
CA GLU A 3 -18.98 12.35 -9.68
C GLU A 3 -18.95 13.50 -8.66
N GLN A 4 -18.70 14.73 -9.14
CA GLN A 4 -18.65 15.94 -8.33
C GLN A 4 -17.65 15.91 -7.18
N LEU A 5 -16.83 14.86 -7.09
CA LEU A 5 -15.83 14.71 -6.05
C LEU A 5 -14.55 14.13 -6.65
N THR A 6 -13.42 14.40 -6.00
CA THR A 6 -12.10 13.98 -6.46
C THR A 6 -11.25 13.52 -5.28
N ASP A 7 -10.06 12.98 -5.54
CA ASP A 7 -9.15 12.53 -4.50
C ASP A 7 -8.84 13.64 -3.49
N GLN A 8 -9.09 14.90 -3.86
CA GLN A 8 -8.89 16.02 -2.96
C GLN A 8 -9.85 15.94 -1.78
N VAL A 9 -11.14 15.77 -2.07
CA VAL A 9 -12.18 15.75 -1.05
C VAL A 9 -12.35 14.35 -0.46
N LEU A 10 -12.02 13.32 -1.23
CA LEU A 10 -12.07 11.95 -0.73
C LEU A 10 -10.99 11.72 0.33
N VAL A 11 -9.85 12.43 0.23
CA VAL A 11 -8.81 12.30 1.23
C VAL A 11 -9.10 13.19 2.43
N GLU A 12 -9.81 14.30 2.24
CA GLU A 12 -10.19 15.15 3.37
C GLU A 12 -11.28 14.46 4.19
N ARG A 13 -12.19 13.75 3.52
CA ARG A 13 -13.33 13.13 4.19
C ARG A 13 -12.90 11.95 5.05
N VAL A 14 -11.88 11.19 4.62
CA VAL A 14 -11.38 10.08 5.42
C VAL A 14 -10.54 10.58 6.60
N GLN A 15 -9.98 11.80 6.50
CA GLN A 15 -9.27 12.42 7.60
C GLN A 15 -10.27 12.99 8.62
N LYS A 16 -11.54 13.13 8.20
CA LYS A 16 -12.62 13.61 9.06
C LYS A 16 -13.37 12.46 9.74
N GLY A 17 -12.93 11.21 9.53
CA GLY A 17 -13.44 10.05 10.24
C GLY A 17 -14.39 9.20 9.41
N ASP A 18 -14.64 9.57 8.14
CA ASP A 18 -15.51 8.80 7.27
C ASP A 18 -14.66 7.80 6.47
N GLN A 19 -14.37 6.65 7.09
CA GLN A 19 -13.57 5.61 6.46
C GLN A 19 -14.29 5.04 5.23
N LYS A 20 -15.61 5.24 5.16
CA LYS A 20 -16.42 4.80 4.02
C LYS A 20 -15.98 5.49 2.74
N ALA A 21 -15.37 6.67 2.85
CA ALA A 21 -14.89 7.38 1.67
C ALA A 21 -13.52 6.83 1.23
N PHE A 22 -12.83 6.12 2.13
CA PHE A 22 -11.55 5.52 1.78
C PHE A 22 -11.82 4.25 0.97
N ASN A 23 -12.87 3.51 1.33
CA ASN A 23 -13.24 2.31 0.61
C ASN A 23 -13.58 2.64 -0.84
N LEU A 24 -14.29 3.77 -1.04
CA LEU A 24 -14.64 4.24 -2.37
C LEU A 24 -13.45 4.88 -3.07
N LEU A 25 -12.42 5.28 -2.32
CA LEU A 25 -11.22 5.86 -2.89
C LEU A 25 -10.24 4.77 -3.35
N VAL A 26 -9.99 3.75 -2.52
CA VAL A 26 -8.99 2.75 -2.87
C VAL A 26 -9.47 1.90 -4.04
N VAL A 27 -10.78 1.77 -4.28
CA VAL A 27 -11.25 0.93 -5.37
C VAL A 27 -10.93 1.56 -6.72
N ARG A 28 -10.80 2.90 -6.78
CA ARG A 28 -10.40 3.59 -8.00
C ARG A 28 -8.95 3.26 -8.33
N TYR A 29 -8.14 3.10 -7.28
CA TYR A 29 -6.73 2.82 -7.42
C TYR A 29 -6.42 1.33 -7.29
N GLN A 30 -7.40 0.51 -6.90
CA GLN A 30 -7.18 -0.91 -6.68
C GLN A 30 -6.78 -1.62 -7.97
N HIS A 31 -7.22 -1.09 -9.12
CA HIS A 31 -6.80 -1.61 -10.40
C HIS A 31 -5.48 -0.99 -10.84
N LYS A 32 -5.21 0.25 -10.41
CA LYS A 32 -4.00 0.97 -10.82
C LYS A 32 -2.77 0.49 -10.06
N VAL A 33 -2.88 0.28 -8.75
CA VAL A 33 -1.73 -0.14 -7.96
C VAL A 33 -1.49 -1.63 -8.11
N ALA A 34 -2.52 -2.41 -8.43
CA ALA A 34 -2.34 -3.83 -8.66
C ALA A 34 -1.57 -4.07 -9.96
N SER A 35 -1.59 -3.10 -10.88
CA SER A 35 -0.87 -3.21 -12.14
C SER A 35 0.61 -2.99 -11.92
N LEU A 36 0.97 -1.99 -11.10
CA LEU A 36 2.36 -1.66 -10.87
C LEU A 36 2.99 -2.55 -9.80
N VAL A 37 2.20 -3.11 -8.89
CA VAL A 37 2.73 -3.94 -7.82
C VAL A 37 2.84 -5.41 -8.25
N SER A 38 2.11 -5.81 -9.31
CA SER A 38 2.27 -7.14 -9.88
C SER A 38 3.64 -7.27 -10.54
N ARG A 39 4.37 -6.14 -10.64
CA ARG A 39 5.71 -6.09 -11.21
C ARG A 39 6.78 -6.29 -10.13
N TYR A 40 6.36 -6.39 -8.85
CA TYR A 40 7.27 -6.58 -7.73
C TYR A 40 6.96 -7.86 -6.95
N VAL A 41 5.77 -8.43 -7.14
CA VAL A 41 5.37 -9.71 -6.55
C VAL A 41 4.54 -10.50 -7.56
N PRO A 42 4.54 -11.84 -7.46
CA PRO A 42 3.80 -12.71 -8.36
C PRO A 42 2.30 -12.55 -8.17
N SER A 43 1.51 -13.06 -9.12
CA SER A 43 0.06 -12.91 -9.12
C SER A 43 -0.59 -13.64 -7.94
N GLY A 44 0.16 -14.51 -7.25
CA GLY A 44 -0.34 -15.22 -6.10
C GLY A 44 -0.23 -14.40 -4.81
N ASP A 45 0.64 -13.39 -4.80
CA ASP A 45 0.85 -12.54 -3.63
C ASP A 45 0.46 -11.09 -3.91
N VAL A 46 0.09 -10.77 -5.15
CA VAL A 46 -0.26 -9.41 -5.51
C VAL A 46 -1.55 -8.89 -4.83
N PRO A 47 -2.58 -9.71 -4.57
CA PRO A 47 -3.82 -9.18 -4.02
C PRO A 47 -3.70 -8.85 -2.53
N ASP A 48 -2.78 -9.54 -1.83
CA ASP A 48 -2.59 -9.33 -0.41
C ASP A 48 -1.69 -8.12 -0.16
N VAL A 49 -0.79 -7.84 -1.11
CA VAL A 49 0.10 -6.70 -1.02
C VAL A 49 -0.65 -5.42 -1.39
N VAL A 50 -1.70 -5.53 -2.23
CA VAL A 50 -2.54 -4.39 -2.53
C VAL A 50 -3.40 -4.05 -1.32
N GLN A 51 -3.83 -5.06 -0.57
CA GLN A 51 -4.61 -4.82 0.64
C GLN A 51 -3.73 -4.24 1.73
N GLU A 52 -2.52 -4.78 1.92
CA GLU A 52 -1.62 -4.26 2.94
C GLU A 52 -1.16 -2.85 2.57
N ALA A 53 -1.12 -2.53 1.27
CA ALA A 53 -0.74 -1.21 0.83
C ALA A 53 -1.85 -0.20 1.13
N PHE A 54 -3.11 -0.64 1.17
CA PHE A 54 -4.21 0.26 1.50
C PHE A 54 -4.41 0.37 3.01
N ILE A 55 -4.07 -0.68 3.76
CA ILE A 55 -4.13 -0.62 5.21
C ILE A 55 -3.00 0.27 5.72
N LYS A 56 -1.84 0.20 5.07
CA LYS A 56 -0.67 0.99 5.43
C LYS A 56 -0.80 2.41 4.91
N ALA A 57 -1.47 2.60 3.77
CA ALA A 57 -1.68 3.92 3.22
C ALA A 57 -2.60 4.72 4.13
N TYR A 58 -3.68 4.12 4.64
CA TYR A 58 -4.62 4.84 5.50
C TYR A 58 -3.95 5.33 6.78
N ARG A 59 -3.03 4.52 7.32
CA ARG A 59 -2.30 4.88 8.53
C ARG A 59 -1.29 5.98 8.25
N ALA A 60 -0.95 6.21 6.98
CA ALA A 60 -0.04 7.27 6.57
C ALA A 60 -0.82 8.42 5.92
N LEU A 61 -2.10 8.21 5.60
CA LEU A 61 -2.94 9.19 4.93
C LEU A 61 -3.31 10.29 5.89
N ASP A 62 -3.28 9.99 7.20
CA ASP A 62 -3.51 10.98 8.24
C ASP A 62 -2.42 12.07 8.20
N SER A 63 -1.34 11.83 7.45
CA SER A 63 -0.24 12.78 7.32
C SER A 63 -0.12 13.32 5.88
N PHE A 64 -1.03 12.94 4.98
CA PHE A 64 -0.99 13.47 3.62
C PHE A 64 -1.40 14.95 3.64
N ARG A 65 -0.55 15.79 3.06
CA ARG A 65 -0.69 17.24 3.06
C ARG A 65 -0.30 17.82 1.70
N GLY A 66 -0.15 16.96 0.69
CA GLY A 66 0.25 17.39 -0.64
C GLY A 66 -0.88 18.10 -1.36
N ASP A 67 -2.13 17.66 -1.14
CA ASP A 67 -3.34 18.23 -1.72
C ASP A 67 -3.26 18.46 -3.23
N SER A 68 -2.36 17.75 -3.91
CA SER A 68 -2.19 17.91 -5.36
C SER A 68 -1.55 16.68 -6.01
N ALA A 69 -1.06 15.72 -5.23
CA ALA A 69 -0.39 14.55 -5.77
C ALA A 69 -0.74 13.30 -4.97
N PHE A 70 -2.02 13.00 -4.80
CA PHE A 70 -2.42 11.81 -4.06
C PHE A 70 -2.06 10.54 -4.82
N TYR A 71 -2.14 10.56 -6.15
CA TYR A 71 -1.87 9.36 -6.93
C TYR A 71 -0.39 8.99 -6.89
N THR A 72 0.51 9.98 -6.95
CA THR A 72 1.94 9.72 -6.90
C THR A 72 2.31 9.28 -5.50
N TRP A 73 1.64 9.86 -4.48
CA TRP A 73 1.90 9.52 -3.10
C TRP A 73 1.42 8.09 -2.80
N LEU A 74 0.35 7.65 -3.49
CA LEU A 74 -0.22 6.34 -3.24
C LEU A 74 0.54 5.24 -3.99
N TYR A 75 1.02 5.53 -5.20
CA TYR A 75 1.78 4.54 -5.96
C TYR A 75 3.05 4.16 -5.21
N ARG A 76 3.60 5.10 -4.41
CA ARG A 76 4.80 4.85 -3.64
C ARG A 76 4.53 3.92 -2.46
N ILE A 77 3.29 3.88 -1.96
CA ILE A 77 2.97 3.01 -0.85
C ILE A 77 2.97 1.55 -1.32
N ALA A 78 2.45 1.30 -2.53
CA ALA A 78 2.29 -0.06 -3.01
C ALA A 78 3.62 -0.71 -3.39
N VAL A 79 4.56 0.07 -3.94
CA VAL A 79 5.86 -0.49 -4.30
C VAL A 79 6.72 -0.69 -3.06
N ASN A 80 6.52 0.12 -2.02
CA ASN A 80 7.26 -0.02 -0.78
C ASN A 80 6.65 -1.15 0.06
N THR A 81 5.39 -1.52 -0.20
CA THR A 81 4.77 -2.63 0.53
C THR A 81 5.23 -3.96 -0.07
N ALA A 82 5.47 -4.01 -1.38
CA ALA A 82 5.88 -5.22 -2.05
C ALA A 82 7.32 -5.58 -1.69
N LYS A 83 8.19 -4.58 -1.56
CA LYS A 83 9.57 -4.81 -1.20
C LYS A 83 9.69 -5.13 0.29
N ASN A 84 8.77 -4.61 1.10
CA ASN A 84 8.73 -4.89 2.52
C ASN A 84 8.11 -6.26 2.79
N TYR A 85 7.19 -6.70 1.93
CA TYR A 85 6.50 -7.97 2.09
C TYR A 85 7.45 -9.15 1.84
N LEU A 86 8.36 -9.00 0.89
CA LEU A 86 9.29 -10.07 0.54
C LEU A 86 10.41 -10.21 1.56
N VAL A 87 10.81 -9.12 2.23
CA VAL A 87 11.85 -9.20 3.25
C VAL A 87 11.27 -9.52 4.62
N ALA A 88 9.97 -9.29 4.82
CA ALA A 88 9.31 -9.59 6.08
C ALA A 88 9.04 -11.09 6.21
N GLN A 89 9.22 -11.85 5.13
CA GLN A 89 9.05 -13.30 5.14
C GLN A 89 10.37 -14.01 4.83
N GLY A 90 11.32 -13.31 4.22
CA GLY A 90 12.63 -13.87 3.91
C GLY A 90 13.59 -13.77 5.09
N ARG A 91 13.28 -12.93 6.08
CA ARG A 91 14.11 -12.73 7.26
C ARG A 91 13.58 -13.49 8.47
N ARG A 92 12.57 -14.35 8.28
CA ARG A 92 12.00 -15.14 9.37
C ARG A 92 12.66 -16.52 9.50
N LEU A 93 13.63 -16.82 8.63
CA LEU A 93 14.33 -18.10 8.65
C LEU A 93 15.83 -17.92 8.36
N GLU A 94 16.24 -16.71 7.98
CA GLU A 94 17.63 -16.44 7.65
C GLU A 94 18.35 -15.91 8.89
N LEU A 95 19.47 -16.56 9.24
CA LEU A 95 20.30 -16.21 10.38
C LEU A 95 21.78 -16.22 10.01
N VAL A 96 22.08 -16.32 8.70
CA VAL A 96 23.44 -16.41 8.19
C VAL A 96 23.63 -15.44 7.02
N PRO A 97 24.87 -15.01 6.77
CA PRO A 97 25.21 -14.13 5.67
C PRO A 97 25.08 -14.84 4.32
N ARG A 98 25.10 -14.05 3.24
CA ARG A 98 24.95 -14.57 1.88
C ARG A 98 26.16 -14.20 1.01
N GLY A 99 27.21 -13.66 1.63
CA GLY A 99 28.42 -13.25 0.93
C GLY A 99 28.26 -11.87 0.30
N SER A 100 29.13 -11.55 -0.66
CA SER A 100 29.14 -10.26 -1.32
C SER A 100 29.45 -10.42 -2.81
N HIS A 101 29.15 -9.39 -3.60
CA HIS A 101 29.36 -9.39 -5.04
C HIS A 101 30.79 -8.99 -5.39
N HIS A 102 31.63 -8.71 -4.39
CA HIS A 102 33.01 -8.31 -4.58
C HIS A 102 33.90 -8.93 -3.51
N HIS A 103 35.18 -9.13 -3.83
CA HIS A 103 36.15 -9.71 -2.93
C HIS A 103 37.56 -9.22 -3.26
N HIS A 104 38.49 -9.36 -2.31
CA HIS A 104 39.87 -8.93 -2.50
C HIS A 104 40.82 -9.87 -1.76
N HIS A 105 42.09 -9.88 -2.20
CA HIS A 105 43.12 -10.78 -1.68
C HIS A 105 42.71 -12.25 -1.81
N HIS A 106 43.57 -13.15 -1.29
CA HIS A 106 43.33 -14.59 -1.34
C HIS A 106 42.94 -15.12 0.03
N MET A 1 -18.38 12.60 -20.20
CA MET A 1 -18.10 12.56 -18.74
C MET A 1 -19.00 13.53 -17.98
N SER A 2 -19.00 13.44 -16.65
CA SER A 2 -19.81 14.30 -15.80
C SER A 2 -19.03 14.65 -14.53
N GLU A 3 -19.48 15.69 -13.82
CA GLU A 3 -18.83 16.14 -12.60
C GLU A 3 -19.14 15.18 -11.45
N GLN A 4 -18.13 14.85 -10.66
CA GLN A 4 -18.27 13.97 -9.50
C GLN A 4 -17.13 14.18 -8.50
N LEU A 5 -17.15 13.37 -7.45
CA LEU A 5 -16.15 13.40 -6.39
C LEU A 5 -14.85 12.79 -6.88
N THR A 6 -13.72 13.25 -6.32
CA THR A 6 -12.39 12.84 -6.74
C THR A 6 -11.50 12.65 -5.52
N ASP A 7 -10.29 12.12 -5.70
CA ASP A 7 -9.35 11.88 -4.61
C ASP A 7 -9.08 13.15 -3.79
N GLN A 8 -9.42 14.32 -4.34
CA GLN A 8 -9.27 15.57 -3.62
C GLN A 8 -10.22 15.59 -2.41
N VAL A 9 -11.51 15.37 -2.66
CA VAL A 9 -12.54 15.46 -1.63
C VAL A 9 -12.66 14.15 -0.86
N LEU A 10 -12.30 13.03 -1.49
CA LEU A 10 -12.33 11.73 -0.84
C LEU A 10 -11.24 11.65 0.23
N VAL A 11 -10.10 12.34 0.05
CA VAL A 11 -9.04 12.31 1.04
C VAL A 11 -9.36 13.29 2.17
N GLU A 12 -10.11 14.35 1.89
CA GLU A 12 -10.48 15.30 2.92
C GLU A 12 -11.48 14.69 3.90
N ARG A 13 -12.44 13.90 3.42
CA ARG A 13 -13.48 13.40 4.30
C ARG A 13 -13.05 12.17 5.10
N VAL A 14 -12.08 11.40 4.59
CA VAL A 14 -11.54 10.29 5.38
C VAL A 14 -10.69 10.84 6.53
N GLN A 15 -10.17 12.06 6.37
CA GLN A 15 -9.45 12.74 7.44
C GLN A 15 -10.44 13.35 8.44
N LYS A 16 -11.69 13.57 8.02
CA LYS A 16 -12.74 14.09 8.87
C LYS A 16 -13.51 12.96 9.57
N GLY A 17 -13.22 11.70 9.21
CA GLY A 17 -13.77 10.55 9.92
C GLY A 17 -14.67 9.65 9.05
N ASP A 18 -14.87 9.97 7.77
CA ASP A 18 -15.70 9.15 6.92
C ASP A 18 -14.85 8.04 6.28
N GLN A 19 -14.66 6.94 7.02
CA GLN A 19 -13.86 5.82 6.54
C GLN A 19 -14.56 5.16 5.35
N LYS A 20 -15.88 5.33 5.24
CA LYS A 20 -16.67 4.82 4.13
C LYS A 20 -16.19 5.41 2.80
N ALA A 21 -15.55 6.58 2.85
CA ALA A 21 -15.05 7.23 1.65
C ALA A 21 -13.67 6.68 1.27
N PHE A 22 -12.96 6.07 2.21
CA PHE A 22 -11.67 5.47 1.89
C PHE A 22 -11.91 4.16 1.15
N ASN A 23 -12.96 3.45 1.51
CA ASN A 23 -13.33 2.21 0.83
C ASN A 23 -13.68 2.50 -0.63
N LEU A 24 -14.38 3.60 -0.85
CA LEU A 24 -14.75 4.04 -2.19
C LEU A 24 -13.56 4.66 -2.91
N LEU A 25 -12.52 5.06 -2.17
CA LEU A 25 -11.31 5.62 -2.76
C LEU A 25 -10.37 4.51 -3.20
N VAL A 26 -10.12 3.51 -2.34
CA VAL A 26 -9.14 2.49 -2.68
C VAL A 26 -9.62 1.60 -3.83
N VAL A 27 -10.93 1.49 -4.06
CA VAL A 27 -11.42 0.66 -5.14
C VAL A 27 -11.08 1.29 -6.50
N ARG A 28 -10.94 2.62 -6.56
CA ARG A 28 -10.54 3.30 -7.78
C ARG A 28 -9.10 2.94 -8.11
N TYR A 29 -8.31 2.68 -7.06
CA TYR A 29 -6.90 2.35 -7.19
C TYR A 29 -6.64 0.86 -7.04
N GLN A 30 -7.64 0.06 -6.65
CA GLN A 30 -7.43 -1.36 -6.38
C GLN A 30 -7.00 -2.07 -7.65
N HIS A 31 -7.45 -1.58 -8.81
CA HIS A 31 -7.04 -2.13 -10.11
C HIS A 31 -5.75 -1.50 -10.60
N LYS A 32 -5.51 -0.21 -10.28
CA LYS A 32 -4.34 0.50 -10.78
C LYS A 32 -3.09 0.17 -9.99
N VAL A 33 -3.24 -0.03 -8.67
CA VAL A 33 -2.13 -0.37 -7.79
C VAL A 33 -1.70 -1.80 -8.06
N ALA A 34 -2.67 -2.68 -8.31
CA ALA A 34 -2.38 -4.07 -8.62
C ALA A 34 -1.62 -4.20 -9.94
N SER A 35 -1.72 -3.19 -10.82
CA SER A 35 -1.03 -3.24 -12.10
C SER A 35 0.46 -2.96 -11.94
N LEU A 36 0.81 -1.95 -11.14
CA LEU A 36 2.22 -1.60 -10.98
C LEU A 36 2.89 -2.49 -9.93
N VAL A 37 2.13 -3.00 -8.96
CA VAL A 37 2.72 -3.82 -7.91
C VAL A 37 2.86 -5.28 -8.34
N SER A 38 2.16 -5.69 -9.41
CA SER A 38 2.34 -7.01 -9.99
C SER A 38 3.73 -7.11 -10.64
N ARG A 39 4.41 -5.96 -10.79
CA ARG A 39 5.75 -5.90 -11.32
C ARG A 39 6.80 -6.12 -10.23
N TYR A 40 6.36 -6.24 -8.97
CA TYR A 40 7.26 -6.42 -7.83
C TYR A 40 6.96 -7.69 -7.04
N VAL A 41 5.77 -8.27 -7.23
CA VAL A 41 5.39 -9.55 -6.62
C VAL A 41 4.57 -10.36 -7.62
N PRO A 42 4.56 -11.70 -7.50
CA PRO A 42 3.81 -12.58 -8.37
C PRO A 42 2.31 -12.40 -8.20
N SER A 43 1.53 -12.89 -9.17
CA SER A 43 0.09 -12.72 -9.19
C SER A 43 -0.61 -13.44 -8.04
N GLY A 44 0.12 -14.28 -7.29
CA GLY A 44 -0.43 -14.97 -6.13
C GLY A 44 -0.30 -14.15 -4.87
N ASP A 45 0.60 -13.15 -4.85
CA ASP A 45 0.83 -12.31 -3.70
C ASP A 45 0.46 -10.86 -3.97
N VAL A 46 0.10 -10.54 -5.22
CA VAL A 46 -0.20 -9.17 -5.62
C VAL A 46 -1.47 -8.60 -4.95
N PRO A 47 -2.52 -9.38 -4.65
CA PRO A 47 -3.73 -8.80 -4.09
C PRO A 47 -3.56 -8.50 -2.60
N ASP A 48 -2.63 -9.18 -1.94
CA ASP A 48 -2.40 -9.00 -0.52
C ASP A 48 -1.53 -7.77 -0.27
N VAL A 49 -0.65 -7.45 -1.22
CA VAL A 49 0.21 -6.29 -1.11
C VAL A 49 -0.58 -5.02 -1.43
N VAL A 50 -1.62 -5.11 -2.26
CA VAL A 50 -2.50 -3.99 -2.51
C VAL A 50 -3.33 -3.72 -1.26
N GLN A 51 -3.71 -4.78 -0.53
CA GLN A 51 -4.48 -4.61 0.70
C GLN A 51 -3.60 -4.02 1.77
N GLU A 52 -2.36 -4.49 1.91
CA GLU A 52 -1.46 -3.95 2.93
C GLU A 52 -1.08 -2.51 2.57
N ALA A 53 -1.05 -2.18 1.28
CA ALA A 53 -0.75 -0.83 0.85
C ALA A 53 -1.89 0.11 1.23
N PHE A 54 -3.15 -0.35 1.14
CA PHE A 54 -4.30 0.45 1.54
C PHE A 54 -4.41 0.55 3.07
N ILE A 55 -4.03 -0.49 3.80
CA ILE A 55 -4.07 -0.43 5.26
C ILE A 55 -2.98 0.51 5.75
N LYS A 56 -1.80 0.45 5.09
CA LYS A 56 -0.67 1.29 5.43
C LYS A 56 -0.89 2.71 4.95
N ALA A 57 -1.62 2.89 3.84
CA ALA A 57 -1.89 4.20 3.31
C ALA A 57 -2.86 4.95 4.22
N TYR A 58 -3.93 4.30 4.68
CA TYR A 58 -4.94 4.98 5.49
C TYR A 58 -4.33 5.58 6.75
N ARG A 59 -3.40 4.84 7.37
CA ARG A 59 -2.76 5.28 8.60
C ARG A 59 -1.77 6.41 8.34
N ALA A 60 -1.21 6.46 7.13
CA ALA A 60 -0.31 7.51 6.71
C ALA A 60 -1.08 8.67 6.06
N LEU A 61 -2.36 8.45 5.74
CA LEU A 61 -3.18 9.43 5.06
C LEU A 61 -3.61 10.54 6.02
N ASP A 62 -3.71 10.23 7.31
CA ASP A 62 -3.98 11.21 8.34
C ASP A 62 -2.75 12.11 8.55
N SER A 63 -1.64 11.77 7.89
CA SER A 63 -0.41 12.55 7.95
C SER A 63 -0.09 13.19 6.60
N PHE A 64 -0.97 13.04 5.61
CA PHE A 64 -0.79 13.60 4.29
C PHE A 64 -1.27 15.05 4.25
N ARG A 65 -0.66 15.88 3.40
CA ARG A 65 -0.96 17.31 3.33
C ARG A 65 -1.42 17.75 1.95
N GLY A 66 -1.45 16.84 0.97
CA GLY A 66 -1.87 17.18 -0.38
C GLY A 66 -0.85 18.06 -1.11
N ASP A 67 0.39 18.13 -0.62
CA ASP A 67 1.44 18.92 -1.24
C ASP A 67 1.85 18.32 -2.59
N SER A 68 1.37 17.11 -2.88
CA SER A 68 1.59 16.40 -4.13
C SER A 68 0.28 15.70 -4.52
N ALA A 69 0.23 15.11 -5.72
CA ALA A 69 -0.96 14.39 -6.14
C ALA A 69 -1.13 13.11 -5.32
N PHE A 70 -2.37 12.73 -5.07
CA PHE A 70 -2.67 11.58 -4.23
C PHE A 70 -2.24 10.27 -4.91
N TYR A 71 -2.30 10.20 -6.23
CA TYR A 71 -1.97 8.95 -6.91
C TYR A 71 -0.46 8.67 -6.82
N THR A 72 0.37 9.70 -6.90
CA THR A 72 1.81 9.52 -6.78
C THR A 72 2.17 9.18 -5.35
N TRP A 73 1.43 9.75 -4.39
CA TRP A 73 1.67 9.50 -2.98
C TRP A 73 1.20 8.12 -2.58
N LEU A 74 0.20 7.56 -3.27
CA LEU A 74 -0.32 6.23 -2.95
C LEU A 74 0.49 5.15 -3.64
N TYR A 75 0.97 5.40 -4.87
CA TYR A 75 1.72 4.39 -5.59
C TYR A 75 3.09 4.15 -4.97
N ARG A 76 3.61 5.09 -4.18
CA ARG A 76 4.86 4.82 -3.46
C ARG A 76 4.59 3.96 -2.23
N ILE A 77 3.35 3.94 -1.72
CA ILE A 77 3.01 3.04 -0.62
C ILE A 77 2.99 1.61 -1.14
N ALA A 78 2.56 1.42 -2.40
CA ALA A 78 2.36 0.09 -2.95
C ALA A 78 3.68 -0.60 -3.32
N VAL A 79 4.64 0.13 -3.90
CA VAL A 79 5.90 -0.47 -4.30
C VAL A 79 6.85 -0.64 -3.12
N ASN A 80 6.73 0.21 -2.10
CA ASN A 80 7.56 0.09 -0.90
C ASN A 80 7.05 -1.05 -0.03
N THR A 81 5.76 -1.40 -0.15
CA THR A 81 5.21 -2.52 0.60
C THR A 81 5.53 -3.83 -0.11
N ALA A 82 5.72 -3.82 -1.44
CA ALA A 82 6.06 -5.02 -2.18
C ALA A 82 7.50 -5.43 -1.92
N LYS A 83 8.39 -4.45 -1.70
CA LYS A 83 9.79 -4.73 -1.39
C LYS A 83 9.91 -5.12 0.09
N ASN A 84 8.97 -4.67 0.92
CA ASN A 84 8.92 -5.06 2.32
C ASN A 84 8.21 -6.41 2.49
N TYR A 85 7.44 -6.83 1.47
CA TYR A 85 6.74 -8.10 1.51
C TYR A 85 7.71 -9.24 1.17
N LEU A 86 8.66 -8.98 0.28
CA LEU A 86 9.63 -9.99 -0.12
C LEU A 86 10.77 -10.10 0.88
N VAL A 87 11.03 -9.05 1.68
CA VAL A 87 12.06 -9.13 2.70
C VAL A 87 11.51 -9.79 3.97
N ALA A 88 10.19 -9.72 4.17
CA ALA A 88 9.57 -10.31 5.34
C ALA A 88 9.55 -11.84 5.23
N GLN A 89 9.69 -12.36 4.01
CA GLN A 89 9.76 -13.80 3.77
C GLN A 89 11.16 -14.22 3.36
N GLY A 90 12.01 -13.26 2.97
CA GLY A 90 13.39 -13.52 2.61
C GLY A 90 14.27 -13.62 3.86
N ARG A 91 13.76 -13.11 4.98
CA ARG A 91 14.43 -13.20 6.27
C ARG A 91 13.81 -14.30 7.14
N ARG A 92 12.67 -14.86 6.72
CA ARG A 92 11.99 -15.94 7.43
C ARG A 92 11.88 -15.69 8.93
N LEU A 93 11.53 -14.45 9.31
CA LEU A 93 11.36 -14.04 10.70
C LEU A 93 12.64 -14.24 11.53
N GLU A 94 13.80 -14.23 10.87
CA GLU A 94 15.10 -14.34 11.52
C GLU A 94 15.37 -13.10 12.39
N LEU A 95 14.65 -12.00 12.13
CA LEU A 95 14.80 -10.75 12.84
C LEU A 95 13.60 -10.50 13.75
N VAL A 96 12.76 -11.52 13.96
CA VAL A 96 11.55 -11.41 14.76
C VAL A 96 11.53 -12.48 15.85
N PRO A 97 11.14 -12.14 17.09
CA PRO A 97 11.07 -13.09 18.19
C PRO A 97 9.91 -14.06 18.00
N ARG A 98 9.96 -15.20 18.71
CA ARG A 98 8.94 -16.23 18.63
C ARG A 98 7.97 -16.15 19.81
N GLY A 99 8.28 -15.32 20.81
CA GLY A 99 7.43 -15.14 21.98
C GLY A 99 6.12 -14.46 21.63
N SER A 100 5.15 -14.51 22.55
CA SER A 100 3.84 -13.92 22.36
C SER A 100 3.25 -13.50 23.71
N HIS A 101 2.32 -12.53 23.68
CA HIS A 101 1.65 -12.01 24.86
C HIS A 101 0.37 -12.81 25.16
N HIS A 102 0.08 -13.82 24.35
CA HIS A 102 -1.12 -14.64 24.48
C HIS A 102 -0.77 -16.13 24.60
N HIS A 103 0.49 -16.42 24.96
CA HIS A 103 0.97 -17.79 25.08
C HIS A 103 1.81 -17.94 26.35
N HIS A 104 2.21 -19.17 26.66
CA HIS A 104 2.97 -19.52 27.87
C HIS A 104 2.24 -19.15 29.16
N HIS A 105 0.94 -18.90 29.09
CA HIS A 105 0.13 -18.58 30.26
C HIS A 105 -0.48 -19.85 30.87
N HIS A 106 -0.24 -21.00 30.25
CA HIS A 106 -0.76 -22.28 30.68
C HIS A 106 0.22 -23.40 30.32
N MET A 1 -27.26 15.06 -11.83
CA MET A 1 -26.01 15.68 -11.32
C MET A 1 -25.13 16.16 -12.48
N SER A 2 -24.20 17.07 -12.18
CA SER A 2 -23.30 17.62 -13.18
C SER A 2 -21.86 17.65 -12.67
N GLU A 3 -21.60 17.03 -11.52
CA GLU A 3 -20.27 16.98 -10.92
C GLU A 3 -20.13 15.70 -10.10
N GLN A 4 -18.89 15.22 -9.93
CA GLN A 4 -18.61 14.01 -9.17
C GLN A 4 -17.34 14.19 -8.35
N LEU A 5 -17.22 13.40 -7.28
CA LEU A 5 -16.14 13.48 -6.31
C LEU A 5 -14.86 12.85 -6.85
N THR A 6 -13.72 13.30 -6.33
CA THR A 6 -12.39 12.87 -6.76
C THR A 6 -11.50 12.70 -5.54
N ASP A 7 -10.28 12.21 -5.72
CA ASP A 7 -9.35 11.95 -4.62
C ASP A 7 -9.09 13.20 -3.78
N GLN A 8 -9.43 14.39 -4.29
CA GLN A 8 -9.28 15.62 -3.55
C GLN A 8 -10.23 15.64 -2.35
N VAL A 9 -11.52 15.41 -2.60
CA VAL A 9 -12.55 15.46 -1.58
C VAL A 9 -12.65 14.12 -0.85
N LEU A 10 -12.27 13.02 -1.51
CA LEU A 10 -12.28 11.72 -0.87
C LEU A 10 -11.19 11.61 0.18
N VAL A 11 -10.08 12.32 0.03
CA VAL A 11 -9.04 12.29 1.05
C VAL A 11 -9.37 13.26 2.19
N GLU A 12 -10.13 14.32 1.90
CA GLU A 12 -10.57 15.23 2.95
C GLU A 12 -11.64 14.58 3.81
N ARG A 13 -12.52 13.78 3.19
CA ARG A 13 -13.63 13.17 3.90
C ARG A 13 -13.15 12.06 4.85
N VAL A 14 -12.14 11.30 4.46
CA VAL A 14 -11.60 10.25 5.33
C VAL A 14 -10.81 10.85 6.48
N GLN A 15 -10.30 12.07 6.32
CA GLN A 15 -9.63 12.78 7.40
C GLN A 15 -10.65 13.36 8.36
N LYS A 16 -11.92 13.49 7.93
CA LYS A 16 -13.03 13.89 8.79
C LYS A 16 -13.56 12.72 9.61
N GLY A 17 -13.05 11.51 9.34
CA GLY A 17 -13.43 10.31 10.09
C GLY A 17 -14.38 9.40 9.34
N ASP A 18 -14.73 9.76 8.09
CA ASP A 18 -15.60 8.94 7.26
C ASP A 18 -14.77 7.90 6.52
N GLN A 19 -14.48 6.77 7.18
CA GLN A 19 -13.69 5.70 6.59
C GLN A 19 -14.42 5.10 5.40
N LYS A 20 -15.75 5.30 5.32
CA LYS A 20 -16.56 4.82 4.21
C LYS A 20 -16.11 5.44 2.89
N ALA A 21 -15.49 6.63 2.93
CA ALA A 21 -15.01 7.29 1.74
C ALA A 21 -13.64 6.74 1.34
N PHE A 22 -12.93 6.09 2.27
CA PHE A 22 -11.65 5.49 1.93
C PHE A 22 -11.89 4.18 1.20
N ASN A 23 -12.94 3.45 1.58
CA ASN A 23 -13.31 2.21 0.93
C ASN A 23 -13.64 2.48 -0.53
N LEU A 24 -14.35 3.57 -0.78
CA LEU A 24 -14.72 3.95 -2.14
C LEU A 24 -13.55 4.59 -2.89
N LEU A 25 -12.52 5.05 -2.15
CA LEU A 25 -11.33 5.62 -2.76
C LEU A 25 -10.36 4.52 -3.19
N VAL A 26 -10.18 3.48 -2.38
CA VAL A 26 -9.21 2.46 -2.73
C VAL A 26 -9.69 1.59 -3.89
N VAL A 27 -11.00 1.48 -4.13
CA VAL A 27 -11.47 0.66 -5.25
C VAL A 27 -11.10 1.30 -6.59
N ARG A 28 -10.93 2.62 -6.61
CA ARG A 28 -10.51 3.32 -7.83
C ARG A 28 -9.06 2.97 -8.13
N TYR A 29 -8.27 2.74 -7.07
CA TYR A 29 -6.86 2.40 -7.19
C TYR A 29 -6.61 0.90 -7.07
N GLN A 30 -7.61 0.11 -6.69
CA GLN A 30 -7.43 -1.31 -6.45
C GLN A 30 -6.99 -2.02 -7.73
N HIS A 31 -7.43 -1.51 -8.89
CA HIS A 31 -7.02 -2.05 -10.18
C HIS A 31 -5.71 -1.43 -10.67
N LYS A 32 -5.47 -0.16 -10.34
CA LYS A 32 -4.28 0.55 -10.82
C LYS A 32 -3.04 0.21 -10.00
N VAL A 33 -3.21 0.01 -8.69
CA VAL A 33 -2.13 -0.34 -7.80
C VAL A 33 -1.69 -1.77 -8.08
N ALA A 34 -2.66 -2.64 -8.35
CA ALA A 34 -2.39 -4.02 -8.67
C ALA A 34 -1.61 -4.14 -9.98
N SER A 35 -1.68 -3.13 -10.86
CA SER A 35 -0.98 -3.17 -12.13
C SER A 35 0.51 -2.92 -11.95
N LEU A 36 0.86 -1.92 -11.12
CA LEU A 36 2.26 -1.58 -10.93
C LEU A 36 2.91 -2.48 -9.88
N VAL A 37 2.12 -3.00 -8.93
CA VAL A 37 2.68 -3.84 -7.88
C VAL A 37 2.82 -5.30 -8.34
N SER A 38 2.13 -5.69 -9.42
CA SER A 38 2.30 -7.01 -10.00
C SER A 38 3.69 -7.11 -10.64
N ARG A 39 4.38 -5.98 -10.76
CA ARG A 39 5.74 -5.91 -11.30
C ARG A 39 6.77 -6.16 -10.20
N TYR A 40 6.34 -6.26 -8.94
CA TYR A 40 7.24 -6.47 -7.81
C TYR A 40 6.89 -7.74 -7.02
N VAL A 41 5.69 -8.30 -7.21
CA VAL A 41 5.29 -9.57 -6.60
C VAL A 41 4.47 -10.38 -7.60
N PRO A 42 4.45 -11.71 -7.47
CA PRO A 42 3.73 -12.61 -8.35
C PRO A 42 2.23 -12.44 -8.19
N SER A 43 1.45 -12.95 -9.15
CA SER A 43 0.00 -12.79 -9.17
C SER A 43 -0.69 -13.49 -8.00
N GLY A 44 0.03 -14.33 -7.25
CA GLY A 44 -0.52 -15.00 -6.08
C GLY A 44 -0.37 -14.16 -4.81
N ASP A 45 0.52 -13.17 -4.82
CA ASP A 45 0.76 -12.29 -3.68
C ASP A 45 0.38 -10.85 -3.99
N VAL A 46 0.03 -10.55 -5.23
CA VAL A 46 -0.27 -9.18 -5.64
C VAL A 46 -1.54 -8.61 -4.99
N PRO A 47 -2.60 -9.40 -4.68
CA PRO A 47 -3.82 -8.82 -4.13
C PRO A 47 -3.65 -8.53 -2.64
N ASP A 48 -2.71 -9.22 -1.97
CA ASP A 48 -2.49 -9.04 -0.55
C ASP A 48 -1.61 -7.82 -0.29
N VAL A 49 -0.74 -7.49 -1.25
CA VAL A 49 0.14 -6.34 -1.13
C VAL A 49 -0.63 -5.06 -1.46
N VAL A 50 -1.66 -5.14 -2.31
CA VAL A 50 -2.53 -4.00 -2.55
C VAL A 50 -3.35 -3.73 -1.30
N GLN A 51 -3.75 -4.79 -0.59
CA GLN A 51 -4.51 -4.62 0.63
C GLN A 51 -3.62 -4.03 1.72
N GLU A 52 -2.38 -4.52 1.86
CA GLU A 52 -1.49 -3.96 2.87
C GLU A 52 -1.11 -2.54 2.51
N ALA A 53 -1.08 -2.21 1.20
CA ALA A 53 -0.76 -0.87 0.77
C ALA A 53 -1.90 0.09 1.15
N PHE A 54 -3.15 -0.38 1.08
CA PHE A 54 -4.29 0.44 1.48
C PHE A 54 -4.40 0.55 3.00
N ILE A 55 -4.03 -0.50 3.74
CA ILE A 55 -4.06 -0.45 5.19
C ILE A 55 -2.95 0.48 5.69
N LYS A 56 -1.79 0.43 5.02
CA LYS A 56 -0.64 1.26 5.35
C LYS A 56 -0.87 2.68 4.88
N ALA A 57 -1.59 2.86 3.76
CA ALA A 57 -1.86 4.18 3.23
C ALA A 57 -2.79 4.93 4.17
N TYR A 58 -3.84 4.30 4.68
CA TYR A 58 -4.82 4.99 5.51
C TYR A 58 -4.17 5.54 6.78
N ARG A 59 -3.23 4.78 7.35
CA ARG A 59 -2.53 5.17 8.56
C ARG A 59 -1.55 6.30 8.30
N ALA A 60 -1.10 6.43 7.05
CA ALA A 60 -0.22 7.51 6.62
C ALA A 60 -1.00 8.66 5.98
N LEU A 61 -2.28 8.43 5.68
CA LEU A 61 -3.14 9.41 5.02
C LEU A 61 -3.54 10.50 6.00
N ASP A 62 -3.53 10.19 7.29
CA ASP A 62 -3.78 11.17 8.33
C ASP A 62 -2.64 12.18 8.39
N SER A 63 -1.53 11.91 7.70
CA SER A 63 -0.37 12.78 7.63
C SER A 63 -0.22 13.43 6.25
N PHE A 64 -1.14 13.13 5.33
CA PHE A 64 -1.13 13.70 3.99
C PHE A 64 -1.73 15.11 4.02
N ARG A 65 -1.06 16.06 3.36
CA ARG A 65 -1.47 17.46 3.37
C ARG A 65 -1.69 18.02 1.95
N GLY A 66 -1.61 17.16 0.92
CA GLY A 66 -1.85 17.59 -0.45
C GLY A 66 -0.66 18.32 -1.08
N ASP A 67 0.54 18.18 -0.50
CA ASP A 67 1.74 18.80 -1.05
C ASP A 67 2.15 18.13 -2.37
N SER A 68 1.52 16.99 -2.68
CA SER A 68 1.76 16.23 -3.91
C SER A 68 0.45 15.59 -4.34
N ALA A 69 0.39 15.09 -5.57
CA ALA A 69 -0.81 14.42 -6.07
C ALA A 69 -1.05 13.12 -5.30
N PHE A 70 -2.31 12.78 -5.05
CA PHE A 70 -2.63 11.62 -4.24
C PHE A 70 -2.23 10.32 -4.92
N TYR A 71 -2.30 10.26 -6.25
CA TYR A 71 -1.99 9.01 -6.94
C TYR A 71 -0.49 8.72 -6.85
N THR A 72 0.36 9.73 -6.96
CA THR A 72 1.81 9.52 -6.86
C THR A 72 2.15 9.18 -5.41
N TRP A 73 1.46 9.79 -4.46
CA TRP A 73 1.70 9.53 -3.05
C TRP A 73 1.28 8.12 -2.67
N LEU A 74 0.22 7.61 -3.30
CA LEU A 74 -0.30 6.29 -2.98
C LEU A 74 0.53 5.20 -3.66
N TYR A 75 1.01 5.45 -4.87
CA TYR A 75 1.79 4.45 -5.59
C TYR A 75 3.15 4.22 -4.93
N ARG A 76 3.64 5.17 -4.12
CA ARG A 76 4.86 4.94 -3.36
C ARG A 76 4.59 4.02 -2.17
N ILE A 77 3.34 3.95 -1.70
CA ILE A 77 2.99 3.03 -0.62
C ILE A 77 2.96 1.60 -1.15
N ALA A 78 2.56 1.43 -2.41
CA ALA A 78 2.37 0.11 -2.99
C ALA A 78 3.69 -0.57 -3.35
N VAL A 79 4.66 0.20 -3.87
CA VAL A 79 5.94 -0.38 -4.26
C VAL A 79 6.86 -0.57 -3.06
N ASN A 80 6.72 0.27 -2.03
CA ASN A 80 7.53 0.12 -0.82
C ASN A 80 7.02 -1.04 0.02
N THR A 81 5.73 -1.39 -0.13
CA THR A 81 5.16 -2.52 0.60
C THR A 81 5.50 -3.83 -0.08
N ALA A 82 5.68 -3.83 -1.40
CA ALA A 82 5.99 -5.04 -2.14
C ALA A 82 7.44 -5.47 -1.88
N LYS A 83 8.33 -4.49 -1.73
CA LYS A 83 9.73 -4.77 -1.44
C LYS A 83 9.89 -5.15 0.04
N ASN A 84 9.01 -4.63 0.90
CA ASN A 84 9.02 -4.97 2.31
C ASN A 84 8.37 -6.33 2.55
N TYR A 85 7.45 -6.73 1.65
CA TYR A 85 6.73 -8.00 1.78
C TYR A 85 7.64 -9.18 1.44
N LEU A 86 8.53 -9.01 0.46
CA LEU A 86 9.41 -10.09 0.06
C LEU A 86 10.60 -10.27 0.99
N VAL A 87 11.04 -9.22 1.70
CA VAL A 87 12.15 -9.39 2.64
C VAL A 87 11.66 -9.85 4.00
N ALA A 88 10.38 -9.62 4.30
CA ALA A 88 9.79 -10.03 5.57
C ALA A 88 9.45 -11.53 5.56
N GLN A 89 9.48 -12.16 4.38
CA GLN A 89 9.23 -13.59 4.26
C GLN A 89 10.45 -14.30 3.69
N GLY A 90 11.39 -13.56 3.10
CA GLY A 90 12.62 -14.12 2.60
C GLY A 90 13.67 -14.24 3.69
N ARG A 91 13.50 -13.49 4.79
CA ARG A 91 14.39 -13.54 5.96
C ARG A 91 13.74 -14.28 7.12
N ARG A 92 12.51 -14.75 6.94
CA ARG A 92 11.76 -15.44 7.99
C ARG A 92 12.40 -16.79 8.31
N LEU A 93 12.67 -17.02 9.60
CA LEU A 93 13.32 -18.24 10.09
C LEU A 93 14.63 -18.56 9.37
N GLU A 94 15.23 -17.60 8.66
CA GLU A 94 16.50 -17.80 7.98
C GLU A 94 17.65 -17.29 8.85
N LEU A 95 17.33 -16.49 9.87
CA LEU A 95 18.31 -15.92 10.79
C LEU A 95 17.78 -15.88 12.22
N VAL A 96 16.71 -16.63 12.49
CA VAL A 96 16.03 -16.68 13.79
C VAL A 96 15.75 -15.25 14.28
N PRO A 97 14.73 -14.59 13.71
CA PRO A 97 14.39 -13.22 14.04
C PRO A 97 13.86 -13.11 15.46
N ARG A 98 14.12 -11.97 16.10
CA ARG A 98 13.75 -11.70 17.49
C ARG A 98 14.22 -12.80 18.45
N GLY A 99 15.22 -13.58 18.04
CA GLY A 99 15.76 -14.65 18.86
C GLY A 99 16.62 -14.10 20.00
N SER A 100 16.99 -14.98 20.94
CA SER A 100 17.81 -14.62 22.09
C SER A 100 18.76 -15.75 22.48
N HIS A 101 18.79 -16.84 21.70
CA HIS A 101 19.65 -17.98 21.98
C HIS A 101 20.07 -18.66 20.68
N HIS A 102 21.26 -19.28 20.68
CA HIS A 102 21.81 -19.98 19.53
C HIS A 102 22.59 -21.21 20.00
N HIS A 103 22.82 -22.16 19.09
CA HIS A 103 23.53 -23.40 19.39
C HIS A 103 24.49 -23.77 18.26
N HIS A 104 24.71 -22.85 17.32
CA HIS A 104 25.57 -23.08 16.16
C HIS A 104 27.04 -22.87 16.49
N HIS A 105 27.33 -22.46 17.73
CA HIS A 105 28.69 -22.22 18.20
C HIS A 105 28.79 -22.50 19.69
N HIS A 106 30.02 -22.60 20.20
CA HIS A 106 30.30 -22.86 21.60
C HIS A 106 31.57 -22.14 22.04
#